data_9GFG
#
_entry.id   9GFG
#
_cell.length_a   104.696
_cell.length_b   87.891
_cell.length_c   115.528
_cell.angle_alpha   90.000
_cell.angle_beta   94.590
_cell.angle_gamma   90.000
#
_symmetry.space_group_name_H-M   'P 1 21 1'
#
loop_
_entity.id
_entity.type
_entity.pdbx_description
1 polymer 'BCR P3129 heavy chain'
2 polymer 'BCR P3129 light chain'
3 branched 2-acetamido-2-deoxy-beta-D-glucopyranose-(1-4)-2-acetamido-2-deoxy-beta-D-glucopyranose
4 non-polymer GLYCEROL
5 non-polymer 2-acetamido-2-deoxy-beta-D-glucopyranose
6 water water
#
loop_
_entity_poly.entity_id
_entity_poly.type
_entity_poly.pdbx_seq_one_letter_code
_entity_poly.pdbx_strand_id
1 'polypeptide(L)'
;QVQLVQSGAEVKKPGASVKVSCKASGYTFTSYAMHWVRQAPGQRLEWMGWINAGNGNTKYSQKFQGRVTITRDTSASTAY
MELSSLRSEDTAVYYCAREQWLDLAHFDYWGQGTLVTVSSGSASAPTLFPLVSCENSPSDTSSVAVGCLAQDFLPDSITF
SWKYKNNSDISSTRGFPSVLRGGKYAATSQVLLPSKDVMQGTDEHVVCKVQHPNGNKEKNVPLPV
;
H,A,C,E
2 'polypeptide(L)'
;DIQLTQSPSSLSASVGDRVTITCRASQSISSYLNWYQQKPGKAPKLLIYAASSLQSGVPSRFSGSGSGTDFTLTISSLQP
EDFATYYCQQSYSTPPYTFGQGTKLEIKRTVAAPSVFIFPPSDEQLKSGTASVVCLLNNFYPREAKVQWKVDNALQSGNS
QESVTEQDSKDSTYSLSSTLTLSKADYEKHKVYACEVTHQGLSSPVTKSFNRGEC
;
L,B,D,F
#
loop_
_chem_comp.id
_chem_comp.type
_chem_comp.name
_chem_comp.formula
GOL non-polymer GLYCEROL 'C3 H8 O3'
NAG D-saccharide, beta linking 2-acetamido-2-deoxy-beta-D-glucopyranose 'C8 H15 N O6'
#
# COMPACT_ATOMS: atom_id res chain seq x y z
N GLN A 1 -10.13 -44.09 -31.89
CA GLN A 1 -11.21 -43.75 -30.92
C GLN A 1 -10.62 -43.42 -29.55
N VAL A 2 -10.33 -42.13 -29.33
CA VAL A 2 -9.96 -41.68 -27.99
C VAL A 2 -11.11 -41.94 -27.04
N GLN A 3 -10.81 -42.51 -25.88
CA GLN A 3 -11.83 -42.81 -24.89
C GLN A 3 -11.31 -42.54 -23.48
N LEU A 4 -12.17 -41.97 -22.65
CA LEU A 4 -11.90 -41.74 -21.23
C LEU A 4 -13.05 -42.35 -20.44
N VAL A 5 -12.74 -43.35 -19.61
CA VAL A 5 -13.76 -44.10 -18.88
C VAL A 5 -13.49 -43.90 -17.39
N GLN A 6 -14.49 -43.43 -16.65
CA GLN A 6 -14.33 -43.07 -15.26
C GLN A 6 -14.99 -44.10 -14.35
N SER A 7 -14.57 -44.08 -13.08
CA SER A 7 -15.12 -44.96 -12.06
C SER A 7 -16.57 -44.60 -11.77
N GLY A 8 -17.22 -45.46 -10.99
CA GLY A 8 -18.65 -45.35 -10.77
C GLY A 8 -19.03 -44.36 -9.68
N ALA A 9 -20.35 -44.23 -9.50
CA ALA A 9 -20.89 -43.25 -8.57
C ALA A 9 -20.35 -43.51 -7.17
N GLU A 10 -20.29 -42.44 -6.38
CA GLU A 10 -19.77 -42.48 -5.01
C GLU A 10 -20.74 -41.78 -4.07
N VAL A 11 -20.90 -42.34 -2.88
CA VAL A 11 -21.67 -41.71 -1.80
C VAL A 11 -20.76 -41.57 -0.60
N LYS A 12 -20.68 -40.36 -0.05
CA LYS A 12 -19.78 -40.07 1.05
C LYS A 12 -20.51 -39.21 2.09
N LYS A 13 -20.02 -39.28 3.32
CA LYS A 13 -20.51 -38.44 4.40
C LYS A 13 -19.75 -37.13 4.40
N PRO A 14 -20.32 -36.07 4.98
CA PRO A 14 -19.55 -34.84 5.17
C PRO A 14 -18.30 -35.12 5.99
N GLY A 15 -17.18 -34.54 5.55
CA GLY A 15 -15.91 -34.75 6.20
C GLY A 15 -15.05 -35.83 5.59
N ALA A 16 -15.66 -36.76 4.84
CA ALA A 16 -14.93 -37.84 4.22
C ALA A 16 -14.19 -37.36 2.97
N SER A 17 -13.49 -38.28 2.33
CA SER A 17 -12.76 -38.01 1.09
C SER A 17 -13.24 -38.99 0.03
N VAL A 18 -12.96 -38.65 -1.23
CA VAL A 18 -13.36 -39.47 -2.37
C VAL A 18 -12.23 -39.46 -3.39
N LYS A 19 -12.06 -40.57 -4.09
CA LYS A 19 -11.05 -40.70 -5.14
C LYS A 19 -11.72 -41.24 -6.39
N VAL A 20 -11.64 -40.47 -7.47
CA VAL A 20 -12.22 -40.82 -8.77
C VAL A 20 -11.10 -41.15 -9.73
N SER A 21 -11.32 -42.15 -10.58
CA SER A 21 -10.32 -42.56 -11.55
C SER A 21 -10.81 -42.27 -12.97
N CYS A 22 -9.86 -42.19 -13.90
CA CYS A 22 -10.14 -41.86 -15.29
C CYS A 22 -9.13 -42.61 -16.15
N LYS A 23 -9.58 -43.69 -16.79
CA LYS A 23 -8.74 -44.55 -17.60
C LYS A 23 -8.81 -44.08 -19.05
N ALA A 24 -7.63 -43.84 -19.63
CA ALA A 24 -7.53 -43.31 -20.98
C ALA A 24 -7.10 -44.41 -21.95
N SER A 25 -7.63 -44.35 -23.18
CA SER A 25 -7.20 -45.27 -24.22
C SER A 25 -7.38 -44.60 -25.58
N GLY A 26 -6.66 -45.13 -26.56
CA GLY A 26 -6.73 -44.64 -27.93
C GLY A 26 -5.67 -43.63 -28.30
N TYR A 27 -4.70 -43.35 -27.42
CA TYR A 27 -3.65 -42.41 -27.71
C TYR A 27 -2.52 -42.63 -26.71
N THR A 28 -1.41 -41.92 -26.93
CA THR A 28 -0.26 -41.97 -26.03
C THR A 28 -0.58 -41.17 -24.78
N PHE A 29 -0.87 -41.88 -23.68
CA PHE A 29 -1.32 -41.23 -22.46
C PHE A 29 -0.37 -40.13 -21.99
N THR A 30 0.94 -40.34 -22.15
CA THR A 30 1.93 -39.44 -21.59
C THR A 30 2.08 -38.13 -22.38
N SER A 31 1.44 -38.01 -23.54
CA SER A 31 1.65 -36.85 -24.39
C SER A 31 0.67 -35.70 -24.14
N TYR A 32 -0.31 -35.89 -23.26
CA TYR A 32 -1.36 -34.90 -23.09
C TYR A 32 -1.67 -34.68 -21.61
N ALA A 33 -1.96 -33.43 -21.26
CA ALA A 33 -2.39 -33.10 -19.92
C ALA A 33 -3.84 -33.51 -19.70
N MET A 34 -4.16 -33.90 -18.47
CA MET A 34 -5.50 -34.28 -18.08
C MET A 34 -6.02 -33.29 -17.04
N HIS A 35 -7.18 -32.70 -17.31
CA HIS A 35 -7.82 -31.75 -16.41
C HIS A 35 -9.04 -32.39 -15.77
N TRP A 36 -9.42 -31.84 -14.62
CA TRP A 36 -10.61 -32.26 -13.89
C TRP A 36 -11.54 -31.06 -13.77
N VAL A 37 -12.82 -31.27 -14.08
CA VAL A 37 -13.82 -30.21 -14.13
C VAL A 37 -15.09 -30.76 -13.51
N ARG A 38 -15.69 -30.03 -12.58
CA ARG A 38 -16.89 -30.53 -11.93
C ARG A 38 -18.09 -29.66 -12.27
N GLN A 39 -19.28 -30.23 -12.07
CA GLN A 39 -20.53 -29.56 -12.38
C GLN A 39 -21.54 -29.96 -11.32
N ALA A 40 -21.93 -29.03 -10.48
CA ALA A 40 -23.01 -29.33 -9.55
C ALA A 40 -24.31 -29.41 -10.35
N PRO A 41 -25.29 -30.19 -9.88
CA PRO A 41 -26.50 -30.40 -10.68
C PRO A 41 -27.16 -29.08 -11.03
N GLY A 42 -27.31 -28.84 -12.34
CA GLY A 42 -27.94 -27.63 -12.83
C GLY A 42 -27.06 -26.40 -12.80
N GLN A 43 -25.76 -26.56 -12.60
CA GLN A 43 -24.85 -25.45 -12.36
C GLN A 43 -23.78 -25.36 -13.44
N ARG A 44 -22.90 -24.38 -13.24
CA ARG A 44 -21.81 -24.10 -14.17
C ARG A 44 -20.73 -25.17 -14.11
N LEU A 45 -20.03 -25.33 -15.23
CA LEU A 45 -18.80 -26.11 -15.25
C LEU A 45 -17.71 -25.39 -14.47
N GLU A 46 -17.01 -26.11 -13.60
CA GLU A 46 -16.04 -25.51 -12.68
C GLU A 46 -14.72 -26.27 -12.77
N TRP A 47 -13.68 -25.61 -13.27
CA TRP A 47 -12.37 -26.24 -13.41
C TRP A 47 -11.72 -26.41 -12.05
N MET A 48 -11.01 -27.53 -11.86
CA MET A 48 -10.42 -27.88 -10.58
C MET A 48 -8.90 -27.99 -10.61
N GLY A 49 -8.33 -28.52 -11.69
CA GLY A 49 -6.89 -28.72 -11.74
C GLY A 49 -6.51 -29.50 -12.97
N TRP A 50 -5.21 -29.52 -13.24
CA TRP A 50 -4.66 -30.37 -14.28
C TRP A 50 -3.41 -31.08 -13.79
N ILE A 51 -3.10 -32.18 -14.47
CA ILE A 51 -1.88 -32.95 -14.27
C ILE A 51 -1.27 -33.26 -15.64
N ASN A 52 0.03 -33.05 -15.76
CA ASN A 52 0.77 -33.45 -16.95
C ASN A 52 1.00 -34.96 -16.88
N ALA A 53 0.36 -35.72 -17.77
CA ALA A 53 0.44 -37.17 -17.70
C ALA A 53 1.87 -37.67 -17.85
N GLY A 54 2.73 -36.90 -18.52
CA GLY A 54 4.11 -37.30 -18.70
C GLY A 54 4.93 -37.21 -17.43
N ASN A 55 5.20 -36.00 -16.96
CA ASN A 55 6.10 -35.78 -15.84
C ASN A 55 5.39 -35.66 -14.50
N GLY A 56 4.06 -35.77 -14.48
CA GLY A 56 3.31 -35.78 -13.23
C GLY A 56 3.09 -34.42 -12.61
N ASN A 57 3.57 -33.35 -13.23
CA ASN A 57 3.36 -32.02 -12.68
C ASN A 57 1.87 -31.68 -12.63
N THR A 58 1.47 -30.94 -11.60
CA THR A 58 0.07 -30.58 -11.40
C THR A 58 -0.06 -29.09 -11.11
N LYS A 59 -1.27 -28.60 -11.31
CA LYS A 59 -1.67 -27.28 -10.84
C LYS A 59 -3.15 -27.33 -10.47
N TYR A 60 -3.49 -26.72 -9.34
CA TYR A 60 -4.84 -26.77 -8.81
C TYR A 60 -5.43 -25.38 -8.72
N SER A 61 -6.74 -25.31 -8.79
CA SER A 61 -7.45 -24.06 -8.54
C SER A 61 -7.31 -23.66 -7.08
N GLN A 62 -7.10 -22.36 -6.84
CA GLN A 62 -6.93 -21.89 -5.47
C GLN A 62 -8.17 -22.15 -4.64
N LYS A 63 -9.32 -22.35 -5.29
CA LYS A 63 -10.53 -22.71 -4.55
C LYS A 63 -10.42 -24.09 -3.92
N PHE A 64 -9.67 -25.00 -4.53
CA PHE A 64 -9.54 -26.35 -4.00
C PHE A 64 -8.15 -26.63 -3.44
N GLN A 65 -7.21 -25.70 -3.54
CA GLN A 65 -5.88 -25.92 -3.01
C GLN A 65 -5.97 -26.32 -1.55
N GLY A 66 -5.21 -27.33 -1.16
CA GLY A 66 -5.19 -27.82 0.20
C GLY A 66 -6.14 -28.95 0.49
N ARG A 67 -7.05 -29.28 -0.44
CA ARG A 67 -7.99 -30.37 -0.22
C ARG A 67 -8.16 -31.24 -1.45
N VAL A 68 -7.38 -31.04 -2.51
CA VAL A 68 -7.49 -31.79 -3.74
C VAL A 68 -6.11 -32.30 -4.14
N THR A 69 -6.06 -33.52 -4.66
CA THR A 69 -4.81 -34.13 -5.13
C THR A 69 -5.08 -34.82 -6.46
N ILE A 70 -4.27 -34.53 -7.47
CA ILE A 70 -4.38 -35.18 -8.77
C ILE A 70 -3.11 -35.99 -9.00
N THR A 71 -3.28 -37.26 -9.35
CA THR A 71 -2.17 -38.18 -9.57
C THR A 71 -2.38 -38.91 -10.89
N ARG A 72 -1.35 -39.65 -11.32
CA ARG A 72 -1.45 -40.43 -12.55
C ARG A 72 -0.61 -41.69 -12.43
N ASP A 73 -1.15 -42.80 -12.92
CA ASP A 73 -0.45 -44.07 -13.09
C ASP A 73 -0.23 -44.26 -14.59
N THR A 74 1.02 -44.08 -15.02
CA THR A 74 1.34 -44.13 -16.44
C THR A 74 1.16 -45.52 -17.01
N SER A 75 1.56 -46.56 -16.25
CA SER A 75 1.45 -47.92 -16.76
C SER A 75 0.00 -48.35 -16.90
N ALA A 76 -0.91 -47.73 -16.16
CA ALA A 76 -2.33 -48.03 -16.28
C ALA A 76 -3.07 -46.98 -17.11
N SER A 77 -2.36 -46.00 -17.65
CA SER A 77 -2.97 -44.92 -18.42
C SER A 77 -4.16 -44.33 -17.67
N THR A 78 -3.96 -44.07 -16.38
CA THR A 78 -5.07 -43.65 -15.54
C THR A 78 -4.70 -42.40 -14.76
N ALA A 79 -5.63 -41.45 -14.69
CA ALA A 79 -5.49 -40.28 -13.84
C ALA A 79 -6.48 -40.39 -12.68
N TYR A 80 -6.14 -39.77 -11.56
CA TYR A 80 -6.95 -39.84 -10.35
C TYR A 80 -7.11 -38.46 -9.74
N MET A 81 -8.29 -38.22 -9.18
CA MET A 81 -8.61 -36.98 -8.47
CA MET A 81 -8.61 -36.98 -8.47
C MET A 81 -9.16 -37.34 -7.11
N GLU A 82 -8.54 -36.83 -6.05
CA GLU A 82 -8.96 -37.06 -4.69
C GLU A 82 -9.35 -35.75 -4.05
N LEU A 83 -10.55 -35.70 -3.46
CA LEU A 83 -11.06 -34.51 -2.80
C LEU A 83 -11.43 -34.89 -1.37
N SER A 84 -10.89 -34.17 -0.40
CA SER A 84 -11.11 -34.46 1.01
C SER A 84 -11.95 -33.36 1.64
N SER A 85 -12.31 -33.57 2.91
CA SER A 85 -13.14 -32.63 3.66
C SER A 85 -14.41 -32.29 2.87
N LEU A 86 -15.09 -33.32 2.39
CA LEU A 86 -16.24 -33.12 1.52
C LEU A 86 -17.38 -32.42 2.27
N ARG A 87 -18.00 -31.47 1.59
CA ARG A 87 -19.18 -30.78 2.09
C ARG A 87 -20.32 -30.97 1.08
N SER A 88 -21.54 -30.67 1.52
CA SER A 88 -22.70 -30.91 0.68
C SER A 88 -22.58 -30.17 -0.66
N GLU A 89 -21.89 -29.04 -0.68
CA GLU A 89 -21.73 -28.31 -1.94
C GLU A 89 -20.69 -28.96 -2.86
N ASP A 90 -20.07 -30.06 -2.44
CA ASP A 90 -19.20 -30.83 -3.32
C ASP A 90 -19.98 -31.86 -4.12
N THR A 91 -21.25 -32.09 -3.78
CA THR A 91 -22.13 -32.97 -4.55
C THR A 91 -22.19 -32.51 -5.99
N ALA A 92 -21.70 -33.33 -6.91
CA ALA A 92 -21.59 -32.90 -8.29
C ALA A 92 -21.13 -34.05 -9.16
N VAL A 93 -21.20 -33.84 -10.47
CA VAL A 93 -20.63 -34.75 -11.44
C VAL A 93 -19.22 -34.25 -11.75
N TYR A 94 -18.24 -35.12 -11.56
CA TYR A 94 -16.84 -34.80 -11.80
C TYR A 94 -16.39 -35.46 -13.09
N TYR A 95 -15.80 -34.67 -13.99
CA TYR A 95 -15.35 -35.10 -15.30
C TYR A 95 -13.84 -34.99 -15.38
N CYS A 96 -13.21 -35.97 -16.01
CA CYS A 96 -11.85 -35.81 -16.51
C CYS A 96 -11.96 -35.41 -17.97
N ALA A 97 -10.97 -34.65 -18.43
CA ALA A 97 -10.98 -34.16 -19.80
C ALA A 97 -9.55 -34.05 -20.28
N ARG A 98 -9.33 -34.45 -21.53
CA ARG A 98 -8.04 -34.32 -22.16
C ARG A 98 -7.89 -32.95 -22.80
N GLU A 99 -6.72 -32.36 -22.64
CA GLU A 99 -6.41 -31.07 -23.25
C GLU A 99 -5.60 -31.29 -24.52
N GLN A 100 -6.10 -30.76 -25.63
CA GLN A 100 -5.34 -30.69 -26.87
C GLN A 100 -4.54 -29.40 -26.86
N TRP A 101 -3.21 -29.52 -26.94
CA TRP A 101 -2.34 -28.34 -26.95
C TRP A 101 -2.13 -27.76 -28.33
N LEU A 102 -2.31 -28.55 -29.39
CA LEU A 102 -2.04 -28.08 -30.73
C LEU A 102 -2.86 -26.83 -31.04
N ASP A 103 -2.20 -25.83 -31.62
CA ASP A 103 -2.81 -24.54 -31.90
C ASP A 103 -3.13 -23.83 -30.59
N LEU A 104 -4.42 -23.72 -30.26
CA LEU A 104 -4.85 -23.10 -29.01
C LEU A 104 -5.45 -24.18 -28.12
N ALA A 105 -5.13 -24.13 -26.83
CA ALA A 105 -5.54 -25.19 -25.92
C ALA A 105 -7.05 -25.35 -25.89
N HIS A 106 -7.50 -26.60 -25.81
CA HIS A 106 -8.92 -26.89 -25.73
C HIS A 106 -9.10 -28.33 -25.27
N PHE A 107 -10.26 -28.59 -24.66
CA PHE A 107 -10.59 -29.91 -24.14
C PHE A 107 -11.34 -30.68 -25.22
N ASP A 108 -10.66 -31.63 -25.87
CA ASP A 108 -11.25 -32.28 -27.03
C ASP A 108 -11.98 -33.57 -26.69
N TYR A 109 -11.64 -34.24 -25.60
CA TYR A 109 -12.33 -35.46 -25.21
C TYR A 109 -12.58 -35.47 -23.72
N TRP A 110 -13.77 -35.91 -23.34
CA TRP A 110 -14.24 -35.91 -21.97
C TRP A 110 -14.64 -37.32 -21.54
N GLY A 111 -14.44 -37.62 -20.26
CA GLY A 111 -14.99 -38.83 -19.69
C GLY A 111 -16.50 -38.71 -19.54
N GLN A 112 -17.13 -39.84 -19.24
CA GLN A 112 -18.58 -39.84 -19.11
C GLN A 112 -19.05 -39.20 -17.81
N GLY A 113 -18.16 -39.00 -16.86
CA GLY A 113 -18.51 -38.33 -15.62
C GLY A 113 -18.75 -39.30 -14.47
N THR A 114 -18.51 -38.82 -13.25
CA THR A 114 -18.69 -39.60 -12.04
C THR A 114 -19.53 -38.77 -11.06
N LEU A 115 -20.69 -39.28 -10.68
CA LEU A 115 -21.52 -38.58 -9.71
C LEU A 115 -21.03 -38.86 -8.30
N VAL A 116 -20.58 -37.81 -7.60
CA VAL A 116 -20.21 -37.88 -6.19
C VAL A 116 -21.30 -37.18 -5.39
N THR A 117 -21.93 -37.92 -4.47
CA THR A 117 -23.00 -37.43 -3.63
C THR A 117 -22.54 -37.40 -2.17
N VAL A 118 -22.60 -36.21 -1.57
CA VAL A 118 -22.24 -36.02 -0.16
C VAL A 118 -23.54 -35.91 0.62
N SER A 119 -23.76 -36.83 1.56
CA SER A 119 -25.05 -36.91 2.22
C SER A 119 -24.91 -37.49 3.62
N SER A 120 -25.70 -36.98 4.56
CA SER A 120 -25.76 -37.56 5.89
C SER A 120 -26.45 -38.91 5.87
N GLY A 121 -27.32 -39.14 4.90
CA GLY A 121 -27.94 -40.42 4.68
C GLY A 121 -26.94 -41.45 4.20
N SER A 122 -27.47 -42.62 3.85
CA SER A 122 -26.67 -43.72 3.36
C SER A 122 -27.21 -44.23 2.02
N ALA A 123 -26.32 -44.82 1.24
CA ALA A 123 -26.68 -45.42 -0.03
C ALA A 123 -27.76 -46.48 0.16
N SER A 124 -28.67 -46.58 -0.81
CA SER A 124 -29.73 -47.57 -0.73
C SER A 124 -30.23 -47.84 -2.14
N ALA A 125 -30.62 -49.08 -2.38
CA ALA A 125 -31.20 -49.48 -3.65
C ALA A 125 -32.67 -49.07 -3.70
N PRO A 126 -33.24 -48.97 -4.88
CA PRO A 126 -34.63 -48.52 -5.00
C PRO A 126 -35.62 -49.62 -4.65
N THR A 127 -36.82 -49.19 -4.28
CA THR A 127 -37.99 -50.05 -4.17
C THR A 127 -38.97 -49.69 -5.28
N LEU A 128 -39.49 -50.70 -5.98
CA LEU A 128 -40.32 -50.49 -7.16
C LEU A 128 -41.79 -50.75 -6.85
N PHE A 129 -42.64 -49.89 -7.39
CA PHE A 129 -44.09 -50.01 -7.27
C PHE A 129 -44.72 -49.82 -8.65
N PRO A 130 -45.74 -50.61 -8.99
CA PRO A 130 -46.37 -50.47 -10.30
C PRO A 130 -47.34 -49.31 -10.36
N LEU A 131 -47.41 -48.69 -11.55
CA LEU A 131 -48.36 -47.63 -11.85
C LEU A 131 -49.34 -48.16 -12.89
N VAL A 132 -50.57 -48.41 -12.46
CA VAL A 132 -51.62 -48.99 -13.31
C VAL A 132 -52.73 -47.97 -13.45
N SER A 133 -53.17 -47.73 -14.69
CA SER A 133 -54.29 -46.82 -14.92
C SER A 133 -55.55 -47.38 -14.26
N CYS A 134 -56.41 -46.46 -13.81
CA CYS A 134 -57.60 -46.86 -13.07
C CYS A 134 -58.79 -47.10 -14.01
N SER A 142 -55.78 -45.61 -29.86
CA SER A 142 -55.36 -44.97 -28.62
C SER A 142 -54.36 -45.85 -27.90
N SER A 143 -53.59 -45.25 -26.98
CA SER A 143 -52.56 -45.96 -26.25
C SER A 143 -52.81 -45.87 -24.75
N VAL A 144 -52.57 -46.98 -24.07
CA VAL A 144 -52.71 -47.08 -22.62
C VAL A 144 -51.33 -46.87 -22.00
N ALA A 145 -51.30 -46.18 -20.87
CA ALA A 145 -50.06 -45.84 -20.19
C ALA A 145 -49.85 -46.79 -19.02
N VAL A 146 -48.65 -47.36 -18.95
CA VAL A 146 -48.27 -48.25 -17.86
C VAL A 146 -46.96 -47.70 -17.29
N GLY A 147 -46.77 -47.84 -15.98
CA GLY A 147 -45.64 -47.16 -15.38
C GLY A 147 -45.00 -47.88 -14.22
N CYS A 148 -43.95 -47.25 -13.72
CA CYS A 148 -43.09 -47.82 -12.70
C CYS A 148 -42.58 -46.68 -11.83
N LEU A 149 -42.68 -46.83 -10.51
CA LEU A 149 -42.22 -45.83 -9.55
C LEU A 149 -41.08 -46.44 -8.73
N ALA A 150 -39.91 -45.84 -8.82
CA ALA A 150 -38.77 -46.22 -8.01
C ALA A 150 -38.63 -45.20 -6.89
N GLN A 151 -38.57 -45.68 -5.65
CA GLN A 151 -38.52 -44.81 -4.49
C GLN A 151 -37.34 -45.20 -3.60
N ASP A 152 -36.93 -44.22 -2.78
CA ASP A 152 -36.09 -44.47 -1.63
C ASP A 152 -34.73 -45.04 -2.04
N PHE A 153 -34.13 -44.42 -3.04
CA PHE A 153 -32.81 -44.82 -3.52
C PHE A 153 -31.84 -43.65 -3.47
N LEU A 154 -30.56 -43.97 -3.32
CA LEU A 154 -29.49 -43.02 -3.19
C LEU A 154 -28.19 -43.73 -3.54
N PRO A 155 -27.36 -43.16 -4.43
CA PRO A 155 -27.46 -41.86 -5.09
C PRO A 155 -28.45 -41.83 -6.24
N ASP A 156 -28.66 -40.65 -6.81
CA ASP A 156 -29.55 -40.47 -7.97
C ASP A 156 -28.80 -40.95 -9.22
N SER A 157 -28.73 -42.26 -9.39
CA SER A 157 -28.02 -42.85 -10.52
C SER A 157 -28.77 -44.14 -10.87
N ILE A 158 -29.85 -43.97 -11.61
CA ILE A 158 -30.79 -45.05 -11.90
C ILE A 158 -31.08 -45.05 -13.40
N THR A 159 -31.37 -46.24 -13.93
CA THR A 159 -31.79 -46.37 -15.32
C THR A 159 -32.89 -47.41 -15.43
N PHE A 160 -33.93 -47.09 -16.21
CA PHE A 160 -35.06 -47.97 -16.43
C PHE A 160 -34.93 -48.72 -17.76
N SER A 161 -35.54 -49.91 -17.80
CA SER A 161 -35.75 -50.64 -19.04
C SER A 161 -37.00 -51.49 -18.88
N TRP A 162 -37.59 -51.87 -20.01
CA TRP A 162 -38.87 -52.57 -20.00
C TRP A 162 -38.83 -53.81 -20.89
N LYS A 163 -39.55 -54.84 -20.45
CA LYS A 163 -39.66 -56.08 -21.23
C LYS A 163 -41.09 -56.60 -21.21
N TYR A 164 -41.49 -57.23 -22.31
CA TYR A 164 -42.76 -57.93 -22.37
C TYR A 164 -42.68 -59.24 -21.58
N LYS A 165 -43.79 -59.96 -21.53
CA LYS A 165 -43.79 -61.28 -20.92
C LYS A 165 -42.88 -62.26 -21.67
N ASN A 166 -42.90 -62.18 -23.01
CA ASN A 166 -42.02 -62.99 -23.87
C ASN A 166 -40.58 -62.52 -23.85
N ASN A 167 -40.22 -61.58 -22.98
CA ASN A 167 -38.83 -61.23 -22.74
C ASN A 167 -38.27 -60.34 -23.83
N SER A 168 -39.11 -59.77 -24.69
CA SER A 168 -38.65 -58.82 -25.69
C SER A 168 -38.72 -57.40 -25.15
N ASP A 169 -37.87 -56.54 -25.71
CA ASP A 169 -37.76 -55.17 -25.22
C ASP A 169 -38.97 -54.34 -25.63
N ILE A 170 -39.44 -53.50 -24.70
CA ILE A 170 -40.42 -52.47 -24.98
C ILE A 170 -39.66 -51.18 -25.25
N SER A 171 -40.00 -50.51 -26.35
CA SER A 171 -39.35 -49.24 -26.66
C SER A 171 -39.49 -48.27 -25.49
N SER A 172 -38.36 -47.84 -24.94
CA SER A 172 -38.39 -46.93 -23.81
C SER A 172 -38.84 -45.55 -24.27
N THR A 173 -39.32 -44.76 -23.31
CA THR A 173 -39.73 -43.39 -23.53
C THR A 173 -38.86 -42.49 -22.65
N ARG A 174 -38.78 -41.23 -23.06
CA ARG A 174 -38.02 -40.20 -22.34
C ARG A 174 -38.09 -40.41 -20.84
N GLY A 175 -36.93 -40.54 -20.22
CA GLY A 175 -36.88 -40.67 -18.77
C GLY A 175 -37.15 -39.36 -18.06
N PHE A 176 -37.65 -39.47 -16.84
CA PHE A 176 -37.93 -38.27 -16.08
C PHE A 176 -36.89 -38.07 -15.00
N PRO A 177 -36.47 -36.83 -14.74
CA PRO A 177 -35.50 -36.61 -13.66
C PRO A 177 -36.06 -37.05 -12.32
N SER A 178 -35.17 -37.56 -11.48
CA SER A 178 -35.55 -37.93 -10.13
C SER A 178 -35.82 -36.67 -9.32
N VAL A 179 -36.56 -36.83 -8.22
CA VAL A 179 -36.80 -35.76 -7.27
C VAL A 179 -36.33 -36.20 -5.89
N LEU A 180 -35.82 -35.22 -5.13
CA LEU A 180 -35.28 -35.42 -3.80
C LEU A 180 -36.34 -35.16 -2.75
N ARG A 181 -36.47 -36.09 -1.81
CA ARG A 181 -37.45 -36.00 -0.74
C ARG A 181 -36.93 -36.80 0.45
N GLY A 182 -36.85 -36.15 1.61
CA GLY A 182 -36.37 -36.83 2.80
C GLY A 182 -35.04 -37.52 2.61
N GLY A 183 -34.11 -36.85 1.92
CA GLY A 183 -32.79 -37.42 1.71
C GLY A 183 -32.73 -38.60 0.77
N LYS A 184 -33.82 -38.95 0.09
CA LYS A 184 -33.81 -40.05 -0.85
C LYS A 184 -34.50 -39.63 -2.14
N TYR A 185 -34.21 -40.34 -3.22
CA TYR A 185 -34.69 -39.96 -4.53
C TYR A 185 -35.83 -40.86 -4.98
N ALA A 186 -36.65 -40.31 -5.87
CA ALA A 186 -37.77 -41.03 -6.46
C ALA A 186 -37.87 -40.66 -7.94
N ALA A 187 -38.27 -41.64 -8.74
CA ALA A 187 -38.34 -41.46 -10.19
C ALA A 187 -39.45 -42.31 -10.77
N THR A 188 -40.01 -41.85 -11.88
CA THR A 188 -41.04 -42.60 -12.58
C THR A 188 -40.55 -42.94 -13.98
N SER A 189 -41.12 -44.01 -14.53
CA SER A 189 -40.89 -44.39 -15.91
C SER A 189 -42.21 -44.90 -16.48
N GLN A 190 -42.36 -44.79 -17.80
CA GLN A 190 -43.62 -45.11 -18.44
C GLN A 190 -43.38 -45.77 -19.79
N VAL A 191 -44.31 -46.63 -20.18
CA VAL A 191 -44.39 -47.17 -21.53
C VAL A 191 -45.83 -46.98 -22.01
N LEU A 192 -45.96 -46.74 -23.31
CA LEU A 192 -47.26 -46.53 -23.95
C LEU A 192 -47.52 -47.69 -24.90
N LEU A 193 -48.55 -48.46 -24.60
CA LEU A 193 -48.87 -49.65 -25.37
C LEU A 193 -50.19 -49.45 -26.12
N PRO A 194 -50.28 -49.83 -27.39
CA PRO A 194 -51.57 -49.69 -28.09
C PRO A 194 -52.69 -50.36 -27.29
N SER A 195 -53.79 -49.61 -27.14
CA SER A 195 -54.91 -50.08 -26.31
C SER A 195 -55.50 -51.38 -26.85
N LYS A 196 -55.75 -51.43 -28.16
CA LYS A 196 -56.42 -52.59 -28.73
C LYS A 196 -55.56 -53.84 -28.65
N ASP A 197 -54.24 -53.70 -28.75
CA ASP A 197 -53.35 -54.85 -28.58
C ASP A 197 -53.27 -55.29 -27.13
N VAL A 198 -53.52 -54.39 -26.18
CA VAL A 198 -53.52 -54.79 -24.78
C VAL A 198 -54.79 -55.55 -24.45
N MET A 199 -55.96 -54.98 -24.76
CA MET A 199 -57.20 -55.69 -24.45
C MET A 199 -57.33 -56.97 -25.26
N GLN A 200 -56.82 -56.98 -26.50
CA GLN A 200 -56.77 -58.20 -27.30
C GLN A 200 -55.37 -58.81 -27.19
N GLY A 201 -55.11 -59.40 -26.03
CA GLY A 201 -53.84 -60.03 -25.75
C GLY A 201 -53.92 -60.89 -24.50
N THR A 202 -53.19 -62.01 -24.50
CA THR A 202 -53.20 -62.90 -23.35
C THR A 202 -52.30 -62.42 -22.23
N ASP A 203 -51.34 -61.53 -22.52
CA ASP A 203 -50.42 -61.06 -21.49
C ASP A 203 -51.16 -60.18 -20.49
N GLU A 204 -50.93 -60.43 -19.21
CA GLU A 204 -51.56 -59.66 -18.14
C GLU A 204 -50.60 -58.69 -17.46
N HIS A 205 -49.33 -58.67 -17.85
CA HIS A 205 -48.36 -57.80 -17.19
C HIS A 205 -47.16 -57.58 -18.09
N VAL A 206 -46.41 -56.52 -17.78
CA VAL A 206 -45.09 -56.29 -18.36
C VAL A 206 -44.08 -56.25 -17.22
N VAL A 207 -42.80 -56.06 -17.51
CA VAL A 207 -41.75 -56.07 -16.50
C VAL A 207 -40.97 -54.76 -16.59
N CYS A 208 -40.94 -54.04 -15.47
CA CYS A 208 -40.10 -52.87 -15.27
C CYS A 208 -38.81 -53.28 -14.57
N LYS A 209 -37.67 -52.84 -15.11
CA LYS A 209 -36.37 -53.15 -14.56
C LYS A 209 -35.62 -51.86 -14.29
N VAL A 210 -34.92 -51.80 -13.15
CA VAL A 210 -34.10 -50.65 -12.82
C VAL A 210 -32.70 -51.16 -12.50
N GLN A 211 -31.72 -50.39 -12.96
CA GLN A 211 -30.31 -50.56 -12.64
C GLN A 211 -29.89 -49.41 -11.74
N HIS A 212 -29.21 -49.73 -10.64
CA HIS A 212 -28.76 -48.78 -9.63
C HIS A 212 -27.49 -49.35 -9.01
N PRO A 213 -26.52 -48.50 -8.66
CA PRO A 213 -25.24 -49.03 -8.15
C PRO A 213 -25.37 -49.89 -6.90
N ASN A 214 -26.47 -49.78 -6.15
CA ASN A 214 -26.65 -50.50 -4.90
C ASN A 214 -27.63 -51.65 -4.99
N GLY A 215 -28.19 -51.91 -6.17
CA GLY A 215 -29.07 -53.05 -6.35
C GLY A 215 -30.03 -52.91 -7.50
N ASN A 216 -29.97 -53.84 -8.44
CA ASN A 216 -30.91 -53.85 -9.56
C ASN A 216 -32.22 -54.51 -9.13
N LYS A 217 -33.32 -54.04 -9.69
CA LYS A 217 -34.63 -54.49 -9.26
C LYS A 217 -35.52 -54.75 -10.45
N GLU A 218 -36.51 -55.64 -10.25
CA GLU A 218 -37.51 -55.95 -11.25
C GLU A 218 -38.89 -55.94 -10.59
N LYS A 219 -39.90 -55.61 -11.38
CA LYS A 219 -41.27 -55.56 -10.88
C LYS A 219 -42.24 -55.84 -12.01
N ASN A 220 -43.17 -56.76 -11.75
CA ASN A 220 -44.28 -57.01 -12.68
C ASN A 220 -45.28 -55.87 -12.55
N VAL A 221 -45.70 -55.33 -13.69
CA VAL A 221 -46.68 -54.24 -13.76
C VAL A 221 -47.92 -54.78 -14.44
N PRO A 222 -49.05 -54.88 -13.74
CA PRO A 222 -50.27 -55.39 -14.37
C PRO A 222 -50.72 -54.52 -15.55
N LEU A 223 -51.51 -55.13 -16.43
CA LEU A 223 -52.12 -54.45 -17.55
C LEU A 223 -53.64 -54.38 -17.35
N PRO A 224 -54.27 -53.23 -17.64
CA PRO A 224 -55.73 -53.16 -17.50
C PRO A 224 -56.46 -53.73 -18.72
N ASP B 1 -9.26 -11.99 -13.13
CA ASP B 1 -9.82 -13.18 -13.84
C ASP B 1 -10.65 -12.74 -15.04
N ILE B 2 -10.59 -13.51 -16.11
CA ILE B 2 -11.34 -13.22 -17.33
C ILE B 2 -12.73 -13.82 -17.18
N GLN B 3 -13.75 -12.98 -17.25
CA GLN B 3 -15.14 -13.44 -17.20
C GLN B 3 -15.71 -13.55 -18.61
N LEU B 4 -16.57 -14.55 -18.80
CA LEU B 4 -17.25 -14.76 -20.07
C LEU B 4 -18.75 -14.62 -19.84
N THR B 5 -19.38 -13.79 -20.64
CA THR B 5 -20.82 -13.53 -20.54
C THR B 5 -21.47 -13.96 -21.85
N GLN B 6 -22.37 -14.92 -21.78
CA GLN B 6 -23.08 -15.42 -22.95
C GLN B 6 -24.43 -14.76 -23.09
N SER B 7 -24.81 -14.48 -24.33
CA SER B 7 -26.11 -13.92 -24.63
C SER B 7 -26.71 -14.61 -25.85
N PRO B 8 -28.00 -14.93 -25.82
CA PRO B 8 -28.96 -14.79 -24.71
C PRO B 8 -28.74 -15.92 -23.70
N SER B 9 -29.38 -15.88 -22.53
CA SER B 9 -29.31 -17.02 -21.62
C SER B 9 -30.24 -18.15 -22.04
N SER B 10 -31.30 -17.84 -22.77
CA SER B 10 -32.25 -18.83 -23.27
C SER B 10 -32.71 -18.40 -24.64
N LEU B 11 -33.02 -19.39 -25.49
CA LEU B 11 -33.37 -19.11 -26.88
C LEU B 11 -34.19 -20.27 -27.44
N SER B 12 -35.32 -19.96 -28.06
CA SER B 12 -36.14 -20.92 -28.78
C SER B 12 -36.08 -20.59 -30.27
N ALA B 13 -35.97 -21.61 -31.11
CA ALA B 13 -35.86 -21.40 -32.54
C ALA B 13 -36.48 -22.59 -33.26
N SER B 14 -36.77 -22.41 -34.55
CA SER B 14 -37.45 -23.42 -35.33
C SER B 14 -36.47 -24.26 -36.12
N VAL B 15 -36.88 -25.50 -36.42
CA VAL B 15 -36.05 -26.37 -37.25
C VAL B 15 -35.78 -25.68 -38.57
N GLY B 16 -34.50 -25.65 -38.97
CA GLY B 16 -34.10 -24.99 -40.19
C GLY B 16 -33.67 -23.56 -40.00
N ASP B 17 -33.97 -22.95 -38.85
CA ASP B 17 -33.61 -21.57 -38.61
C ASP B 17 -32.10 -21.43 -38.45
N ARG B 18 -31.62 -20.22 -38.70
CA ARG B 18 -30.24 -19.85 -38.40
C ARG B 18 -30.23 -19.24 -37.01
N VAL B 19 -29.35 -19.75 -36.15
CA VAL B 19 -29.28 -19.35 -34.75
C VAL B 19 -27.88 -18.81 -34.47
N THR B 20 -27.80 -17.75 -33.68
CA THR B 20 -26.53 -17.12 -33.35
C THR B 20 -26.51 -16.87 -31.85
N ILE B 21 -25.41 -17.25 -31.21
CA ILE B 21 -25.19 -17.05 -29.79
C ILE B 21 -23.88 -16.31 -29.64
N THR B 22 -23.79 -15.41 -28.66
CA THR B 22 -22.63 -14.55 -28.50
C THR B 22 -22.00 -14.78 -27.13
N CYS B 23 -20.69 -14.60 -27.07
CA CYS B 23 -19.91 -14.69 -25.84
C CYS B 23 -18.98 -13.49 -25.81
N ARG B 24 -19.02 -12.73 -24.71
CA ARG B 24 -18.20 -11.54 -24.57
C ARG B 24 -17.24 -11.75 -23.40
N ALA B 25 -15.97 -11.44 -23.63
CA ALA B 25 -14.92 -11.61 -22.63
C ALA B 25 -14.57 -10.26 -22.01
N SER B 26 -14.36 -10.26 -20.69
CA SER B 26 -14.08 -9.02 -19.98
C SER B 26 -12.80 -8.35 -20.48
N GLN B 27 -11.90 -9.11 -21.06
CA GLN B 27 -10.70 -8.55 -21.68
C GLN B 27 -10.30 -9.42 -22.86
N SER B 28 -9.43 -8.88 -23.70
CA SER B 28 -9.05 -9.58 -24.92
C SER B 28 -8.44 -10.93 -24.62
N ILE B 29 -8.89 -11.95 -25.35
CA ILE B 29 -8.35 -13.30 -25.28
C ILE B 29 -7.85 -13.78 -26.64
N SER B 30 -7.67 -12.87 -27.60
CA SER B 30 -7.19 -13.20 -28.94
C SER B 30 -8.17 -14.21 -29.55
N SER B 31 -7.73 -15.39 -29.97
CA SER B 31 -8.62 -16.41 -30.51
C SER B 31 -8.75 -17.61 -29.56
N TYR B 32 -8.40 -17.44 -28.29
CA TYR B 32 -8.42 -18.54 -27.32
C TYR B 32 -9.82 -18.75 -26.75
N LEU B 33 -10.76 -19.05 -27.64
CA LEU B 33 -12.13 -19.33 -27.24
C LEU B 33 -12.61 -20.64 -27.85
N ASN B 34 -13.28 -21.45 -27.03
CA ASN B 34 -13.81 -22.75 -27.43
C ASN B 34 -15.30 -22.80 -27.11
N TRP B 35 -16.03 -23.55 -27.93
CA TRP B 35 -17.46 -23.75 -27.75
C TRP B 35 -17.74 -25.24 -27.57
N TYR B 36 -18.54 -25.55 -26.53
CA TYR B 36 -18.94 -26.90 -26.16
C TYR B 36 -20.45 -26.99 -26.13
N GLN B 37 -20.95 -28.20 -26.41
CA GLN B 37 -22.36 -28.56 -26.33
C GLN B 37 -22.55 -29.57 -25.21
N GLN B 38 -23.62 -29.43 -24.44
CA GLN B 38 -23.93 -30.37 -23.36
C GLN B 38 -25.42 -30.62 -23.33
N LYS B 39 -25.80 -31.90 -23.48
CA LYS B 39 -27.16 -32.35 -23.37
C LYS B 39 -27.41 -32.91 -21.97
N PRO B 40 -28.67 -33.01 -21.55
CA PRO B 40 -28.93 -33.37 -20.16
C PRO B 40 -28.36 -34.74 -19.81
N GLY B 41 -27.67 -34.81 -18.68
CA GLY B 41 -27.11 -36.05 -18.19
C GLY B 41 -25.91 -36.55 -18.94
N LYS B 42 -25.30 -35.73 -19.79
CA LYS B 42 -24.16 -36.13 -20.60
C LYS B 42 -23.02 -35.14 -20.40
N ALA B 43 -21.84 -35.53 -20.83
CA ALA B 43 -20.66 -34.71 -20.68
C ALA B 43 -20.60 -33.65 -21.78
N PRO B 44 -19.90 -32.55 -21.54
CA PRO B 44 -19.71 -31.57 -22.61
C PRO B 44 -19.03 -32.21 -23.81
N LYS B 45 -19.27 -31.63 -24.98
CA LYS B 45 -18.69 -32.09 -26.22
C LYS B 45 -18.15 -30.89 -26.98
N LEU B 46 -16.90 -30.99 -27.42
CA LEU B 46 -16.27 -29.88 -28.10
C LEU B 46 -16.89 -29.69 -29.48
N LEU B 47 -17.27 -28.46 -29.79
CA LEU B 47 -17.76 -28.08 -31.10
C LEU B 47 -16.75 -27.24 -31.86
N ILE B 48 -16.27 -26.18 -31.23
CA ILE B 48 -15.38 -25.22 -31.89
C ILE B 48 -14.19 -24.96 -30.98
N TYR B 49 -13.02 -24.80 -31.57
CA TYR B 49 -11.84 -24.37 -30.84
C TYR B 49 -11.15 -23.28 -31.62
N ALA B 50 -10.33 -22.49 -30.93
CA ALA B 50 -9.60 -21.38 -31.54
C ALA B 50 -10.56 -20.42 -32.24
N ALA B 51 -11.73 -20.22 -31.64
CA ALA B 51 -12.70 -19.23 -32.10
C ALA B 51 -13.49 -19.70 -33.31
N SER B 52 -12.83 -20.35 -34.27
CA SER B 52 -13.48 -20.64 -35.54
C SER B 52 -13.09 -21.97 -36.18
N SER B 53 -12.40 -22.86 -35.46
CA SER B 53 -12.00 -24.15 -36.01
C SER B 53 -12.99 -25.23 -35.58
N LEU B 54 -13.52 -25.95 -36.57
CA LEU B 54 -14.49 -27.00 -36.32
C LEU B 54 -13.79 -28.27 -35.88
N GLN B 55 -14.23 -28.81 -34.74
CA GLN B 55 -13.68 -30.06 -34.24
C GLN B 55 -14.08 -31.21 -35.16
N SER B 56 -13.17 -32.18 -35.31
CA SER B 56 -13.41 -33.32 -36.18
C SER B 56 -14.65 -34.10 -35.74
N GLY B 57 -15.49 -34.45 -36.71
CA GLY B 57 -16.70 -35.19 -36.45
C GLY B 57 -17.93 -34.33 -36.18
N VAL B 58 -17.76 -33.03 -36.02
CA VAL B 58 -18.88 -32.13 -35.70
C VAL B 58 -19.59 -31.72 -36.99
N PRO B 59 -20.93 -31.73 -37.02
CA PRO B 59 -21.62 -31.35 -38.27
C PRO B 59 -21.24 -29.94 -38.72
N SER B 60 -21.23 -29.74 -40.04
CA SER B 60 -20.76 -28.48 -40.61
C SER B 60 -21.69 -27.30 -40.33
N ARG B 61 -22.91 -27.54 -39.84
CA ARG B 61 -23.78 -26.42 -39.52
C ARG B 61 -23.30 -25.61 -38.33
N PHE B 62 -22.37 -26.13 -37.54
CA PHE B 62 -21.79 -25.37 -36.44
C PHE B 62 -20.57 -24.60 -36.94
N SER B 63 -20.52 -23.31 -36.65
CA SER B 63 -19.36 -22.51 -36.99
C SER B 63 -19.17 -21.44 -35.94
N GLY B 64 -17.98 -20.88 -35.90
CA GLY B 64 -17.66 -19.84 -34.93
C GLY B 64 -16.80 -18.77 -35.56
N SER B 65 -16.94 -17.56 -35.02
CA SER B 65 -16.12 -16.45 -35.47
C SER B 65 -15.87 -15.52 -34.31
N GLY B 66 -14.89 -14.64 -34.48
CA GLY B 66 -14.58 -13.62 -33.48
C GLY B 66 -13.14 -13.63 -33.03
N SER B 67 -12.69 -12.51 -32.48
CA SER B 67 -11.37 -12.43 -31.87
C SER B 67 -11.36 -11.21 -30.96
N GLY B 68 -10.57 -11.31 -29.89
CA GLY B 68 -10.51 -10.25 -28.89
C GLY B 68 -11.49 -10.46 -27.77
N THR B 69 -12.60 -9.71 -27.76
CA THR B 69 -13.57 -9.78 -26.67
C THR B 69 -14.95 -10.26 -27.09
N ASP B 70 -15.24 -10.35 -28.39
CA ASP B 70 -16.58 -10.66 -28.87
C ASP B 70 -16.52 -11.86 -29.81
N PHE B 71 -17.28 -12.90 -29.51
CA PHE B 71 -17.25 -14.14 -30.28
C PHE B 71 -18.68 -14.60 -30.51
N THR B 72 -18.86 -15.38 -31.57
CA THR B 72 -20.17 -15.87 -31.96
C THR B 72 -20.09 -17.33 -32.38
N LEU B 73 -21.09 -18.09 -31.95
CA LEU B 73 -21.34 -19.44 -32.41
C LEU B 73 -22.63 -19.45 -33.21
N THR B 74 -22.56 -19.98 -34.43
CA THR B 74 -23.68 -19.97 -35.35
C THR B 74 -24.04 -21.40 -35.71
N ILE B 75 -25.34 -21.69 -35.69
CA ILE B 75 -25.89 -22.92 -36.21
C ILE B 75 -26.69 -22.51 -37.44
N SER B 76 -26.23 -22.94 -38.62
CA SER B 76 -26.78 -22.41 -39.86
C SER B 76 -28.12 -23.04 -40.23
N SER B 77 -28.41 -24.25 -39.75
CA SER B 77 -29.70 -24.89 -40.01
C SER B 77 -30.01 -25.80 -38.83
N LEU B 78 -30.84 -25.30 -37.91
CA LEU B 78 -31.08 -25.97 -36.64
C LEU B 78 -31.80 -27.29 -36.85
N GLN B 79 -31.32 -28.32 -36.16
CA GLN B 79 -31.94 -29.64 -36.19
C GLN B 79 -32.59 -29.96 -34.84
N PRO B 80 -33.58 -30.85 -34.82
CA PRO B 80 -34.23 -31.18 -33.54
C PRO B 80 -33.26 -31.67 -32.49
N GLU B 81 -32.21 -32.40 -32.86
CA GLU B 81 -31.26 -32.95 -31.92
C GLU B 81 -30.26 -31.92 -31.40
N ASP B 82 -30.39 -30.65 -31.79
CA ASP B 82 -29.49 -29.60 -31.31
C ASP B 82 -29.97 -28.96 -30.02
N PHE B 83 -31.06 -29.45 -29.43
CA PHE B 83 -31.50 -28.93 -28.14
CA PHE B 83 -31.51 -28.96 -28.13
C PHE B 83 -30.44 -29.21 -27.08
N ALA B 84 -29.99 -28.17 -26.39
CA ALA B 84 -28.94 -28.36 -25.40
C ALA B 84 -28.46 -27.06 -24.78
N THR B 85 -27.50 -27.15 -23.88
CA THR B 85 -26.85 -25.96 -23.35
C THR B 85 -25.48 -25.82 -24.02
N TYR B 86 -25.15 -24.59 -24.39
CA TYR B 86 -23.91 -24.30 -25.10
C TYR B 86 -23.06 -23.39 -24.23
N TYR B 87 -21.78 -23.75 -24.11
CA TYR B 87 -20.84 -23.02 -23.28
C TYR B 87 -19.68 -22.51 -24.12
N CYS B 88 -19.25 -21.29 -23.85
CA CYS B 88 -17.96 -20.81 -24.31
C CYS B 88 -16.95 -20.95 -23.16
N GLN B 89 -15.68 -20.95 -23.53
CA GLN B 89 -14.62 -21.23 -22.56
C GLN B 89 -13.31 -20.67 -23.09
N GLN B 90 -12.60 -19.91 -22.26
CA GLN B 90 -11.36 -19.26 -22.67
C GLN B 90 -10.17 -19.99 -22.06
N SER B 91 -9.11 -20.15 -22.87
CA SER B 91 -7.89 -20.81 -22.46
C SER B 91 -6.65 -19.94 -22.68
N TYR B 92 -6.84 -18.61 -22.72
CA TYR B 92 -5.70 -17.70 -22.83
C TYR B 92 -5.02 -17.48 -21.48
N SER B 93 -5.77 -17.00 -20.50
CA SER B 93 -5.22 -16.67 -19.18
C SER B 93 -5.84 -17.58 -18.15
N THR B 94 -5.03 -18.48 -17.58
CA THR B 94 -5.51 -19.53 -16.70
C THR B 94 -4.49 -19.79 -15.61
N PRO B 95 -4.92 -20.24 -14.43
CA PRO B 95 -6.31 -20.41 -14.00
C PRO B 95 -6.95 -19.08 -13.65
N PRO B 96 -8.29 -19.03 -13.58
CA PRO B 96 -9.22 -20.13 -13.84
C PRO B 96 -9.44 -20.35 -15.33
N TYR B 97 -9.75 -21.59 -15.71
CA TYR B 97 -10.29 -21.89 -17.03
C TYR B 97 -11.76 -21.49 -16.99
N THR B 98 -12.07 -20.34 -17.56
CA THR B 98 -13.41 -19.76 -17.40
C THR B 98 -14.39 -20.35 -18.40
N PHE B 99 -15.57 -20.69 -17.90
CA PHE B 99 -16.70 -21.09 -18.72
C PHE B 99 -17.78 -20.03 -18.60
N GLY B 100 -18.54 -19.85 -19.67
CA GLY B 100 -19.70 -19.00 -19.61
C GLY B 100 -20.80 -19.63 -18.76
N GLN B 101 -21.84 -18.85 -18.50
CA GLN B 101 -22.95 -19.38 -17.73
C GLN B 101 -23.83 -20.31 -18.55
N GLY B 102 -23.69 -20.29 -19.87
CA GLY B 102 -24.40 -21.20 -20.74
C GLY B 102 -25.57 -20.53 -21.42
N THR B 103 -25.86 -20.99 -22.63
CA THR B 103 -27.04 -20.57 -23.37
C THR B 103 -27.86 -21.83 -23.63
N LYS B 104 -29.09 -21.86 -23.12
CA LYS B 104 -29.97 -23.00 -23.31
C LYS B 104 -30.81 -22.80 -24.57
N LEU B 105 -30.67 -23.73 -25.51
CA LEU B 105 -31.35 -23.69 -26.80
C LEU B 105 -32.41 -24.79 -26.82
N GLU B 106 -33.66 -24.37 -26.97
CA GLU B 106 -34.82 -25.22 -27.21
C GLU B 106 -35.26 -25.08 -28.65
N ILE B 107 -35.92 -26.12 -29.16
CA ILE B 107 -36.48 -26.12 -30.51
C ILE B 107 -37.90 -25.60 -30.43
N LYS B 108 -38.20 -24.55 -31.20
CA LYS B 108 -39.55 -24.04 -31.30
C LYS B 108 -40.32 -24.85 -32.33
N ARG B 109 -41.56 -25.20 -32.01
CA ARG B 109 -42.42 -25.94 -32.91
C ARG B 109 -43.86 -25.57 -32.63
N THR B 110 -44.78 -26.21 -33.33
CA THR B 110 -46.19 -25.90 -33.18
C THR B 110 -46.71 -26.41 -31.84
N VAL B 111 -47.76 -25.75 -31.35
CA VAL B 111 -48.36 -26.15 -30.09
C VAL B 111 -48.89 -27.56 -30.19
N ALA B 112 -48.63 -28.36 -29.16
CA ALA B 112 -49.16 -29.70 -29.05
C ALA B 112 -49.68 -29.88 -27.63
N ALA B 113 -50.91 -30.34 -27.51
CA ALA B 113 -51.51 -30.49 -26.19
C ALA B 113 -51.08 -31.81 -25.56
N PRO B 114 -50.96 -31.85 -24.24
CA PRO B 114 -50.56 -33.10 -23.58
C PRO B 114 -51.70 -34.09 -23.54
N SER B 115 -51.35 -35.36 -23.51
CA SER B 115 -52.29 -36.40 -23.09
C SER B 115 -52.00 -36.73 -21.63
N VAL B 116 -53.05 -36.84 -20.83
CA VAL B 116 -52.93 -36.88 -19.38
C VAL B 116 -53.38 -38.25 -18.86
N PHE B 117 -52.62 -38.78 -17.90
CA PHE B 117 -52.95 -40.04 -17.25
C PHE B 117 -52.75 -39.91 -15.75
N ILE B 118 -53.63 -40.52 -14.97
CA ILE B 118 -53.52 -40.52 -13.52
C ILE B 118 -53.41 -41.95 -13.04
N PHE B 119 -52.58 -42.15 -12.02
CA PHE B 119 -52.27 -43.47 -11.48
C PHE B 119 -52.43 -43.42 -9.96
N PRO B 120 -53.28 -44.27 -9.38
CA PRO B 120 -53.42 -44.30 -7.93
C PRO B 120 -52.27 -45.04 -7.29
N PRO B 121 -52.15 -44.97 -5.96
CA PRO B 121 -51.11 -45.74 -5.29
C PRO B 121 -51.41 -47.23 -5.29
N SER B 122 -50.36 -48.03 -5.40
CA SER B 122 -50.51 -49.47 -5.31
C SER B 122 -50.73 -49.89 -3.85
N ASP B 123 -51.43 -51.01 -3.67
CA ASP B 123 -51.66 -51.55 -2.33
C ASP B 123 -50.34 -51.84 -1.63
N GLU B 124 -49.37 -52.41 -2.38
CA GLU B 124 -48.08 -52.73 -1.79
C GLU B 124 -47.42 -51.50 -1.21
N GLN B 125 -47.56 -50.35 -1.88
CA GLN B 125 -47.02 -49.12 -1.32
C GLN B 125 -47.84 -48.67 -0.11
N LEU B 126 -49.17 -48.78 -0.19
CA LEU B 126 -50.02 -48.31 0.89
C LEU B 126 -49.68 -49.00 2.20
N LYS B 127 -49.35 -50.29 2.15
CA LYS B 127 -49.01 -50.96 3.40
C LYS B 127 -47.70 -50.46 3.97
N SER B 128 -46.89 -49.75 3.18
CA SER B 128 -45.68 -49.12 3.72
C SER B 128 -46.00 -47.91 4.58
N GLY B 129 -47.21 -47.35 4.44
CA GLY B 129 -47.62 -46.19 5.21
C GLY B 129 -47.63 -44.89 4.44
N THR B 130 -47.26 -44.91 3.16
CA THR B 130 -47.24 -43.71 2.33
C THR B 130 -47.95 -44.00 1.02
N ALA B 131 -48.59 -42.96 0.47
CA ALA B 131 -49.38 -43.07 -0.75
C ALA B 131 -48.86 -42.05 -1.76
N SER B 132 -48.44 -42.53 -2.92
CA SER B 132 -48.01 -41.68 -4.02
C SER B 132 -49.04 -41.77 -5.13
N VAL B 133 -49.53 -40.61 -5.57
CA VAL B 133 -50.47 -40.49 -6.68
C VAL B 133 -49.74 -39.81 -7.83
N VAL B 134 -49.74 -40.44 -8.99
CA VAL B 134 -48.92 -39.97 -10.10
C VAL B 134 -49.82 -39.43 -11.20
N CYS B 135 -49.34 -38.37 -11.86
CA CYS B 135 -50.04 -37.77 -13.00
C CYS B 135 -48.99 -37.51 -14.07
N LEU B 136 -49.21 -38.06 -15.26
CA LEU B 136 -48.28 -37.94 -16.38
C LEU B 136 -48.92 -37.10 -17.48
N LEU B 137 -48.15 -36.14 -18.01
CA LEU B 137 -48.51 -35.35 -19.17
C LEU B 137 -47.55 -35.71 -20.29
N ASN B 138 -48.07 -36.15 -21.43
CA ASN B 138 -47.24 -36.70 -22.49
C ASN B 138 -47.32 -35.87 -23.75
N ASN B 139 -46.14 -35.61 -24.36
CA ASN B 139 -46.01 -35.17 -25.74
C ASN B 139 -46.69 -33.83 -25.97
N PHE B 140 -46.23 -32.83 -25.22
CA PHE B 140 -46.77 -31.48 -25.31
C PHE B 140 -45.66 -30.48 -25.63
N TYR B 141 -46.07 -29.34 -26.20
CA TYR B 141 -45.20 -28.21 -26.49
C TYR B 141 -46.11 -26.99 -26.47
N PRO B 142 -45.68 -25.86 -25.87
CA PRO B 142 -44.38 -25.59 -25.24
C PRO B 142 -44.22 -26.22 -23.87
N ARG B 143 -43.05 -26.02 -23.25
CA ARG B 143 -42.75 -26.70 -22.00
C ARG B 143 -43.65 -26.22 -20.86
N GLU B 144 -44.10 -24.97 -20.91
CA GLU B 144 -44.89 -24.42 -19.82
C GLU B 144 -46.20 -25.17 -19.67
N ALA B 145 -46.40 -25.77 -18.50
CA ALA B 145 -47.63 -26.47 -18.17
C ALA B 145 -47.88 -26.33 -16.67
N LYS B 146 -49.16 -26.40 -16.29
CA LYS B 146 -49.56 -26.27 -14.89
C LYS B 146 -50.31 -27.52 -14.46
N VAL B 147 -49.81 -28.18 -13.41
CA VAL B 147 -50.48 -29.31 -12.79
C VAL B 147 -51.02 -28.86 -11.44
N GLN B 148 -52.32 -29.09 -11.21
CA GLN B 148 -52.96 -28.74 -9.96
C GLN B 148 -53.59 -30.01 -9.39
N TRP B 149 -53.12 -30.43 -8.22
CA TRP B 149 -53.70 -31.58 -7.56
C TRP B 149 -54.93 -31.17 -6.74
N LYS B 150 -55.94 -32.04 -6.75
CA LYS B 150 -57.18 -31.79 -6.02
C LYS B 150 -57.63 -33.06 -5.33
N VAL B 151 -57.93 -32.96 -4.03
CA VAL B 151 -58.40 -34.07 -3.22
C VAL B 151 -59.75 -33.66 -2.64
N ASP B 152 -60.81 -34.34 -3.06
CA ASP B 152 -62.18 -33.92 -2.75
C ASP B 152 -62.39 -32.46 -3.15
N ASN B 153 -61.84 -32.09 -4.31
CA ASN B 153 -62.00 -30.77 -4.90
C ASN B 153 -61.31 -29.68 -4.09
N ALA B 154 -60.40 -30.05 -3.21
CA ALA B 154 -59.60 -29.11 -2.43
C ALA B 154 -58.22 -29.01 -3.06
N LEU B 155 -57.84 -27.81 -3.47
CA LEU B 155 -56.55 -27.62 -4.14
C LEU B 155 -55.42 -27.88 -3.15
N GLN B 156 -54.50 -28.75 -3.55
CA GLN B 156 -53.36 -29.12 -2.72
C GLN B 156 -52.23 -28.11 -2.89
N SER B 157 -51.34 -28.07 -1.90
CA SER B 157 -50.20 -27.17 -1.94
C SER B 157 -49.09 -27.74 -1.07
N GLY B 158 -47.87 -27.72 -1.59
CA GLY B 158 -46.69 -28.09 -0.82
C GLY B 158 -46.43 -29.57 -0.66
N ASN B 159 -47.30 -30.44 -1.18
CA ASN B 159 -47.20 -31.88 -1.00
C ASN B 159 -47.02 -32.61 -2.32
N SER B 160 -46.44 -31.95 -3.33
CA SER B 160 -46.23 -32.57 -4.63
C SER B 160 -44.88 -32.14 -5.20
N GLN B 161 -44.35 -32.98 -6.08
CA GLN B 161 -43.12 -32.69 -6.81
C GLN B 161 -43.34 -33.06 -8.27
N GLU B 162 -42.50 -32.51 -9.15
CA GLU B 162 -42.63 -32.82 -10.56
C GLU B 162 -41.30 -32.68 -11.27
N SER B 163 -41.22 -33.29 -12.44
CA SER B 163 -40.04 -33.19 -13.29
C SER B 163 -40.45 -33.32 -14.75
N VAL B 164 -39.64 -32.74 -15.62
CA VAL B 164 -39.91 -32.64 -17.05
C VAL B 164 -38.77 -33.30 -17.82
N THR B 165 -39.13 -34.08 -18.83
CA THR B 165 -38.12 -34.71 -19.66
C THR B 165 -37.36 -33.65 -20.45
N GLU B 166 -36.28 -34.08 -21.09
CA GLU B 166 -35.66 -33.26 -22.11
C GLU B 166 -36.56 -33.19 -23.33
N GLN B 167 -36.25 -32.25 -24.23
CA GLN B 167 -37.00 -32.14 -25.47
C GLN B 167 -36.72 -33.34 -26.36
N ASP B 168 -37.77 -33.95 -26.92
CA ASP B 168 -37.58 -35.15 -27.70
C ASP B 168 -36.70 -34.84 -28.91
N SER B 169 -35.81 -35.78 -29.24
CA SER B 169 -34.85 -35.54 -30.30
C SER B 169 -35.46 -35.60 -31.70
N LYS B 170 -36.67 -36.15 -31.84
CA LYS B 170 -37.36 -36.20 -33.13
C LYS B 170 -38.52 -35.20 -33.24
N ASP B 171 -39.51 -35.26 -32.34
CA ASP B 171 -40.70 -34.43 -32.49
C ASP B 171 -40.70 -33.21 -31.58
N SER B 172 -39.65 -33.03 -30.77
CA SER B 172 -39.43 -31.80 -30.00
C SER B 172 -40.50 -31.56 -28.93
N THR B 173 -41.16 -32.60 -28.45
CA THR B 173 -42.16 -32.44 -27.41
C THR B 173 -41.56 -32.77 -26.05
N TYR B 174 -42.31 -32.44 -25.01
CA TYR B 174 -41.95 -32.72 -23.62
C TYR B 174 -42.94 -33.66 -22.98
N SER B 175 -42.48 -34.30 -21.91
CA SER B 175 -43.34 -35.04 -21.01
C SER B 175 -43.01 -34.62 -19.58
N LEU B 176 -43.99 -34.77 -18.70
CA LEU B 176 -43.89 -34.28 -17.33
C LEU B 176 -44.54 -35.28 -16.40
N SER B 177 -43.87 -35.55 -15.28
CA SER B 177 -44.38 -36.46 -14.27
C SER B 177 -44.53 -35.68 -12.97
N SER B 178 -45.70 -35.81 -12.32
CA SER B 178 -45.98 -35.16 -11.06
C SER B 178 -46.45 -36.20 -10.05
N THR B 179 -45.93 -36.11 -8.83
CA THR B 179 -46.25 -37.03 -7.75
C THR B 179 -46.78 -36.24 -6.56
N LEU B 180 -47.98 -36.61 -6.12
CA LEU B 180 -48.59 -36.12 -4.90
C LEU B 180 -48.41 -37.17 -3.81
N THR B 181 -47.79 -36.77 -2.70
CA THR B 181 -47.44 -37.69 -1.63
C THR B 181 -48.29 -37.39 -0.39
N LEU B 182 -49.10 -38.37 0.02
CA LEU B 182 -49.89 -38.30 1.24
C LEU B 182 -49.49 -39.46 2.16
N SER B 183 -49.96 -39.39 3.39
CA SER B 183 -49.87 -40.54 4.28
C SER B 183 -51.03 -41.49 4.03
N LYS B 184 -50.82 -42.76 4.37
CA LYS B 184 -51.87 -43.77 4.22
C LYS B 184 -53.17 -43.30 4.87
N ALA B 185 -53.09 -42.77 6.08
CA ALA B 185 -54.27 -42.30 6.79
C ALA B 185 -54.96 -41.17 6.02
N ASP B 186 -54.22 -40.10 5.75
CA ASP B 186 -54.78 -38.98 4.99
C ASP B 186 -55.33 -39.45 3.65
N TYR B 187 -54.63 -40.38 2.99
CA TYR B 187 -55.11 -40.89 1.72
C TYR B 187 -56.45 -41.58 1.87
N GLU B 188 -56.63 -42.31 2.97
CA GLU B 188 -57.87 -43.04 3.18
C GLU B 188 -58.96 -42.18 3.80
N LYS B 189 -58.66 -40.92 4.15
CA LYS B 189 -59.70 -40.00 4.61
C LYS B 189 -60.45 -39.31 3.47
N HIS B 190 -60.03 -39.48 2.21
CA HIS B 190 -60.64 -38.77 1.09
C HIS B 190 -60.95 -39.76 -0.02
N LYS B 191 -61.81 -39.33 -0.96
CA LYS B 191 -62.33 -40.22 -1.99
C LYS B 191 -61.81 -39.89 -3.38
N VAL B 192 -62.10 -38.69 -3.90
CA VAL B 192 -61.77 -38.35 -5.28
C VAL B 192 -60.39 -37.71 -5.32
N TYR B 193 -59.53 -38.24 -6.19
CA TYR B 193 -58.19 -37.71 -6.42
C TYR B 193 -58.08 -37.31 -7.89
N ALA B 194 -57.65 -36.07 -8.13
CA ALA B 194 -57.65 -35.53 -9.49
C ALA B 194 -56.40 -34.69 -9.72
N CYS B 195 -55.93 -34.69 -10.96
CA CYS B 195 -54.96 -33.70 -11.43
C CYS B 195 -55.59 -32.94 -12.58
N GLU B 196 -55.52 -31.61 -12.51
CA GLU B 196 -56.03 -30.70 -13.52
C GLU B 196 -54.85 -30.05 -14.22
N VAL B 197 -54.85 -30.12 -15.54
CA VAL B 197 -53.72 -29.70 -16.36
C VAL B 197 -54.15 -28.48 -17.18
N THR B 198 -53.34 -27.42 -17.11
CA THR B 198 -53.53 -26.22 -17.91
C THR B 198 -52.36 -26.07 -18.85
N HIS B 199 -52.65 -25.86 -20.14
CA HIS B 199 -51.62 -25.80 -21.16
C HIS B 199 -52.19 -25.03 -22.35
N GLN B 200 -51.30 -24.36 -23.09
CA GLN B 200 -51.74 -23.52 -24.20
C GLN B 200 -52.53 -24.32 -25.24
N GLY B 201 -52.20 -25.59 -25.42
CA GLY B 201 -52.88 -26.42 -26.39
C GLY B 201 -54.25 -26.90 -25.98
N LEU B 202 -54.67 -26.61 -24.75
CA LEU B 202 -55.99 -26.98 -24.27
C LEU B 202 -56.83 -25.71 -24.13
N SER B 203 -58.03 -25.73 -24.73
CA SER B 203 -58.91 -24.56 -24.62
C SER B 203 -59.44 -24.39 -23.21
N SER B 204 -59.61 -25.48 -22.49
CA SER B 204 -59.99 -25.46 -21.09
C SER B 204 -59.19 -26.51 -20.33
N PRO B 205 -58.95 -26.32 -19.04
CA PRO B 205 -58.16 -27.29 -18.29
C PRO B 205 -58.74 -28.69 -18.43
N VAL B 206 -57.85 -29.69 -18.40
CA VAL B 206 -58.25 -31.09 -18.52
C VAL B 206 -58.00 -31.77 -17.19
N THR B 207 -59.00 -32.50 -16.70
CA THR B 207 -58.91 -33.13 -15.39
C THR B 207 -59.00 -34.64 -15.55
N LYS B 208 -58.09 -35.35 -14.89
CA LYS B 208 -58.17 -36.80 -14.77
C LYS B 208 -58.29 -37.14 -13.29
N SER B 209 -59.14 -38.11 -12.97
CA SER B 209 -59.42 -38.39 -11.57
C SER B 209 -59.80 -39.85 -11.39
N PHE B 210 -59.76 -40.29 -10.13
CA PHE B 210 -60.27 -41.59 -9.74
C PHE B 210 -60.89 -41.50 -8.36
N ASN B 211 -61.61 -42.55 -7.98
CA ASN B 211 -62.20 -42.71 -6.67
C ASN B 211 -61.46 -43.83 -5.93
N ARG B 212 -61.17 -43.59 -4.65
CA ARG B 212 -60.28 -44.47 -3.90
C ARG B 212 -60.70 -45.93 -3.97
N GLY B 213 -62.00 -46.21 -4.09
CA GLY B 213 -62.46 -47.57 -4.19
C GLY B 213 -61.85 -48.29 -5.39
N GLU B 214 -62.28 -47.90 -6.58
CA GLU B 214 -61.78 -48.50 -7.81
C GLU B 214 -60.43 -47.90 -8.18
N GLN C 1 21.78 32.03 41.60
CA GLN C 1 22.15 32.26 40.17
C GLN C 1 22.38 30.94 39.44
N VAL C 2 21.41 30.55 38.61
CA VAL C 2 21.62 29.45 37.68
C VAL C 2 22.64 29.89 36.64
N GLN C 3 23.61 29.04 36.36
CA GLN C 3 24.64 29.37 35.38
C GLN C 3 25.00 28.14 34.57
N LEU C 4 25.18 28.36 33.26
CA LEU C 4 25.63 27.35 32.32
C LEU C 4 26.84 27.91 31.59
N VAL C 5 27.99 27.27 31.73
CA VAL C 5 29.24 27.76 31.15
C VAL C 5 29.76 26.70 30.18
N GLN C 6 29.98 27.10 28.94
CA GLN C 6 30.36 26.17 27.88
C GLN C 6 31.85 26.31 27.57
N SER C 7 32.40 25.26 26.96
CA SER C 7 33.80 25.28 26.56
C SER C 7 34.02 26.30 25.44
N GLY C 8 35.29 26.54 25.13
CA GLY C 8 35.66 27.59 24.22
C GLY C 8 35.53 27.20 22.77
N ALA C 9 35.87 28.15 21.90
CA ALA C 9 35.71 27.96 20.46
C ALA C 9 36.49 26.73 19.99
N GLU C 10 36.04 26.16 18.89
CA GLU C 10 36.63 24.96 18.32
C GLU C 10 36.86 25.17 16.83
N VAL C 11 37.99 24.66 16.34
CA VAL C 11 38.32 24.63 14.93
C VAL C 11 38.58 23.19 14.54
N LYS C 12 37.89 22.71 13.51
CA LYS C 12 38.00 21.32 13.11
C LYS C 12 38.06 21.23 11.58
N LYS C 13 38.67 20.14 11.10
CA LYS C 13 38.68 19.86 9.68
C LYS C 13 37.45 19.04 9.28
N PRO C 14 37.04 19.12 8.02
CA PRO C 14 35.95 18.25 7.57
C PRO C 14 36.28 16.79 7.83
N GLY C 15 35.28 16.05 8.30
CA GLY C 15 35.45 14.65 8.64
C GLY C 15 35.75 14.40 10.09
N ALA C 16 36.30 15.38 10.80
CA ALA C 16 36.65 15.23 12.20
C ALA C 16 35.40 15.31 13.07
N SER C 17 35.61 15.16 14.37
CA SER C 17 34.54 15.26 15.36
C SER C 17 34.86 16.38 16.35
N VAL C 18 33.82 16.82 17.06
CA VAL C 18 33.97 17.88 18.05
C VAL C 18 33.10 17.55 19.25
N LYS C 19 33.59 17.90 20.43
CA LYS C 19 32.88 17.64 21.68
C LYS C 19 32.83 18.93 22.49
N VAL C 20 31.62 19.42 22.74
CA VAL C 20 31.39 20.66 23.48
C VAL C 20 30.85 20.29 24.85
N SER C 21 31.29 21.02 25.87
CA SER C 21 30.88 20.78 27.25
C SER C 21 30.04 21.95 27.76
N CYS C 22 29.25 21.66 28.79
CA CYS C 22 28.31 22.62 29.37
C CYS C 22 28.23 22.33 30.87
N LYS C 23 28.92 23.14 31.67
CA LYS C 23 29.00 22.96 33.11
C LYS C 23 27.89 23.77 33.77
N ALA C 24 27.10 23.11 34.60
CA ALA C 24 25.94 23.70 35.25
C ALA C 24 26.24 23.99 36.72
N SER C 25 25.69 25.08 37.22
CA SER C 25 25.81 25.40 38.63
C SER C 25 24.59 26.22 39.06
N GLY C 26 24.34 26.22 40.37
CA GLY C 26 23.24 26.98 40.94
C GLY C 26 21.96 26.20 41.12
N TYR C 27 21.97 24.90 40.86
CA TYR C 27 20.79 24.06 41.03
C TYR C 27 21.23 22.61 41.04
N THR C 28 20.27 21.74 41.33
CA THR C 28 20.52 20.30 41.32
C THR C 28 20.60 19.82 39.87
N PHE C 29 21.82 19.53 39.41
CA PHE C 29 22.03 19.20 38.00
C PHE C 29 21.12 18.07 37.52
N THR C 30 20.88 17.07 38.36
CA THR C 30 20.16 15.87 37.93
C THR C 30 18.66 16.08 37.79
N SER C 31 18.13 17.23 38.22
CA SER C 31 16.69 17.42 38.25
C SER C 31 16.13 18.01 36.96
N TYR C 32 16.97 18.37 36.00
CA TYR C 32 16.52 19.07 34.81
C TYR C 32 17.16 18.48 33.57
N ALA C 33 16.38 18.39 32.49
CA ALA C 33 16.91 17.93 31.21
C ALA C 33 17.72 19.04 30.55
N MET C 34 18.75 18.64 29.82
CA MET C 34 19.61 19.58 29.11
C MET C 34 19.47 19.34 27.61
N HIS C 35 19.14 20.39 26.86
CA HIS C 35 18.97 20.35 25.42
C HIS C 35 20.15 21.05 24.75
N TRP C 36 20.39 20.69 23.50
CA TRP C 36 21.41 21.32 22.68
C TRP C 36 20.74 21.91 21.45
N VAL C 37 21.07 23.15 21.15
CA VAL C 37 20.46 23.91 20.07
C VAL C 37 21.55 24.68 19.37
N ARG C 38 21.59 24.62 18.04
CA ARG C 38 22.62 25.32 17.30
C ARG C 38 22.00 26.43 16.46
N GLN C 39 22.88 27.36 16.07
CA GLN C 39 22.50 28.54 15.28
C GLN C 39 23.63 28.75 14.28
N ALA C 40 23.39 28.37 13.03
CA ALA C 40 24.31 28.66 11.96
C ALA C 40 24.13 30.11 11.51
N PRO C 41 25.18 30.74 10.98
CA PRO C 41 25.06 32.15 10.57
C PRO C 41 23.96 32.32 9.54
N GLY C 42 23.00 33.18 9.86
CA GLY C 42 21.90 33.49 8.96
C GLY C 42 20.77 32.48 8.95
N GLN C 43 20.74 31.53 9.88
CA GLN C 43 19.72 30.51 9.91
C GLN C 43 18.96 30.60 11.23
N ARG C 44 17.84 29.90 11.30
CA ARG C 44 17.08 29.87 12.55
C ARG C 44 17.73 28.90 13.54
N LEU C 45 17.39 29.10 14.82
CA LEU C 45 17.79 28.16 15.86
C LEU C 45 17.29 26.76 15.53
N GLU C 46 18.18 25.77 15.66
CA GLU C 46 17.92 24.40 15.23
C GLU C 46 18.18 23.47 16.41
N TRP C 47 17.12 22.82 16.88
CA TRP C 47 17.23 21.89 18.00
C TRP C 47 17.93 20.61 17.56
N MET C 48 18.75 20.04 18.45
CA MET C 48 19.57 18.88 18.13
C MET C 48 19.25 17.65 18.96
N GLY C 49 18.97 17.81 20.25
CA GLY C 49 18.73 16.66 21.11
C GLY C 49 18.64 17.10 22.55
N TRP C 50 18.16 16.18 23.38
CA TRP C 50 18.15 16.40 24.82
C TRP C 50 18.65 15.17 25.54
N ILE C 51 19.12 15.39 26.76
CA ILE C 51 19.52 14.32 27.67
C ILE C 51 18.90 14.61 29.04
N ASN C 52 18.31 13.58 29.64
CA ASN C 52 17.84 13.65 31.01
C ASN C 52 19.05 13.52 31.92
N ALA C 53 19.39 14.61 32.62
CA ALA C 53 20.60 14.63 33.43
C ALA C 53 20.56 13.57 34.54
N GLY C 54 19.37 13.16 34.96
CA GLY C 54 19.25 12.15 35.99
C GLY C 54 19.63 10.76 35.53
N ASN C 55 18.82 10.17 34.64
CA ASN C 55 19.00 8.78 34.24
C ASN C 55 19.78 8.61 32.95
N GLY C 56 20.22 9.70 32.32
CA GLY C 56 21.03 9.62 31.12
C GLY C 56 20.28 9.32 29.84
N ASN C 57 18.96 9.20 29.88
CA ASN C 57 18.18 8.97 28.68
C ASN C 57 18.29 10.16 27.73
N THR C 58 18.30 9.89 26.43
CA THR C 58 18.47 10.93 25.41
C THR C 58 17.44 10.77 24.30
N LYS C 59 17.27 11.85 23.54
CA LYS C 59 16.55 11.80 22.27
C LYS C 59 17.20 12.78 21.31
N TYR C 60 17.36 12.37 20.05
CA TYR C 60 18.06 13.18 19.05
C TYR C 60 17.16 13.51 17.87
N SER C 61 17.47 14.64 17.22
CA SER C 61 16.83 15.00 15.97
C SER C 61 17.26 14.05 14.86
N GLN C 62 16.30 13.67 14.01
CA GLN C 62 16.60 12.73 12.94
C GLN C 62 17.56 13.32 11.91
N LYS C 63 17.70 14.64 11.83
CA LYS C 63 18.69 15.20 10.92
C LYS C 63 20.11 14.83 11.37
N PHE C 64 20.32 14.64 12.67
CA PHE C 64 21.62 14.32 13.21
C PHE C 64 21.73 12.89 13.70
N GLN C 65 20.66 12.10 13.67
CA GLN C 65 20.74 10.74 14.17
C GLN C 65 21.88 10.00 13.48
N GLY C 66 22.67 9.29 14.26
CA GLY C 66 23.81 8.55 13.73
C GLY C 66 25.10 9.33 13.73
N ARG C 67 25.08 10.63 14.03
CA ARG C 67 26.29 11.44 14.03
C ARG C 67 26.38 12.38 15.23
N VAL C 68 25.44 12.29 16.18
CA VAL C 68 25.44 13.14 17.36
C VAL C 68 25.24 12.26 18.59
N THR C 69 25.95 12.59 19.67
CA THR C 69 25.84 11.87 20.93
C THR C 69 25.85 12.87 22.08
N ILE C 70 24.87 12.78 22.97
CA ILE C 70 24.79 13.65 24.13
C ILE C 70 24.98 12.79 25.38
N THR C 71 25.90 13.22 26.24
CA THR C 71 26.26 12.50 27.46
C THR C 71 26.24 13.45 28.64
N ARG C 72 26.39 12.91 29.84
CA ARG C 72 26.42 13.72 31.05
C ARG C 72 27.32 13.06 32.08
N ASP C 73 28.14 13.90 32.75
CA ASP C 73 28.93 13.51 33.91
C ASP C 73 28.32 14.17 35.14
N THR C 74 27.65 13.35 35.95
CA THR C 74 26.94 13.87 37.12
C THR C 74 27.90 14.40 38.18
N SER C 75 29.02 13.71 38.39
CA SER C 75 29.95 14.15 39.42
C SER C 75 30.61 15.48 39.06
N ALA C 76 30.63 15.83 37.76
CA ALA C 76 31.14 17.11 37.31
C ALA C 76 30.04 18.09 36.96
N SER C 77 28.78 17.71 37.12
CA SER C 77 27.64 18.56 36.76
C SER C 77 27.79 19.12 35.34
N THR C 78 28.16 18.24 34.41
CA THR C 78 28.46 18.70 33.06
C THR C 78 27.73 17.85 32.03
N ALA C 79 27.21 18.50 30.99
CA ALA C 79 26.65 17.80 29.84
C ALA C 79 27.56 18.00 28.64
N TYR C 80 27.54 17.04 27.73
CA TYR C 80 28.43 17.05 26.58
C TYR C 80 27.64 16.73 25.31
N MET C 81 27.98 17.42 24.23
CA MET C 81 27.43 17.16 22.92
C MET C 81 28.60 16.91 21.97
N GLU C 82 28.62 15.74 21.35
CA GLU C 82 29.64 15.37 20.38
C GLU C 82 29.00 15.20 19.02
N LEU C 83 29.59 15.86 18.01
CA LEU C 83 29.12 15.80 16.63
C LEU C 83 30.29 15.35 15.76
N SER C 84 30.09 14.25 15.05
CA SER C 84 31.12 13.65 14.21
C SER C 84 30.77 13.85 12.73
N SER C 85 31.68 13.41 11.86
CA SER C 85 31.52 13.57 10.42
C SER C 85 31.19 15.03 10.08
N LEU C 86 31.98 15.93 10.66
CA LEU C 86 31.72 17.35 10.54
C LEU C 86 31.86 17.81 9.09
N ARG C 87 30.93 18.64 8.65
CA ARG C 87 30.92 19.23 7.33
C ARG C 87 30.89 20.76 7.46
N SER C 88 31.15 21.43 6.34
CA SER C 88 31.18 22.88 6.35
C SER C 88 29.87 23.47 6.85
N GLU C 89 28.75 22.76 6.67
CA GLU C 89 27.45 23.24 7.11
C GLU C 89 27.23 23.12 8.61
N ASP C 90 28.19 22.54 9.33
CA ASP C 90 28.13 22.49 10.78
C ASP C 90 28.74 23.70 11.47
N THR C 91 29.45 24.55 10.73
CA THR C 91 29.99 25.78 11.30
C THR C 91 28.85 26.58 11.91
N ALA C 92 28.86 26.76 13.23
CA ALA C 92 27.72 27.40 13.88
C ALA C 92 28.05 27.63 15.35
N VAL C 93 27.17 28.37 16.02
CA VAL C 93 27.24 28.53 17.46
C VAL C 93 26.33 27.49 18.10
N TYR C 94 26.90 26.66 18.97
CA TYR C 94 26.17 25.61 19.66
C TYR C 94 25.91 26.01 21.11
N TYR C 95 24.65 25.91 21.52
CA TYR C 95 24.20 26.28 22.86
C TYR C 95 23.69 25.06 23.59
N CYS C 96 23.96 25.00 24.89
CA CYS C 96 23.21 24.15 25.79
C CYS C 96 22.12 25.01 26.44
N ALA C 97 21.00 24.37 26.77
CA ALA C 97 19.89 25.08 27.37
C ALA C 97 19.19 24.15 28.35
N ARG C 98 18.83 24.69 29.50
CA ARG C 98 18.12 23.95 30.52
C ARG C 98 16.63 24.04 30.25
N GLU C 99 15.94 22.92 30.41
CA GLU C 99 14.49 22.88 30.21
C GLU C 99 13.80 22.93 31.56
N GLN C 100 12.92 23.90 31.73
CA GLN C 100 12.08 23.99 32.91
C GLN C 100 10.84 23.11 32.70
N TRP C 101 10.65 22.13 33.57
CA TRP C 101 9.52 21.21 33.45
C TRP C 101 8.25 21.73 34.11
N LEU C 102 8.37 22.64 35.08
CA LEU C 102 7.20 23.15 35.79
C LEU C 102 6.24 23.85 34.83
N ASP C 103 4.94 23.60 35.03
CA ASP C 103 3.88 24.17 34.20
C ASP C 103 3.99 23.64 32.77
N LEU C 104 4.35 24.51 31.82
CA LEU C 104 4.60 24.11 30.44
C LEU C 104 6.08 24.24 30.12
N ALA C 105 6.60 23.23 29.44
CA ALA C 105 8.04 23.13 29.20
C ALA C 105 8.56 24.32 28.41
N HIS C 106 9.75 24.78 28.79
CA HIS C 106 10.39 25.90 28.14
C HIS C 106 11.86 25.92 28.55
N PHE C 107 12.68 26.56 27.73
CA PHE C 107 14.11 26.68 27.98
C PHE C 107 14.34 27.96 28.78
N ASP C 108 14.66 27.82 30.06
CA ASP C 108 14.75 28.99 30.94
C ASP C 108 16.15 29.55 31.10
N TYR C 109 17.20 28.77 30.87
CA TYR C 109 18.56 29.27 30.97
C TYR C 109 19.40 28.70 29.84
N TRP C 110 20.27 29.53 29.28
CA TRP C 110 21.09 29.16 28.14
C TRP C 110 22.57 29.37 28.47
N GLY C 111 23.42 28.51 27.91
CA GLY C 111 24.85 28.76 27.95
C GLY C 111 25.23 29.90 27.04
N GLN C 112 26.47 30.39 27.22
CA GLN C 112 26.89 31.55 26.44
C GLN C 112 27.16 31.22 24.98
N GLY C 113 27.27 29.95 24.63
CA GLY C 113 27.47 29.53 23.26
C GLY C 113 28.92 29.16 22.97
N THR C 114 29.10 28.25 22.02
CA THR C 114 30.42 27.80 21.58
C THR C 114 30.48 27.86 20.07
N LEU C 115 31.42 28.63 19.53
CA LEU C 115 31.59 28.71 18.08
C LEU C 115 32.41 27.51 17.61
N VAL C 116 31.79 26.66 16.79
CA VAL C 116 32.50 25.56 16.13
C VAL C 116 32.65 25.94 14.66
N THR C 117 33.89 26.01 14.20
CA THR C 117 34.22 26.34 12.82
C THR C 117 34.82 25.12 12.13
N VAL C 118 34.18 24.68 11.06
CA VAL C 118 34.65 23.56 10.24
C VAL C 118 35.27 24.14 8.99
N SER C 119 36.56 23.87 8.79
CA SER C 119 37.33 24.49 7.72
C SER C 119 38.46 23.56 7.30
N SER C 120 38.71 23.51 5.99
CA SER C 120 39.84 22.73 5.50
C SER C 120 41.17 23.38 5.88
N GLY C 121 41.18 24.69 6.08
CA GLY C 121 42.36 25.38 6.56
C GLY C 121 42.70 24.99 7.98
N SER C 122 43.74 25.65 8.50
CA SER C 122 44.21 25.41 9.85
C SER C 122 44.22 26.72 10.61
N ALA C 123 44.08 26.62 11.94
CA ALA C 123 44.06 27.81 12.78
C ALA C 123 45.29 28.67 12.50
N SER C 124 45.10 29.98 12.49
CA SER C 124 46.18 30.89 12.14
C SER C 124 45.88 32.28 12.69
N ALA C 125 46.94 33.00 13.04
CA ALA C 125 46.82 34.37 13.48
C ALA C 125 46.61 35.30 12.28
N PRO C 126 46.11 36.50 12.51
CA PRO C 126 45.83 37.41 11.40
C PRO C 126 47.08 38.07 10.86
N THR C 127 46.98 38.47 9.59
CA THR C 127 47.97 39.33 8.94
C THR C 127 47.35 40.70 8.73
N LEU C 128 48.07 41.74 9.13
CA LEU C 128 47.54 43.09 9.15
C LEU C 128 48.10 43.92 8.00
N PHE C 129 47.23 44.69 7.36
CA PHE C 129 47.61 45.61 6.31
C PHE C 129 46.98 46.97 6.58
N PRO C 130 47.71 48.06 6.36
CA PRO C 130 47.14 49.39 6.64
C PRO C 130 46.23 49.85 5.53
N LEU C 131 45.20 50.61 5.91
CA LEU C 131 44.26 51.22 4.98
C LEU C 131 44.46 52.72 5.05
N VAL C 132 45.10 53.27 4.02
CA VAL C 132 45.39 54.69 3.89
C VAL C 132 44.62 55.18 2.67
N SER C 133 43.90 56.28 2.82
CA SER C 133 43.12 56.79 1.70
C SER C 133 44.01 57.08 0.50
N CYS C 134 45.18 57.65 0.73
CA CYS C 134 46.18 57.82 -0.32
C CYS C 134 47.58 57.86 0.28
N SER C 142 35.12 66.48 7.30
CA SER C 142 36.48 66.97 7.45
C SER C 142 37.41 65.87 7.97
N SER C 143 36.99 65.22 9.06
CA SER C 143 37.79 64.19 9.69
C SER C 143 38.31 63.19 8.65
N VAL C 144 39.56 62.76 8.84
CA VAL C 144 40.21 61.82 7.94
C VAL C 144 40.04 60.41 8.49
N ALA C 145 39.82 59.46 7.59
CA ALA C 145 39.59 58.07 7.97
C ALA C 145 40.83 57.23 7.67
N VAL C 146 41.28 56.47 8.67
CA VAL C 146 42.38 55.53 8.50
C VAL C 146 41.92 54.19 9.04
N GLY C 147 42.45 53.11 8.48
CA GLY C 147 41.91 51.81 8.80
C GLY C 147 42.94 50.70 8.84
N CYS C 148 42.44 49.50 9.12
CA CYS C 148 43.28 48.34 9.35
C CYS C 148 42.54 47.12 8.83
N LEU C 149 43.22 46.29 8.04
CA LEU C 149 42.64 45.09 7.46
C LEU C 149 43.36 43.88 8.04
N ALA C 150 42.62 43.04 8.76
CA ALA C 150 43.12 41.78 9.27
C ALA C 150 42.61 40.65 8.37
N GLN C 151 43.52 39.82 7.87
CA GLN C 151 43.16 38.75 6.96
C GLN C 151 43.72 37.42 7.42
N ASP C 152 43.09 36.35 6.95
CA ASP C 152 43.69 35.01 7.01
C ASP C 152 43.90 34.59 8.46
N PHE C 153 42.85 34.74 9.26
CA PHE C 153 42.88 34.31 10.66
C PHE C 153 41.73 33.34 10.92
N LEU C 154 41.94 32.45 11.88
CA LEU C 154 41.00 31.40 12.20
C LEU C 154 41.30 30.90 13.61
N PRO C 155 40.30 30.82 14.51
CA PRO C 155 38.87 31.09 14.31
C PRO C 155 38.53 32.57 14.29
N ASP C 156 37.26 32.89 14.03
CA ASP C 156 36.78 34.28 14.02
C ASP C 156 36.63 34.76 15.46
N SER C 157 37.77 35.12 16.05
CA SER C 157 37.81 35.56 17.45
C SER C 157 38.93 36.61 17.58
N ILE C 158 38.60 37.85 17.20
CA ILE C 158 39.58 38.92 17.11
C ILE C 158 39.04 40.15 17.83
N THR C 159 39.96 40.97 18.33
CA THR C 159 39.58 42.25 18.90
C THR C 159 40.58 43.30 18.44
N PHE C 160 40.05 44.45 18.01
CA PHE C 160 40.87 45.57 17.56
C PHE C 160 41.03 46.59 18.67
N SER C 161 42.17 47.29 18.64
CA SER C 161 42.38 48.47 19.46
C SER C 161 43.36 49.36 18.73
N TRP C 162 43.34 50.64 19.08
CA TRP C 162 44.14 51.64 18.39
C TRP C 162 44.89 52.48 19.41
N LYS C 163 46.11 52.88 19.05
CA LYS C 163 46.92 53.73 19.91
C LYS C 163 47.61 54.80 19.09
N TYR C 164 47.79 55.97 19.70
CA TYR C 164 48.59 57.02 19.09
C TYR C 164 50.07 56.64 19.18
N LYS C 165 50.92 57.50 18.62
CA LYS C 165 52.35 57.28 18.76
C LYS C 165 52.79 57.36 20.22
N ASN C 166 52.20 58.29 20.98
CA ASN C 166 52.52 58.42 22.40
C ASN C 166 51.80 57.40 23.28
N ASN C 167 51.35 56.29 22.70
CA ASN C 167 50.82 55.14 23.40
C ASN C 167 49.46 55.39 24.04
N SER C 168 48.84 56.54 23.79
CA SER C 168 47.51 56.79 24.31
C SER C 168 46.45 56.15 23.40
N ASP C 169 45.30 55.84 23.99
CA ASP C 169 44.26 55.11 23.27
C ASP C 169 43.49 56.04 22.33
N ILE C 170 43.12 55.50 21.16
CA ILE C 170 42.24 56.18 20.22
C ILE C 170 40.84 55.63 20.45
N SER C 171 39.93 56.50 20.89
CA SER C 171 38.58 56.05 21.24
C SER C 171 37.64 56.00 20.05
N SER C 172 37.83 56.87 19.07
CA SER C 172 37.00 56.87 17.86
C SER C 172 37.37 55.65 17.03
N THR C 173 36.80 54.50 17.40
CA THR C 173 37.02 53.25 16.71
C THR C 173 35.71 52.71 16.16
N ARG C 174 35.82 51.87 15.13
CA ARG C 174 34.66 51.24 14.51
C ARG C 174 35.06 49.87 14.00
N GLY C 175 34.47 48.83 14.58
CA GLY C 175 34.66 47.46 14.12
C GLY C 175 33.54 46.98 13.21
N PHE C 176 33.89 46.14 12.24
CA PHE C 176 32.94 45.51 11.35
C PHE C 176 32.97 43.99 11.52
N PRO C 177 31.83 43.32 11.35
CA PRO C 177 31.84 41.85 11.43
C PRO C 177 32.79 41.23 10.42
N SER C 178 33.40 40.11 10.81
CA SER C 178 34.27 39.39 9.91
C SER C 178 33.47 38.74 8.79
N VAL C 179 34.17 38.42 7.70
CA VAL C 179 33.60 37.67 6.58
C VAL C 179 34.48 36.45 6.32
N LEU C 180 33.83 35.37 5.90
CA LEU C 180 34.52 34.11 5.63
C LEU C 180 34.86 34.03 4.14
N ARG C 181 36.09 33.62 3.85
CA ARG C 181 36.60 33.55 2.48
C ARG C 181 37.67 32.46 2.46
N GLY C 182 37.49 31.47 1.59
CA GLY C 182 38.48 30.39 1.50
C GLY C 182 38.81 29.76 2.83
N GLY C 183 37.79 29.53 3.67
CA GLY C 183 38.00 28.90 4.95
C GLY C 183 38.71 29.73 5.99
N LYS C 184 38.96 31.02 5.73
CA LYS C 184 39.59 31.89 6.70
C LYS C 184 38.85 33.22 6.75
N TYR C 185 39.04 33.96 7.83
CA TYR C 185 38.25 35.15 8.08
C TYR C 185 39.04 36.43 7.80
N ALA C 186 38.30 37.48 7.49
CA ALA C 186 38.87 38.80 7.25
C ALA C 186 37.96 39.86 7.87
N ALA C 187 38.56 40.93 8.39
CA ALA C 187 37.82 41.97 9.07
C ALA C 187 38.53 43.32 8.91
N THR C 188 37.76 44.39 8.97
CA THR C 188 38.28 45.74 8.87
CA THR C 188 38.29 45.74 8.87
C THR C 188 37.93 46.53 10.12
N SER C 189 38.82 47.45 10.49
CA SER C 189 38.59 48.37 11.59
C SER C 189 38.96 49.76 11.14
N GLN C 190 38.35 50.77 11.75
CA GLN C 190 38.51 52.14 11.28
C GLN C 190 38.59 53.10 12.46
N VAL C 191 39.35 54.18 12.27
CA VAL C 191 39.35 55.32 13.17
C VAL C 191 39.23 56.61 12.36
N LEU C 192 38.53 57.57 12.95
CA LEU C 192 38.31 58.89 12.35
C LEU C 192 39.04 59.93 13.20
N LEU C 193 40.02 60.59 12.59
CA LEU C 193 40.84 61.56 13.30
C LEU C 193 40.55 62.96 12.76
N PRO C 194 40.35 63.96 13.60
CA PRO C 194 40.13 65.31 13.08
C PRO C 194 41.22 65.73 12.12
N SER C 195 40.82 66.24 10.95
CA SER C 195 41.78 66.61 9.92
C SER C 195 42.74 67.67 10.41
N LYS C 196 42.23 68.69 11.10
CA LYS C 196 43.08 69.82 11.50
C LYS C 196 44.20 69.36 12.41
N ASP C 197 43.93 68.41 13.30
CA ASP C 197 44.92 67.90 14.23
C ASP C 197 45.85 66.87 13.61
N VAL C 198 45.65 66.52 12.33
CA VAL C 198 46.44 65.47 11.68
C VAL C 198 47.74 66.06 11.15
N MET C 199 47.66 66.76 10.02
CA MET C 199 48.87 67.34 9.42
C MET C 199 49.66 68.16 10.42
N GLN C 200 48.98 68.74 11.41
CA GLN C 200 49.61 69.56 12.44
C GLN C 200 49.85 68.68 13.66
N GLY C 201 51.11 68.30 13.90
CA GLY C 201 51.47 67.49 15.04
C GLY C 201 52.69 66.61 14.81
N THR C 202 53.07 66.44 13.54
CA THR C 202 54.23 65.63 13.16
C THR C 202 54.03 64.16 13.50
N ASP C 203 52.87 63.79 14.03
CA ASP C 203 52.54 62.38 14.23
C ASP C 203 52.36 61.73 12.86
N GLU C 204 53.29 60.85 12.49
CA GLU C 204 53.34 60.29 11.15
C GLU C 204 52.54 59.00 11.00
N HIS C 205 52.09 58.40 12.10
CA HIS C 205 51.37 57.14 12.01
C HIS C 205 50.60 56.90 13.31
N VAL C 206 49.66 55.96 13.24
CA VAL C 206 48.99 55.41 14.41
C VAL C 206 49.27 53.91 14.42
N VAL C 207 48.86 53.24 15.50
CA VAL C 207 49.13 51.82 15.67
C VAL C 207 47.81 51.07 15.76
N CYS C 208 47.62 50.11 14.87
CA CYS C 208 46.51 49.16 14.90
C CYS C 208 46.98 47.90 15.60
N LYS C 209 46.19 47.43 16.57
CA LYS C 209 46.51 46.26 17.37
C LYS C 209 45.37 45.26 17.27
N VAL C 210 45.71 43.99 17.12
CA VAL C 210 44.73 42.91 17.07
C VAL C 210 45.12 41.84 18.07
N GLN C 211 44.13 41.37 18.81
CA GLN C 211 44.27 40.21 19.69
C GLN C 211 43.48 39.04 19.11
N HIS C 212 44.12 37.88 19.06
CA HIS C 212 43.61 36.64 18.50
C HIS C 212 44.22 35.49 19.29
N PRO C 213 43.48 34.40 19.51
CA PRO C 213 44.02 33.31 20.33
C PRO C 213 45.31 32.70 19.80
N ASN C 214 45.62 32.88 18.52
CA ASN C 214 46.79 32.25 17.92
C ASN C 214 47.95 33.21 17.71
N GLY C 215 47.80 34.47 18.08
CA GLY C 215 48.89 35.42 17.96
C GLY C 215 48.41 36.86 17.85
N ASN C 216 48.87 37.70 18.76
CA ASN C 216 48.55 39.13 18.71
C ASN C 216 49.46 39.81 17.71
N LYS C 217 48.93 40.85 17.05
CA LYS C 217 49.64 41.53 15.98
C LYS C 217 49.51 43.04 16.14
N GLU C 218 50.51 43.75 15.61
CA GLU C 218 50.53 45.20 15.57
C GLU C 218 50.95 45.66 14.19
N LYS C 219 50.48 46.83 13.80
CA LYS C 219 50.83 47.39 12.49
C LYS C 219 50.76 48.90 12.54
N ASN C 220 51.81 49.54 12.03
CA ASN C 220 51.82 50.98 11.86
C ASN C 220 50.97 51.36 10.66
N VAL C 221 50.08 52.34 10.84
CA VAL C 221 49.21 52.85 9.79
C VAL C 221 49.63 54.29 9.52
N PRO C 222 50.17 54.59 8.34
CA PRO C 222 50.56 55.98 8.04
C PRO C 222 49.39 56.94 8.08
N LEU C 223 49.72 58.22 8.30
CA LEU C 223 48.77 59.32 8.29
C LEU C 223 49.05 60.24 7.10
N PRO C 224 48.01 60.70 6.38
CA PRO C 224 48.24 61.68 5.32
C PRO C 224 49.05 62.89 5.79
N ASP D 1 5.18 18.34 11.07
CA ASP D 1 5.96 19.26 11.94
C ASP D 1 5.25 20.61 12.05
N ILE D 2 5.30 21.20 13.24
CA ILE D 2 4.65 22.49 13.49
C ILE D 2 5.60 23.60 13.06
N GLN D 3 5.15 24.42 12.11
CA GLN D 3 5.92 25.57 11.66
C GLN D 3 5.44 26.82 12.38
N LEU D 4 6.37 27.71 12.67
CA LEU D 4 6.07 29.00 13.30
C LEU D 4 6.49 30.10 12.35
N THR D 5 5.57 31.04 12.11
CA THR D 5 5.82 32.20 11.24
C THR D 5 5.64 33.47 12.06
N GLN D 6 6.70 34.25 12.17
CA GLN D 6 6.66 35.51 12.91
C GLN D 6 6.44 36.67 11.94
N SER D 7 5.62 37.63 12.36
CA SER D 7 5.40 38.83 11.57
C SER D 7 5.39 40.06 12.46
N PRO D 8 6.00 41.16 12.02
CA PRO D 8 6.79 41.32 10.78
C PRO D 8 8.17 40.72 10.95
N SER D 9 8.94 40.61 9.87
CA SER D 9 10.33 40.14 10.00
C SER D 9 11.24 41.25 10.51
N SER D 10 10.88 42.51 10.28
CA SER D 10 11.66 43.65 10.73
C SER D 10 10.69 44.75 11.13
N LEU D 11 11.11 45.55 12.10
CA LEU D 11 10.23 46.58 12.66
C LEU D 11 11.05 47.71 13.25
N SER D 12 10.70 48.94 12.85
CA SER D 12 11.35 50.15 13.32
C SER D 12 10.41 50.92 14.22
N ALA D 13 10.92 51.38 15.36
CA ALA D 13 10.11 52.09 16.33
C ALA D 13 11.01 53.02 17.12
N SER D 14 10.39 53.93 17.87
CA SER D 14 11.09 54.91 18.67
C SER D 14 11.09 54.49 20.13
N VAL D 15 12.06 55.00 20.88
CA VAL D 15 12.08 54.83 22.33
C VAL D 15 10.78 55.37 22.90
N GLY D 16 10.15 54.56 23.76
CA GLY D 16 8.88 54.91 24.36
C GLY D 16 7.67 54.36 23.64
N ASP D 17 7.82 53.86 22.41
CA ASP D 17 6.70 53.34 21.65
C ASP D 17 6.20 52.02 22.21
N ARG D 18 4.91 51.75 21.97
CA ARG D 18 4.32 50.44 22.19
C ARG D 18 4.34 49.65 20.88
N VAL D 19 4.93 48.45 20.91
CA VAL D 19 5.08 47.62 19.72
C VAL D 19 4.55 46.22 20.01
N THR D 20 3.98 45.60 18.99
CA THR D 20 3.42 44.26 19.08
C THR D 20 3.90 43.44 17.90
N ILE D 21 4.36 42.23 18.16
CA ILE D 21 4.80 41.30 17.12
C ILE D 21 4.05 39.99 17.30
N THR D 22 3.79 39.29 16.19
CA THR D 22 2.93 38.12 16.21
C THR D 22 3.68 36.88 15.76
N CYS D 23 3.22 35.74 16.28
CA CYS D 23 3.73 34.42 15.92
C CYS D 23 2.53 33.52 15.63
N ARG D 24 2.54 32.89 14.46
CA ARG D 24 1.46 32.01 14.04
C ARG D 24 1.99 30.59 13.92
N ALA D 25 1.25 29.64 14.46
CA ALA D 25 1.61 28.22 14.40
C ALA D 25 0.75 27.53 13.35
N SER D 26 1.38 26.65 12.57
CA SER D 26 0.67 25.95 11.50
C SER D 26 -0.48 25.10 12.02
N GLN D 27 -0.42 24.68 13.28
CA GLN D 27 -1.53 23.97 13.91
C GLN D 27 -1.53 24.32 15.39
N SER D 28 -2.64 24.01 16.05
CA SER D 28 -2.82 24.39 17.45
C SER D 28 -1.69 23.86 18.32
N ILE D 29 -1.14 24.71 19.18
CA ILE D 29 -0.12 24.32 20.14
C ILE D 29 -0.56 24.61 21.57
N SER D 30 -1.85 24.85 21.78
CA SER D 30 -2.42 25.17 23.10
C SER D 30 -1.73 26.44 23.60
N SER D 31 -1.15 26.45 24.79
CA SER D 31 -0.43 27.61 25.30
C SER D 31 1.08 27.37 25.37
N TYR D 32 1.56 26.34 24.67
CA TYR D 32 2.97 25.96 24.72
C TYR D 32 3.81 26.82 23.77
N LEU D 33 3.80 28.12 24.02
CA LEU D 33 4.59 29.06 23.22
C LEU D 33 5.43 29.94 24.13
N ASN D 34 6.70 30.09 23.77
CA ASN D 34 7.68 30.83 24.54
C ASN D 34 8.33 31.88 23.66
N TRP D 35 8.71 32.99 24.29
CA TRP D 35 9.36 34.10 23.60
C TRP D 35 10.73 34.31 24.21
N TYR D 36 11.73 34.45 23.34
CA TYR D 36 13.12 34.66 23.69
C TYR D 36 13.64 35.93 23.02
N GLN D 37 14.59 36.57 23.68
CA GLN D 37 15.28 37.75 23.18
C GLN D 37 16.73 37.38 22.92
N GLN D 38 17.30 37.92 21.84
CA GLN D 38 18.69 37.67 21.50
C GLN D 38 19.31 38.92 20.91
N LYS D 39 20.41 39.35 21.51
CA LYS D 39 21.24 40.42 20.99
C LYS D 39 22.45 39.83 20.27
N PRO D 40 23.07 40.58 19.36
CA PRO D 40 24.12 40.00 18.53
C PRO D 40 25.28 39.46 19.36
N GLY D 41 25.72 38.25 19.02
CA GLY D 41 26.84 37.64 19.68
C GLY D 41 26.57 37.13 21.07
N LYS D 42 25.30 37.07 21.48
CA LYS D 42 24.93 36.64 22.82
C LYS D 42 23.89 35.52 22.72
N ALA D 43 23.69 34.83 23.83
CA ALA D 43 22.78 33.71 23.85
C ALA D 43 21.33 34.20 23.94
N PRO D 44 20.37 33.38 23.51
CA PRO D 44 18.97 33.73 23.73
C PRO D 44 18.67 33.88 25.22
N LYS D 45 17.66 34.67 25.54
CA LYS D 45 17.22 34.91 26.91
C LYS D 45 15.71 34.78 26.96
N LEU D 46 15.22 34.00 27.91
CA LEU D 46 13.78 33.79 28.04
C LEU D 46 13.11 35.06 28.52
N LEU D 47 12.05 35.46 27.82
CA LEU D 47 11.18 36.56 28.22
C LEU D 47 9.84 36.05 28.70
N ILE D 48 9.17 35.22 27.90
CA ILE D 48 7.82 34.77 28.20
C ILE D 48 7.77 33.26 28.04
N TYR D 49 7.01 32.59 28.89
CA TYR D 49 6.76 31.17 28.75
C TYR D 49 5.27 30.92 28.95
N ALA D 50 4.80 29.78 28.44
CA ALA D 50 3.39 29.41 28.54
C ALA D 50 2.51 30.50 27.96
N ALA D 51 2.98 31.15 26.89
CA ALA D 51 2.21 32.12 26.13
C ALA D 51 2.14 33.50 26.79
N SER D 52 1.96 33.54 28.12
CA SER D 52 1.68 34.82 28.78
C SER D 52 2.30 34.94 30.17
N SER D 53 3.19 34.04 30.57
CA SER D 53 3.82 34.10 31.88
C SER D 53 5.15 34.80 31.77
N LEU D 54 5.33 35.85 32.56
CA LEU D 54 6.55 36.62 32.55
C LEU D 54 7.63 35.91 33.37
N GLN D 55 8.79 35.72 32.77
CA GLN D 55 9.91 35.13 33.49
C GLN D 55 10.39 36.09 34.58
N SER D 56 10.82 35.51 35.70
CA SER D 56 11.26 36.33 36.83
C SER D 56 12.44 37.20 36.43
N GLY D 57 12.38 38.47 36.82
CA GLY D 57 13.42 39.42 36.49
C GLY D 57 13.23 40.17 35.20
N VAL D 58 12.25 39.79 34.39
CA VAL D 58 12.02 40.46 33.11
C VAL D 58 11.15 41.69 33.35
N PRO D 59 11.49 42.85 32.80
CA PRO D 59 10.70 44.06 33.06
C PRO D 59 9.23 43.88 32.69
N SER D 60 8.37 44.56 33.44
CA SER D 60 6.93 44.41 33.30
C SER D 60 6.39 44.96 31.99
N ARG D 61 7.18 45.73 31.23
CA ARG D 61 6.73 46.22 29.93
C ARG D 61 6.58 45.12 28.90
N PHE D 62 7.13 43.93 29.16
CA PHE D 62 6.96 42.78 28.27
C PHE D 62 5.71 42.02 28.68
N SER D 63 4.87 41.69 27.70
CA SER D 63 3.72 40.85 27.98
C SER D 63 3.45 39.98 26.75
N GLY D 64 2.72 38.89 26.97
CA GLY D 64 2.39 37.99 25.88
C GLY D 64 0.98 37.46 26.06
N SER D 65 0.35 37.16 24.92
CA SER D 65 -0.98 36.57 24.94
C SER D 65 -1.17 35.64 23.76
N GLY D 66 -2.23 34.84 23.84
CA GLY D 66 -2.58 33.94 22.75
C GLY D 66 -2.77 32.50 23.17
N SER D 67 -3.49 31.73 22.36
CA SER D 67 -3.65 30.30 22.55
C SER D 67 -4.11 29.71 21.22
N GLY D 68 -3.69 28.46 20.97
CA GLY D 68 -4.03 27.81 19.73
C GLY D 68 -2.97 28.04 18.66
N THR D 69 -3.26 28.92 17.70
CA THR D 69 -2.35 29.16 16.58
C THR D 69 -1.81 30.57 16.50
N ASP D 70 -2.36 31.52 17.26
CA ASP D 70 -2.01 32.94 17.10
C ASP D 70 -1.57 33.49 18.44
N PHE D 71 -0.36 34.05 18.48
CA PHE D 71 0.20 34.56 19.73
C PHE D 71 0.85 35.90 19.44
N THR D 72 0.96 36.71 20.49
CA THR D 72 1.50 38.06 20.36
C THR D 72 2.39 38.39 21.55
N LEU D 73 3.51 39.05 21.25
CA LEU D 73 4.39 39.65 22.23
C LEU D 73 4.29 41.16 22.11
N THR D 74 4.07 41.83 23.24
CA THR D 74 3.90 43.28 23.28
C THR D 74 4.94 43.88 24.22
N ILE D 75 5.59 44.94 23.76
CA ILE D 75 6.48 45.76 24.58
C ILE D 75 5.82 47.13 24.71
N SER D 76 5.38 47.47 25.92
CA SER D 76 4.53 48.65 26.14
C SER D 76 5.29 49.96 26.19
N SER D 77 6.57 49.94 26.53
CA SER D 77 7.35 51.17 26.60
C SER D 77 8.78 50.82 26.21
N LEU D 78 9.09 51.01 24.94
CA LEU D 78 10.33 50.48 24.37
C LEU D 78 11.53 51.25 24.90
N GLN D 79 12.54 50.52 25.36
CA GLN D 79 13.79 51.08 25.84
C GLN D 79 14.93 50.75 24.89
N PRO D 80 16.01 51.54 24.91
CA PRO D 80 17.13 51.26 23.99
C PRO D 80 17.64 49.84 24.06
N GLU D 81 17.65 49.22 25.24
CA GLU D 81 18.14 47.86 25.38
C GLU D 81 17.13 46.81 24.92
N ASP D 82 15.95 47.22 24.47
CA ASP D 82 14.95 46.29 23.97
C ASP D 82 15.07 46.02 22.48
N PHE D 83 15.91 46.78 21.78
CA PHE D 83 16.04 46.64 20.33
C PHE D 83 16.99 45.49 20.04
N ALA D 84 16.43 44.39 19.54
CA ALA D 84 17.11 43.11 19.45
C ALA D 84 16.27 42.22 18.55
N THR D 85 16.66 40.95 18.44
CA THR D 85 15.84 39.99 17.72
C THR D 85 15.03 39.17 18.70
N TYR D 86 13.77 38.89 18.34
CA TYR D 86 12.85 38.15 19.18
C TYR D 86 12.40 36.89 18.44
N TYR D 87 12.42 35.76 19.14
CA TYR D 87 12.03 34.47 18.58
C TYR D 87 10.89 33.89 19.40
N CYS D 88 9.92 33.28 18.72
CA CYS D 88 8.96 32.42 19.37
C CYS D 88 9.42 30.98 19.23
N GLN D 89 8.86 30.11 20.06
CA GLN D 89 9.30 28.72 20.11
C GLN D 89 8.20 27.88 20.75
N GLN D 90 7.82 26.79 20.07
CA GLN D 90 6.71 25.97 20.53
C GLN D 90 7.25 24.69 21.15
N SER D 91 6.63 24.29 22.27
CA SER D 91 7.01 23.10 23.02
CA SER D 91 7.02 23.09 22.99
C SER D 91 5.83 22.16 23.19
N TYR D 92 4.87 22.18 22.26
CA TYR D 92 3.71 21.31 22.35
C TYR D 92 4.00 19.93 21.73
N SER D 93 4.35 19.92 20.45
CA SER D 93 4.57 18.69 19.69
C SER D 93 6.03 18.67 19.27
N THR D 94 6.80 17.73 19.81
CA THR D 94 8.25 17.71 19.61
C THR D 94 8.72 16.27 19.54
N PRO D 95 9.83 16.01 18.83
CA PRO D 95 10.59 16.95 17.99
C PRO D 95 9.87 17.22 16.67
N PRO D 96 10.27 18.27 15.95
CA PRO D 96 11.30 19.25 16.32
C PRO D 96 10.79 20.28 17.30
N TYR D 97 11.67 20.84 18.12
CA TYR D 97 11.36 22.05 18.88
C TYR D 97 11.50 23.20 17.92
N THR D 98 10.37 23.73 17.47
CA THR D 98 10.36 24.72 16.40
C THR D 98 10.58 26.13 16.94
N PHE D 99 11.46 26.86 16.24
CA PHE D 99 11.67 28.28 16.46
C PHE D 99 11.17 29.04 15.25
N GLY D 100 10.67 30.26 15.49
CA GLY D 100 10.33 31.15 14.41
C GLY D 100 11.58 31.69 13.73
N GLN D 101 11.36 32.37 12.60
CA GLN D 101 12.48 32.96 11.88
C GLN D 101 13.00 34.23 12.53
N GLY D 102 12.25 34.82 13.45
CA GLY D 102 12.72 35.96 14.20
C GLY D 102 12.14 37.27 13.70
N THR D 103 11.96 38.20 14.63
CA THR D 103 11.56 39.58 14.34
C THR D 103 12.66 40.49 14.89
N LYS D 104 13.29 41.27 14.02
CA LYS D 104 14.35 42.18 14.42
C LYS D 104 13.77 43.56 14.66
N LEU D 105 13.99 44.11 15.85
CA LEU D 105 13.48 45.41 16.25
CA LEU D 105 13.48 45.42 16.24
C LEU D 105 14.60 46.44 16.18
N GLU D 106 14.37 47.53 15.45
CA GLU D 106 15.35 48.56 15.20
C GLU D 106 14.83 49.92 15.63
N ILE D 107 15.75 50.84 15.91
CA ILE D 107 15.41 52.20 16.31
C ILE D 107 15.21 53.06 15.07
N LYS D 108 14.06 53.72 14.99
CA LYS D 108 13.76 54.61 13.87
C LYS D 108 14.39 55.98 14.10
N ARG D 109 14.95 56.54 13.03
CA ARG D 109 15.50 57.89 13.07
C ARG D 109 15.38 58.50 11.68
N THR D 110 15.87 59.73 11.54
CA THR D 110 15.77 60.40 10.26
C THR D 110 16.78 59.83 9.27
N VAL D 111 16.45 59.98 7.97
CA VAL D 111 17.34 59.50 6.93
C VAL D 111 18.66 60.24 7.02
N ALA D 112 19.76 59.49 6.97
CA ALA D 112 21.10 60.05 6.98
C ALA D 112 21.93 59.39 5.90
N ALA D 113 22.57 60.20 5.05
CA ALA D 113 23.35 59.67 3.95
C ALA D 113 24.74 59.26 4.43
N PRO D 114 25.33 58.25 3.81
CA PRO D 114 26.66 57.80 4.24
C PRO D 114 27.75 58.73 3.79
N SER D 115 28.84 58.75 4.55
CA SER D 115 30.10 59.29 4.06
C SER D 115 30.95 58.12 3.58
N VAL D 116 31.58 58.28 2.41
CA VAL D 116 32.20 57.18 1.71
C VAL D 116 33.70 57.40 1.62
N PHE D 117 34.46 56.32 1.81
CA PHE D 117 35.91 56.36 1.70
C PHE D 117 36.38 55.13 0.93
N ILE D 118 37.40 55.31 0.09
CA ILE D 118 37.98 54.20 -0.66
C ILE D 118 39.45 54.10 -0.29
N PHE D 119 39.94 52.86 -0.20
CA PHE D 119 41.31 52.57 0.23
C PHE D 119 41.91 51.60 -0.77
N PRO D 120 43.04 51.93 -1.39
CA PRO D 120 43.69 51.00 -2.30
C PRO D 120 44.44 49.92 -1.55
N PRO D 121 44.93 48.89 -2.24
CA PRO D 121 45.74 47.87 -1.56
C PRO D 121 47.11 48.41 -1.20
N SER D 122 47.64 47.92 -0.09
CA SER D 122 48.99 48.28 0.33
C SER D 122 50.02 47.54 -0.51
N ASP D 123 51.19 48.15 -0.67
CA ASP D 123 52.28 47.51 -1.39
C ASP D 123 52.67 46.20 -0.74
N GLU D 124 52.74 46.19 0.59
CA GLU D 124 53.10 44.98 1.32
C GLU D 124 52.15 43.83 0.99
N GLN D 125 50.87 44.13 0.84
CA GLN D 125 49.92 43.10 0.41
C GLN D 125 50.14 42.73 -1.05
N LEU D 126 50.40 43.72 -1.90
CA LEU D 126 50.55 43.44 -3.33
C LEU D 126 51.68 42.46 -3.59
N LYS D 127 52.78 42.56 -2.84
CA LYS D 127 53.85 41.60 -3.05
C LYS D 127 53.48 40.19 -2.62
N SER D 128 52.41 40.03 -1.83
CA SER D 128 51.93 38.70 -1.47
C SER D 128 51.20 38.02 -2.64
N GLY D 129 50.77 38.78 -3.64
CA GLY D 129 50.08 38.24 -4.80
C GLY D 129 48.59 38.51 -4.84
N THR D 130 48.03 39.21 -3.84
CA THR D 130 46.62 39.52 -3.77
C THR D 130 46.44 41.00 -3.48
N ALA D 131 45.36 41.58 -4.00
CA ALA D 131 45.06 42.99 -3.85
C ALA D 131 43.65 43.13 -3.26
N SER D 132 43.55 43.78 -2.10
CA SER D 132 42.28 44.07 -1.47
C SER D 132 42.00 45.57 -1.56
N VAL D 133 40.84 45.92 -2.08
CA VAL D 133 40.38 47.31 -2.20
C VAL D 133 39.19 47.48 -1.27
N VAL D 134 39.26 48.46 -0.38
CA VAL D 134 38.25 48.61 0.67
C VAL D 134 37.41 49.86 0.40
N CYS D 135 36.12 49.76 0.72
CA CYS D 135 35.20 50.88 0.60
C CYS D 135 34.36 50.92 1.87
N LEU D 136 34.41 52.03 2.59
CA LEU D 136 33.71 52.19 3.86
C LEU D 136 32.60 53.23 3.70
N LEU D 137 31.42 52.88 4.23
CA LEU D 137 30.28 53.78 4.31
C LEU D 137 30.00 54.02 5.79
N ASN D 138 29.96 55.28 6.21
CA ASN D 138 29.85 55.63 7.62
C ASN D 138 28.55 56.39 7.88
N ASN D 139 27.90 56.02 8.99
CA ASN D 139 26.88 56.82 9.67
C ASN D 139 25.70 57.13 8.75
N PHE D 140 25.06 56.07 8.27
CA PHE D 140 23.91 56.20 7.39
C PHE D 140 22.71 55.48 7.97
N TYR D 141 21.53 55.92 7.56
CA TYR D 141 20.27 55.34 7.95
C TYR D 141 19.28 55.63 6.83
N PRO D 142 18.43 54.68 6.44
CA PRO D 142 18.26 53.32 6.98
C PRO D 142 19.37 52.37 6.55
N ARG D 143 19.24 51.10 6.98
CA ARG D 143 20.31 50.12 6.79
C ARG D 143 20.54 49.80 5.33
N GLU D 144 19.48 49.85 4.51
CA GLU D 144 19.59 49.45 3.11
C GLU D 144 20.53 50.37 2.35
N ALA D 145 21.59 49.78 1.79
CA ALA D 145 22.55 50.52 0.98
C ALA D 145 23.11 49.59 -0.09
N LYS D 146 23.50 50.16 -1.23
CA LYS D 146 24.01 49.41 -2.37
C LYS D 146 25.43 49.85 -2.67
N VAL D 147 26.37 48.92 -2.63
CA VAL D 147 27.76 49.15 -3.03
C VAL D 147 27.99 48.43 -4.36
N GLN D 148 28.48 49.16 -5.35
CA GLN D 148 28.79 48.62 -6.67
C GLN D 148 30.25 48.92 -6.99
N TRP D 149 31.05 47.88 -7.13
CA TRP D 149 32.45 48.05 -7.50
C TRP D 149 32.59 48.19 -9.01
N LYS D 150 33.50 49.07 -9.44
CA LYS D 150 33.74 49.32 -10.85
C LYS D 150 35.24 49.41 -11.10
N VAL D 151 35.71 48.68 -12.10
CA VAL D 151 37.12 48.68 -12.50
C VAL D 151 37.16 49.08 -13.97
N ASP D 152 37.71 50.26 -14.25
CA ASP D 152 37.63 50.85 -15.59
C ASP D 152 36.18 50.84 -16.09
N ASN D 153 35.25 51.17 -15.20
CA ASN D 153 33.83 51.27 -15.50
C ASN D 153 33.19 49.93 -15.80
N ALA D 154 33.83 48.82 -15.42
CA ALA D 154 33.25 47.49 -15.59
C ALA D 154 32.67 47.04 -14.25
N LEU D 155 31.37 46.79 -14.23
CA LEU D 155 30.71 46.41 -12.99
C LEU D 155 31.19 45.03 -12.55
N GLN D 156 31.67 44.95 -11.32
CA GLN D 156 32.19 43.70 -10.78
C GLN D 156 31.07 42.85 -10.19
N SER D 157 31.33 41.55 -10.10
CA SER D 157 30.34 40.61 -9.57
C SER D 157 31.08 39.39 -9.02
N GLY D 158 30.68 38.96 -7.82
CA GLY D 158 31.18 37.73 -7.25
C GLY D 158 32.55 37.81 -6.62
N ASN D 159 33.22 38.96 -6.68
CA ASN D 159 34.57 39.11 -6.18
C ASN D 159 34.65 40.12 -5.04
N SER D 160 33.55 40.32 -4.33
CA SER D 160 33.52 41.24 -3.21
C SER D 160 32.67 40.66 -2.09
N GLN D 161 32.97 41.11 -0.87
CA GLN D 161 32.19 40.77 0.31
C GLN D 161 31.95 42.03 1.12
N GLU D 162 30.95 42.00 1.98
CA GLU D 162 30.67 43.18 2.80
C GLU D 162 30.03 42.76 4.11
N SER D 163 30.08 43.67 5.08
CA SER D 163 29.44 43.46 6.36
C SER D 163 29.01 44.81 6.92
N VAL D 164 28.00 44.78 7.79
CA VAL D 164 27.37 45.96 8.34
C VAL D 164 27.45 45.92 9.86
N THR D 165 27.80 47.06 10.46
CA THR D 165 27.83 47.18 11.90
CA THR D 165 27.82 47.16 11.91
C THR D 165 26.41 47.07 12.47
N GLU D 166 26.32 46.94 13.78
CA GLU D 166 25.04 47.03 14.44
C GLU D 166 24.65 48.49 14.59
N GLN D 167 23.39 48.74 14.90
CA GLN D 167 22.94 50.12 15.03
C GLN D 167 23.66 50.80 16.17
N ASP D 168 24.19 52.00 15.90
CA ASP D 168 24.99 52.72 16.88
C ASP D 168 24.15 53.06 18.11
N SER D 169 24.77 52.97 19.28
CA SER D 169 24.04 53.19 20.53
C SER D 169 23.74 54.67 20.77
N LYS D 170 24.41 55.58 20.07
CA LYS D 170 24.20 57.02 20.26
C LYS D 170 23.30 57.62 19.18
N ASP D 171 23.72 57.53 17.92
CA ASP D 171 23.01 58.19 16.83
C ASP D 171 22.18 57.23 15.99
N SER D 172 22.20 55.94 16.30
CA SER D 172 21.32 54.95 15.68
C SER D 172 21.59 54.76 14.19
N THR D 173 22.81 55.05 13.73
CA THR D 173 23.17 54.90 12.33
C THR D 173 23.92 53.58 12.12
N TYR D 174 24.13 53.25 10.85
CA TYR D 174 24.87 52.07 10.45
C TYR D 174 26.14 52.45 9.71
N SER D 175 27.07 51.50 9.70
CA SER D 175 28.26 51.58 8.87
C SER D 175 28.48 50.25 8.18
N LEU D 176 29.16 50.31 7.03
CA LEU D 176 29.30 49.16 6.15
C LEU D 176 30.70 49.14 5.57
N SER D 177 31.30 47.96 5.53
CA SER D 177 32.62 47.76 4.93
C SER D 177 32.50 46.75 3.80
N SER D 178 33.07 47.10 2.65
CA SER D 178 33.08 46.23 1.48
C SER D 178 34.50 46.05 0.98
N THR D 179 34.86 44.81 0.66
CA THR D 179 36.19 44.46 0.19
C THR D 179 36.08 43.79 -1.18
N LEU D 180 36.77 44.37 -2.15
CA LEU D 180 36.92 43.79 -3.48
C LEU D 180 38.31 43.16 -3.55
N THR D 181 38.35 41.85 -3.84
CA THR D 181 39.60 41.10 -3.82
C THR D 181 39.94 40.66 -5.24
N LEU D 182 41.10 41.11 -5.73
CA LEU D 182 41.63 40.72 -7.02
C LEU D 182 43.00 40.07 -6.83
N SER D 183 43.50 39.46 -7.90
CA SER D 183 44.89 39.04 -7.93
C SER D 183 45.80 40.21 -8.32
N LYS D 184 47.07 40.11 -7.91
CA LYS D 184 48.03 41.15 -8.24
C LYS D 184 48.03 41.43 -9.74
N ALA D 185 48.03 40.37 -10.55
CA ALA D 185 48.02 40.54 -12.01
C ALA D 185 46.77 41.25 -12.47
N ASP D 186 45.60 40.71 -12.12
CA ASP D 186 44.35 41.36 -12.51
C ASP D 186 44.30 42.80 -12.01
N TYR D 187 44.80 43.05 -10.80
CA TYR D 187 44.81 44.40 -10.27
C TYR D 187 45.68 45.33 -11.12
N GLU D 188 46.81 44.82 -11.61
CA GLU D 188 47.71 45.63 -12.41
C GLU D 188 47.30 45.70 -13.88
N LYS D 189 46.27 44.98 -14.29
CA LYS D 189 45.76 45.13 -15.65
C LYS D 189 44.80 46.31 -15.82
N HIS D 190 44.41 46.97 -14.73
CA HIS D 190 43.44 48.06 -14.81
C HIS D 190 43.94 49.26 -14.02
N LYS D 191 43.33 50.41 -14.29
CA LYS D 191 43.76 51.69 -13.73
C LYS D 191 42.75 52.26 -12.72
N VAL D 192 41.52 52.52 -13.16
CA VAL D 192 40.56 53.25 -12.33
C VAL D 192 39.78 52.26 -11.49
N TYR D 193 39.79 52.47 -10.17
CA TYR D 193 39.05 51.66 -9.22
C TYR D 193 38.07 52.54 -8.47
N ALA D 194 36.80 52.15 -8.45
CA ALA D 194 35.75 52.98 -7.90
C ALA D 194 34.73 52.12 -7.15
N CYS D 195 34.15 52.68 -6.10
CA CYS D 195 32.94 52.14 -5.49
C CYS D 195 31.85 53.20 -5.59
N GLU D 196 30.69 52.77 -6.07
CA GLU D 196 29.51 53.62 -6.23
C GLU D 196 28.49 53.20 -5.18
N VAL D 197 27.98 54.18 -4.44
CA VAL D 197 27.07 53.94 -3.32
C VAL D 197 25.72 54.53 -3.69
N THR D 198 24.68 53.71 -3.54
CA THR D 198 23.29 54.13 -3.70
C THR D 198 22.59 54.00 -2.36
N HIS D 199 21.89 55.06 -1.96
CA HIS D 199 21.24 55.13 -0.66
C HIS D 199 20.15 56.17 -0.70
N GLN D 200 19.10 55.96 0.10
CA GLN D 200 17.94 56.84 0.08
C GLN D 200 18.32 58.29 0.39
N GLY D 201 19.34 58.50 1.21
CA GLY D 201 19.78 59.83 1.58
C GLY D 201 20.58 60.57 0.53
N LEU D 202 20.89 59.91 -0.58
CA LEU D 202 21.63 60.52 -1.69
C LEU D 202 20.67 60.72 -2.85
N SER D 203 20.63 61.94 -3.40
CA SER D 203 19.76 62.20 -4.54
C SER D 203 20.25 61.48 -5.80
N SER D 204 21.55 61.31 -5.94
CA SER D 204 22.15 60.51 -7.00
C SER D 204 23.30 59.71 -6.43
N PRO D 205 23.62 58.54 -6.99
CA PRO D 205 24.70 57.72 -6.44
C PRO D 205 25.99 58.51 -6.31
N VAL D 206 26.78 58.18 -5.28
CA VAL D 206 28.04 58.84 -5.00
C VAL D 206 29.17 57.85 -5.26
N THR D 207 30.20 58.29 -5.99
CA THR D 207 31.30 57.42 -6.36
C THR D 207 32.60 57.94 -5.76
N LYS D 208 33.39 57.04 -5.17
CA LYS D 208 34.74 57.35 -4.75
C LYS D 208 35.70 56.45 -5.51
N SER D 209 36.83 57.01 -5.94
CA SER D 209 37.72 56.26 -6.82
C SER D 209 39.16 56.73 -6.65
N PHE D 210 40.06 55.89 -7.15
CA PHE D 210 41.47 56.21 -7.27
C PHE D 210 42.01 55.58 -8.56
N ASN D 211 43.22 55.97 -8.91
CA ASN D 211 43.93 55.38 -10.05
C ASN D 211 45.11 54.56 -9.54
N ARG D 212 45.31 53.38 -10.15
CA ARG D 212 46.32 52.45 -9.64
C ARG D 212 47.66 53.16 -9.49
N GLY D 213 48.12 53.84 -10.53
CA GLY D 213 49.18 54.81 -10.37
C GLY D 213 48.67 56.02 -9.59
N GLU D 214 49.54 56.57 -8.76
CA GLU D 214 49.17 57.63 -7.81
C GLU D 214 48.58 56.99 -6.56
N CYS D 215 47.61 57.66 -5.94
CA CYS D 215 46.87 57.13 -4.79
C CYS D 215 46.69 55.61 -4.86
N VAL E 2 1.85 -5.43 38.28
CA VAL E 2 1.25 -4.15 37.90
C VAL E 2 -0.19 -4.37 37.47
N GLN E 3 -1.09 -3.55 37.99
CA GLN E 3 -2.52 -3.66 37.66
C GLN E 3 -3.14 -2.29 37.55
N LEU E 4 -3.99 -2.12 36.54
CA LEU E 4 -4.79 -0.92 36.34
C LEU E 4 -6.24 -1.34 36.20
N VAL E 5 -7.08 -0.91 37.13
CA VAL E 5 -8.49 -1.31 37.17
C VAL E 5 -9.36 -0.07 37.01
N GLN E 6 -10.23 -0.09 36.01
CA GLN E 6 -11.04 1.06 35.64
C GLN E 6 -12.48 0.91 36.10
N SER E 7 -13.18 2.04 36.18
CA SER E 7 -14.57 2.03 36.59
C SER E 7 -15.43 1.35 35.53
N GLY E 8 -16.70 1.13 35.88
CA GLY E 8 -17.59 0.34 35.06
C GLY E 8 -18.21 1.13 33.92
N ALA E 9 -19.00 0.41 33.13
CA ALA E 9 -19.60 1.00 31.93
C ALA E 9 -20.46 2.20 32.28
N GLU E 10 -20.61 3.10 31.32
CA GLU E 10 -21.36 4.34 31.48
C GLU E 10 -22.30 4.52 30.30
N VAL E 11 -23.49 5.02 30.58
CA VAL E 11 -24.46 5.41 29.56
C VAL E 11 -24.82 6.87 29.78
N LYS E 12 -24.69 7.67 28.73
CA LYS E 12 -24.92 9.11 28.84
C LYS E 12 -25.69 9.60 27.62
N LYS E 13 -26.42 10.69 27.80
CA LYS E 13 -27.09 11.36 26.69
C LYS E 13 -26.19 12.43 26.10
N PRO E 14 -26.41 12.80 24.84
CA PRO E 14 -25.63 13.90 24.25
C PRO E 14 -25.70 15.16 25.09
N GLY E 15 -24.56 15.82 25.24
CA GLY E 15 -24.45 17.02 26.04
C GLY E 15 -23.99 16.77 27.47
N ALA E 16 -24.15 15.55 27.98
CA ALA E 16 -23.76 15.23 29.34
C ALA E 16 -22.24 15.06 29.44
N SER E 17 -21.77 14.78 30.65
CA SER E 17 -20.36 14.55 30.92
C SER E 17 -20.19 13.16 31.52
N VAL E 18 -18.95 12.67 31.50
CA VAL E 18 -18.60 11.38 32.06
C VAL E 18 -17.24 11.49 32.71
N LYS E 19 -17.05 10.74 33.80
CA LYS E 19 -15.77 10.71 34.52
C LYS E 19 -15.39 9.25 34.75
N VAL E 20 -14.26 8.83 34.19
CA VAL E 20 -13.76 7.46 34.29
C VAL E 20 -12.55 7.47 35.21
N SER E 21 -12.44 6.42 36.02
CA SER E 21 -11.34 6.28 36.97
C SER E 21 -10.45 5.11 36.59
N CYS E 22 -9.23 5.15 37.10
CA CYS E 22 -8.21 4.16 36.79
C CYS E 22 -7.33 4.02 38.03
N LYS E 23 -7.57 2.95 38.79
CA LYS E 23 -6.86 2.71 40.04
C LYS E 23 -5.65 1.84 39.76
N ALA E 24 -4.48 2.30 40.17
CA ALA E 24 -3.21 1.64 39.89
C ALA E 24 -2.67 0.93 41.13
N SER E 25 -2.02 -0.20 40.91
CA SER E 25 -1.36 -0.91 41.99
C SER E 25 -0.18 -1.69 41.42
N GLY E 26 0.75 -2.04 42.31
CA GLY E 26 1.92 -2.82 41.95
C GLY E 26 3.16 -2.03 41.60
N TYR E 27 3.15 -0.71 41.79
CA TYR E 27 4.32 0.11 41.50
C TYR E 27 4.14 1.46 42.18
N THR E 28 5.20 2.26 42.13
CA THR E 28 5.17 3.61 42.69
C THR E 28 4.34 4.50 41.77
N PHE E 29 3.11 4.81 42.19
CA PHE E 29 2.18 5.53 41.34
C PHE E 29 2.77 6.84 40.82
N THR E 30 3.53 7.53 41.67
CA THR E 30 4.02 8.87 41.34
C THR E 30 5.18 8.86 40.35
N SER E 31 5.75 7.69 40.04
CA SER E 31 6.95 7.62 39.21
C SER E 31 6.66 7.48 37.73
N TYR E 32 5.40 7.35 37.32
CA TYR E 32 5.08 7.07 35.93
C TYR E 32 3.91 7.93 35.47
N ALA E 33 3.99 8.38 34.22
CA ALA E 33 2.90 9.14 33.62
C ALA E 33 1.78 8.20 33.22
N MET E 34 0.55 8.70 33.31
CA MET E 34 -0.64 7.95 32.93
C MET E 34 -1.30 8.63 31.73
N HIS E 35 -1.51 7.88 30.67
CA HIS E 35 -2.13 8.35 29.44
C HIS E 35 -3.53 7.78 29.32
N TRP E 36 -4.36 8.46 28.55
CA TRP E 36 -5.71 8.00 28.25
C TRP E 36 -5.87 7.87 26.74
N VAL E 37 -6.39 6.72 26.31
CA VAL E 37 -6.49 6.36 24.90
C VAL E 37 -7.86 5.73 24.70
N ARG E 38 -8.59 6.17 23.68
CA ARG E 38 -9.91 5.60 23.43
C ARG E 38 -9.94 4.84 22.12
N GLN E 39 -10.96 3.99 21.99
CA GLN E 39 -11.13 3.13 20.82
C GLN E 39 -12.62 3.10 20.50
N ALA E 40 -13.03 3.84 19.49
CA ALA E 40 -14.40 3.74 19.01
C ALA E 40 -14.55 2.49 18.16
N PRO E 41 -15.75 1.91 18.10
CA PRO E 41 -15.92 0.67 17.32
C PRO E 41 -15.54 0.89 15.86
N GLY E 42 -14.58 0.09 15.39
CA GLY E 42 -14.13 0.17 14.02
C GLY E 42 -13.14 1.28 13.71
N GLN E 43 -12.59 1.93 14.73
CA GLN E 43 -11.71 3.07 14.55
C GLN E 43 -10.33 2.78 15.15
N ARG E 44 -9.41 3.71 14.89
CA ARG E 44 -8.07 3.61 15.44
C ARG E 44 -8.06 3.92 16.94
N LEU E 45 -7.07 3.37 17.62
CA LEU E 45 -6.78 3.82 18.98
C LEU E 45 -6.41 5.29 18.91
N GLU E 46 -7.01 6.09 19.77
CA GLU E 46 -6.90 7.54 19.69
C GLU E 46 -6.41 8.07 21.02
N TRP E 47 -5.22 8.65 21.02
CA TRP E 47 -4.65 9.21 22.24
C TRP E 47 -5.38 10.50 22.60
N MET E 48 -5.57 10.71 23.90
CA MET E 48 -6.33 11.84 24.41
C MET E 48 -5.51 12.80 25.26
N GLY E 49 -4.62 12.27 26.08
CA GLY E 49 -3.84 13.12 26.97
C GLY E 49 -3.02 12.28 27.91
N TRP E 50 -2.11 12.96 28.60
CA TRP E 50 -1.37 12.33 29.69
C TRP E 50 -1.31 13.28 30.88
N ILE E 51 -1.11 12.68 32.04
CA ILE E 51 -0.90 13.38 33.30
C ILE E 51 0.31 12.76 33.98
N ASN E 52 1.22 13.61 34.47
CA ASN E 52 2.33 13.16 35.30
C ASN E 52 1.80 12.89 36.69
N ALA E 53 1.80 11.62 37.10
CA ALA E 53 1.21 11.26 38.38
C ALA E 53 1.92 11.93 39.54
N GLY E 54 3.19 12.29 39.36
CA GLY E 54 3.96 12.94 40.41
C GLY E 54 3.56 14.37 40.67
N ASN E 55 3.81 15.26 39.70
CA ASN E 55 3.59 16.68 39.88
C ASN E 55 2.24 17.14 39.35
N GLY E 56 1.44 16.26 38.76
CA GLY E 56 0.11 16.61 38.32
C GLY E 56 0.06 17.41 37.04
N ASN E 57 1.20 17.66 36.42
CA ASN E 57 1.23 18.39 35.15
C ASN E 57 0.56 17.52 34.08
N THR E 58 -0.15 18.18 33.15
CA THR E 58 -0.91 17.49 32.13
C THR E 58 -0.64 18.05 30.75
N LYS E 59 -0.97 17.25 29.74
CA LYS E 59 -1.02 17.70 28.35
C LYS E 59 -2.14 16.96 27.64
N TYR E 60 -2.88 17.67 26.81
CA TYR E 60 -4.06 17.15 26.11
C TYR E 60 -3.90 17.21 24.60
N SER E 61 -4.59 16.31 23.92
CA SER E 61 -4.71 16.40 22.47
C SER E 61 -5.59 17.60 22.10
N GLN E 62 -5.17 18.31 21.05
CA GLN E 62 -5.94 19.49 20.62
C GLN E 62 -7.33 19.12 20.09
N LYS E 63 -7.55 17.86 19.71
CA LYS E 63 -8.89 17.46 19.29
C LYS E 63 -9.87 17.53 20.46
N PHE E 64 -9.39 17.30 21.69
CA PHE E 64 -10.22 17.29 22.88
C PHE E 64 -9.98 18.50 23.79
N GLN E 65 -9.04 19.37 23.45
CA GLN E 65 -8.77 20.53 24.28
C GLN E 65 -10.05 21.33 24.51
N GLY E 66 -10.27 21.73 25.76
CA GLY E 66 -11.45 22.47 26.13
C GLY E 66 -12.63 21.65 26.60
N ARG E 67 -12.56 20.32 26.46
CA ARG E 67 -13.66 19.44 26.86
C ARG E 67 -13.17 18.20 27.59
N VAL E 68 -11.88 18.10 27.89
CA VAL E 68 -11.32 16.94 28.58
C VAL E 68 -10.45 17.43 29.74
N THR E 69 -10.53 16.73 30.86
CA THR E 69 -9.75 17.04 32.05
C THR E 69 -9.21 15.75 32.65
N ILE E 70 -7.90 15.69 32.87
CA ILE E 70 -7.25 14.54 33.46
C ILE E 70 -6.69 14.94 34.82
N THR E 71 -7.02 14.16 35.84
CA THR E 71 -6.63 14.46 37.22
C THR E 71 -6.01 13.21 37.84
N ARG E 72 -5.45 13.39 39.03
CA ARG E 72 -4.86 12.28 39.76
C ARG E 72 -5.01 12.51 41.26
N ASP E 73 -5.38 11.44 41.96
CA ASP E 73 -5.41 11.39 43.42
C ASP E 73 -4.26 10.47 43.83
N THR E 74 -3.19 11.06 44.37
CA THR E 74 -2.00 10.30 44.72
C THR E 74 -2.25 9.37 45.88
N SER E 75 -3.00 9.82 46.90
CA SER E 75 -3.24 8.99 48.07
C SER E 75 -4.11 7.79 47.74
N ALA E 76 -4.89 7.85 46.67
CA ALA E 76 -5.69 6.72 46.21
C ALA E 76 -5.06 6.00 45.02
N SER E 77 -3.89 6.43 44.57
CA SER E 77 -3.22 5.85 43.41
C SER E 77 -4.18 5.74 42.23
N THR E 78 -4.91 6.83 41.95
CA THR E 78 -5.96 6.79 40.96
C THR E 78 -5.82 7.97 39.99
N ALA E 79 -6.01 7.69 38.71
CA ALA E 79 -6.10 8.72 37.68
C ALA E 79 -7.53 8.81 37.17
N TYR E 80 -7.92 10.00 36.72
CA TYR E 80 -9.28 10.25 36.29
C TYR E 80 -9.28 11.00 34.96
N MET E 81 -10.27 10.68 34.12
CA MET E 81 -10.46 11.35 32.85
C MET E 81 -11.92 11.76 32.75
N GLU E 82 -12.18 13.06 32.59
CA GLU E 82 -13.52 13.60 32.50
C GLU E 82 -13.70 14.20 31.11
N LEU E 83 -14.77 13.79 30.42
CA LEU E 83 -15.08 14.27 29.09
C LEU E 83 -16.50 14.82 29.09
N SER E 84 -16.66 16.08 28.70
CA SER E 84 -17.94 16.77 28.72
C SER E 84 -18.42 17.02 27.29
N SER E 85 -19.62 17.57 27.18
CA SER E 85 -20.24 17.85 25.89
C SER E 85 -20.20 16.61 24.99
N LEU E 86 -20.62 15.49 25.57
CA LEU E 86 -20.53 14.21 24.87
C LEU E 86 -21.42 14.18 23.63
N ARG E 87 -20.89 13.61 22.55
CA ARG E 87 -21.64 13.39 21.33
C ARG E 87 -21.65 11.90 21.00
N SER E 88 -22.53 11.51 20.09
CA SER E 88 -22.68 10.09 19.77
C SER E 88 -21.39 9.47 19.28
N GLU E 89 -20.51 10.25 18.65
CA GLU E 89 -19.24 9.72 18.18
C GLU E 89 -18.22 9.55 19.30
N ASP E 90 -18.57 9.90 20.53
CA ASP E 90 -17.71 9.63 21.69
C ASP E 90 -17.94 8.24 22.24
N THR E 91 -18.98 7.54 21.78
CA THR E 91 -19.19 6.14 22.15
C THR E 91 -17.97 5.31 21.84
N ALA E 92 -17.33 4.78 22.88
CA ALA E 92 -16.07 4.08 22.69
C ALA E 92 -15.64 3.42 23.98
N VAL E 93 -14.61 2.58 23.88
CA VAL E 93 -13.94 2.01 25.04
C VAL E 93 -12.76 2.90 25.39
N TYR E 94 -12.73 3.41 26.62
CA TYR E 94 -11.68 4.30 27.09
C TYR E 94 -10.73 3.52 27.99
N TYR E 95 -9.43 3.60 27.68
CA TYR E 95 -8.37 2.89 28.39
C TYR E 95 -7.45 3.89 29.06
N CYS E 96 -7.00 3.56 30.26
CA CYS E 96 -5.83 4.18 30.83
C CYS E 96 -4.62 3.29 30.59
N ALA E 97 -3.45 3.91 30.43
CA ALA E 97 -2.24 3.16 30.14
C ALA E 97 -1.04 3.85 30.79
N ARG E 98 -0.17 3.05 31.38
CA ARG E 98 1.05 3.56 31.99
C ARG E 98 2.14 3.67 30.93
N GLU E 99 2.91 4.74 31.00
CA GLU E 99 4.02 4.96 30.08
C GLU E 99 5.33 4.56 30.74
N GLN E 100 6.05 3.64 30.11
CA GLN E 100 7.40 3.27 30.52
C GLN E 100 8.39 4.20 29.83
N TRP E 101 9.19 4.91 30.62
CA TRP E 101 10.19 5.82 30.08
C TRP E 101 11.51 5.14 29.78
N LEU E 102 11.81 4.02 30.45
CA LEU E 102 13.11 3.37 30.29
C LEU E 102 13.36 3.00 28.83
N ASP E 103 14.57 3.33 28.36
CA ASP E 103 14.94 3.17 26.96
C ASP E 103 14.14 4.16 26.12
N LEU E 104 13.19 3.68 25.33
CA LEU E 104 12.31 4.53 24.53
C LEU E 104 10.91 4.44 25.10
N ALA E 105 10.21 5.58 25.12
CA ALA E 105 8.88 5.62 25.74
C ALA E 105 7.94 4.63 25.06
N HIS E 106 7.12 3.96 25.87
CA HIS E 106 6.14 3.01 25.37
C HIS E 106 5.14 2.71 26.48
N PHE E 107 3.95 2.27 26.08
CA PHE E 107 2.86 1.96 27.01
C PHE E 107 2.97 0.50 27.40
N ASP E 108 3.40 0.23 28.64
CA ASP E 108 3.69 -1.13 29.05
C ASP E 108 2.54 -1.82 29.76
N TYR E 109 1.60 -1.09 30.36
CA TYR E 109 0.47 -1.71 31.02
C TYR E 109 -0.79 -0.91 30.73
N TRP E 110 -1.90 -1.63 30.51
CA TRP E 110 -3.18 -1.02 30.16
C TRP E 110 -4.26 -1.47 31.13
N GLY E 111 -5.21 -0.58 31.40
CA GLY E 111 -6.42 -0.97 32.10
C GLY E 111 -7.32 -1.80 31.22
N GLN E 112 -8.33 -2.42 31.84
CA GLN E 112 -9.20 -3.31 31.08
C GLN E 112 -10.17 -2.56 30.17
N GLY E 113 -10.34 -1.26 30.37
CA GLY E 113 -11.20 -0.49 29.50
C GLY E 113 -12.55 -0.21 30.13
N THR E 114 -13.16 0.90 29.73
CA THR E 114 -14.47 1.31 30.19
C THR E 114 -15.32 1.68 28.99
N LEU E 115 -16.45 1.00 28.81
CA LEU E 115 -17.35 1.30 27.70
C LEU E 115 -18.22 2.50 28.05
N VAL E 116 -18.08 3.58 27.29
CA VAL E 116 -18.96 4.74 27.41
C VAL E 116 -19.86 4.75 26.17
N THR E 117 -21.17 4.69 26.39
CA THR E 117 -22.17 4.70 25.33
C THR E 117 -22.94 6.00 25.39
N VAL E 118 -22.86 6.79 24.32
CA VAL E 118 -23.56 8.06 24.20
C VAL E 118 -24.69 7.89 23.20
N SER E 119 -25.93 8.13 23.64
CA SER E 119 -27.09 7.93 22.78
C SER E 119 -28.19 8.88 23.23
N SER E 120 -28.89 9.46 22.25
CA SER E 120 -30.02 10.33 22.57
C SER E 120 -31.21 9.53 23.09
N GLY E 121 -31.30 8.26 22.73
CA GLY E 121 -32.33 7.41 23.27
C GLY E 121 -32.12 7.17 24.76
N SER E 122 -32.99 6.35 25.32
CA SER E 122 -32.97 6.01 26.73
C SER E 122 -32.91 4.50 26.90
N ALA E 123 -32.36 4.06 28.02
CA ALA E 123 -32.22 2.63 28.28
C ALA E 123 -33.56 1.94 28.10
N SER E 124 -33.51 0.74 27.51
CA SER E 124 -34.72 0.01 27.21
C SER E 124 -34.41 -1.46 27.05
N ALA E 125 -35.36 -2.30 27.46
CA ALA E 125 -35.25 -3.74 27.29
C ALA E 125 -35.58 -4.13 25.85
N PRO E 126 -35.14 -5.31 25.42
CA PRO E 126 -35.37 -5.72 24.03
C PRO E 126 -36.79 -6.19 23.80
N THR E 127 -37.20 -6.10 22.54
CA THR E 127 -38.44 -6.70 22.06
C THR E 127 -38.08 -7.86 21.15
N LEU E 128 -38.71 -9.01 21.39
CA LEU E 128 -38.34 -10.25 20.71
C LEU E 128 -39.36 -10.59 19.63
N PHE E 129 -38.86 -11.04 18.48
CA PHE E 129 -39.67 -11.52 17.39
C PHE E 129 -39.12 -12.85 16.88
N PRO E 130 -39.99 -13.80 16.54
CA PRO E 130 -39.51 -15.09 16.06
C PRO E 130 -39.09 -15.05 14.60
N LEU E 131 -38.08 -15.86 14.28
CA LEU E 131 -37.62 -16.04 12.91
C LEU E 131 -37.96 -17.47 12.52
N VAL E 132 -39.01 -17.61 11.70
CA VAL E 132 -39.56 -18.89 11.28
C VAL E 132 -39.40 -19.04 9.77
N SER E 133 -38.88 -20.18 9.34
CA SER E 133 -38.75 -20.43 7.91
C SER E 133 -40.11 -20.42 7.24
N CYS E 134 -40.16 -19.93 6.01
CA CYS E 134 -41.43 -19.84 5.29
C CYS E 134 -41.77 -21.15 4.60
N SER E 142 -31.02 -33.09 6.31
CA SER E 142 -30.92 -31.64 6.46
C SER E 142 -31.37 -31.21 7.85
N SER E 143 -30.85 -30.07 8.30
CA SER E 143 -31.19 -29.48 9.59
C SER E 143 -31.99 -28.21 9.36
N VAL E 144 -33.00 -27.98 10.21
CA VAL E 144 -33.87 -26.82 10.09
C VAL E 144 -33.34 -25.68 10.97
N ALA E 145 -33.44 -24.47 10.47
CA ALA E 145 -32.93 -23.27 11.14
C ALA E 145 -34.09 -22.49 11.75
N VAL E 146 -33.97 -22.15 13.03
CA VAL E 146 -34.94 -21.33 13.74
C VAL E 146 -34.20 -20.17 14.40
N GLY E 147 -34.86 -19.03 14.54
CA GLY E 147 -34.15 -17.87 15.01
C GLY E 147 -34.96 -16.92 15.87
N CYS E 148 -34.27 -15.88 16.34
CA CYS E 148 -34.82 -14.94 17.31
C CYS E 148 -34.21 -13.57 17.04
N LEU E 149 -35.06 -12.53 16.95
CA LEU E 149 -34.62 -11.16 16.68
C LEU E 149 -34.95 -10.29 17.89
N ALA E 150 -33.92 -9.73 18.51
CA ALA E 150 -34.07 -8.77 19.59
C ALA E 150 -33.85 -7.37 19.05
N GLN E 151 -34.78 -6.47 19.30
CA GLN E 151 -34.73 -5.12 18.77
C GLN E 151 -34.90 -4.09 19.89
N ASP E 152 -34.39 -2.88 19.62
CA ASP E 152 -34.78 -1.70 20.40
C ASP E 152 -34.38 -1.85 21.86
N PHE E 153 -33.14 -2.26 22.09
CA PHE E 153 -32.61 -2.39 23.44
C PHE E 153 -31.35 -1.54 23.59
N LEU E 154 -31.11 -1.11 24.81
CA LEU E 154 -30.01 -0.23 25.15
C LEU E 154 -29.75 -0.36 26.64
N PRO E 155 -28.50 -0.59 27.08
CA PRO E 155 -27.26 -0.66 26.29
C PRO E 155 -27.08 -1.98 25.54
N ASP E 156 -26.02 -2.07 24.73
CA ASP E 156 -25.70 -3.28 23.98
C ASP E 156 -25.05 -4.27 24.95
N SER E 157 -25.92 -4.91 25.74
CA SER E 157 -25.49 -5.86 26.78
C SER E 157 -26.59 -6.92 26.88
N ILE E 158 -26.55 -7.88 25.96
CA ILE E 158 -27.62 -8.86 25.81
C ILE E 158 -27.02 -10.26 25.70
N THR E 159 -27.78 -11.25 26.17
CA THR E 159 -27.37 -12.64 26.01
C THR E 159 -28.57 -13.52 25.68
N PHE E 160 -28.38 -14.41 24.71
CA PHE E 160 -29.42 -15.33 24.27
C PHE E 160 -29.25 -16.71 24.90
N SER E 161 -30.37 -17.41 25.06
CA SER E 161 -30.37 -18.82 25.41
C SER E 161 -31.64 -19.45 24.84
N TRP E 162 -31.62 -20.77 24.70
CA TRP E 162 -32.71 -21.48 24.04
C TRP E 162 -33.15 -22.67 24.89
N LYS E 163 -34.45 -22.95 24.83
CA LYS E 163 -35.02 -24.07 25.58
C LYS E 163 -36.01 -24.81 24.69
N TYR E 164 -36.07 -26.13 24.86
CA TYR E 164 -37.09 -26.91 24.17
C TYR E 164 -38.45 -26.71 24.86
N LYS E 165 -39.48 -27.37 24.32
CA LYS E 165 -40.77 -27.38 24.98
C LYS E 165 -40.67 -28.02 26.37
N ASN E 166 -40.02 -29.19 26.43
CA ASN E 166 -39.85 -29.90 27.70
C ASN E 166 -38.76 -29.29 28.58
N ASN E 167 -38.38 -28.04 28.32
CA ASN E 167 -37.57 -27.20 29.22
C ASN E 167 -36.11 -27.58 29.23
N SER E 168 -35.65 -28.44 28.33
CA SER E 168 -34.24 -28.77 28.24
C SER E 168 -33.51 -27.74 27.38
N ASP E 169 -32.22 -27.58 27.63
CA ASP E 169 -31.43 -26.59 26.91
C ASP E 169 -31.16 -27.04 25.48
N ILE E 170 -31.16 -26.08 24.56
CA ILE E 170 -30.70 -26.28 23.20
C ILE E 170 -29.26 -25.75 23.12
N SER E 171 -28.32 -26.65 22.83
CA SER E 171 -26.91 -26.28 22.86
C SER E 171 -26.42 -25.71 21.54
N SER E 172 -26.99 -26.14 20.42
CA SER E 172 -26.59 -25.61 19.12
C SER E 172 -27.18 -24.21 18.98
N THR E 173 -26.44 -23.22 19.47
CA THR E 173 -26.83 -21.82 19.40
C THR E 173 -25.77 -21.04 18.63
N ARG E 174 -26.19 -19.89 18.10
CA ARG E 174 -25.29 -19.03 17.35
C ARG E 174 -25.72 -17.59 17.55
N GLY E 175 -24.85 -16.80 18.21
CA GLY E 175 -25.06 -15.37 18.38
C GLY E 175 -24.34 -14.55 17.32
N PHE E 176 -24.95 -13.42 16.96
CA PHE E 176 -24.36 -12.46 16.03
C PHE E 176 -24.16 -11.11 16.71
N PRO E 177 -23.12 -10.36 16.35
CA PRO E 177 -22.93 -9.04 16.93
C PRO E 177 -24.12 -8.12 16.69
N SER E 178 -24.39 -7.26 17.66
CA SER E 178 -25.46 -6.28 17.54
C SER E 178 -25.09 -5.22 16.50
N VAL E 179 -26.12 -4.55 16.00
CA VAL E 179 -25.96 -3.41 15.10
C VAL E 179 -26.72 -2.22 15.69
N LEU E 180 -26.19 -1.04 15.43
CA LEU E 180 -26.76 0.21 15.91
C LEU E 180 -27.71 0.78 14.86
N ARG E 181 -28.90 1.17 15.30
CA ARG E 181 -29.95 1.68 14.42
C ARG E 181 -30.81 2.63 15.24
N GLY E 182 -30.93 3.87 14.80
CA GLY E 182 -31.75 4.83 15.53
C GLY E 182 -31.43 4.91 17.00
N GLY E 183 -30.15 4.91 17.35
CA GLY E 183 -29.74 5.03 18.73
C GLY E 183 -30.04 3.84 19.62
N LYS E 184 -30.51 2.73 19.04
CA LYS E 184 -30.78 1.51 19.79
C LYS E 184 -30.21 0.32 19.01
N TYR E 185 -30.05 -0.79 19.71
CA TYR E 185 -29.34 -1.94 19.15
C TYR E 185 -30.30 -3.05 18.75
N ALA E 186 -29.84 -3.87 17.81
CA ALA E 186 -30.58 -5.03 17.36
C ALA E 186 -29.63 -6.20 17.15
N ALA E 187 -30.09 -7.41 17.45
CA ALA E 187 -29.26 -8.60 17.36
C ALA E 187 -30.10 -9.82 17.04
N THR E 188 -29.50 -10.78 16.36
CA THR E 188 -30.16 -12.03 16.01
C THR E 188 -29.44 -13.21 16.66
N SER E 189 -30.20 -14.27 16.92
CA SER E 189 -29.66 -15.53 17.41
C SER E 189 -30.32 -16.67 16.65
N GLN E 190 -29.63 -17.79 16.58
CA GLN E 190 -30.06 -18.89 15.73
C GLN E 190 -29.81 -20.23 16.42
N VAL E 191 -30.68 -21.20 16.13
CA VAL E 191 -30.45 -22.59 16.49
C VAL E 191 -30.73 -23.46 15.28
N LEU E 192 -29.97 -24.56 15.18
CA LEU E 192 -30.11 -25.55 14.12
C LEU E 192 -30.57 -26.86 14.75
N LEU E 193 -31.77 -27.32 14.37
CA LEU E 193 -32.35 -28.52 14.93
C LEU E 193 -32.43 -29.62 13.88
N PRO E 194 -32.03 -30.85 14.19
CA PRO E 194 -32.23 -31.96 13.24
C PRO E 194 -33.70 -32.04 12.83
N SER E 195 -33.94 -32.19 11.53
CA SER E 195 -35.30 -32.20 11.01
C SER E 195 -36.12 -33.31 11.64
N VAL E 206 -40.32 -23.85 20.21
CA VAL E 206 -39.10 -23.72 21.02
C VAL E 206 -39.16 -22.36 21.72
N VAL E 207 -38.35 -22.12 22.75
CA VAL E 207 -38.40 -20.87 23.50
C VAL E 207 -37.06 -20.16 23.36
N CYS E 208 -37.11 -18.91 22.89
CA CYS E 208 -35.96 -18.02 22.88
C CYS E 208 -36.02 -17.14 24.12
N LYS E 209 -34.90 -17.06 24.84
CA LYS E 209 -34.80 -16.32 26.09
C LYS E 209 -33.68 -15.30 25.94
N VAL E 210 -33.92 -14.08 26.41
CA VAL E 210 -32.93 -13.01 26.36
C VAL E 210 -32.76 -12.40 27.74
N GLN E 211 -31.51 -12.18 28.12
CA GLN E 211 -31.14 -11.48 29.33
C GLN E 211 -30.56 -10.13 28.99
N HIS E 212 -31.04 -9.09 29.67
CA HIS E 212 -30.65 -7.70 29.45
C HIS E 212 -30.79 -6.97 30.78
N PRO E 213 -29.92 -6.00 31.09
CA PRO E 213 -30.00 -5.34 32.40
C PRO E 213 -31.33 -4.66 32.67
N ASN E 214 -32.12 -4.35 31.64
CA ASN E 214 -33.34 -3.60 31.83
C ASN E 214 -34.60 -4.47 31.72
N GLY E 215 -34.45 -5.77 31.51
CA GLY E 215 -35.60 -6.65 31.45
C GLY E 215 -35.35 -7.90 30.65
N ASN E 216 -35.52 -9.06 31.28
CA ASN E 216 -35.39 -10.33 30.59
C ASN E 216 -36.68 -10.66 29.86
N LYS E 217 -36.55 -11.31 28.70
CA LYS E 217 -37.70 -11.54 27.84
C LYS E 217 -37.68 -12.96 27.31
N GLU E 218 -38.87 -13.46 26.96
CA GLU E 218 -39.03 -14.79 26.38
C GLU E 218 -39.97 -14.69 25.19
N LYS E 219 -39.80 -15.61 24.25
CA LYS E 219 -40.65 -15.64 23.07
C LYS E 219 -40.72 -17.05 22.52
N ASN E 220 -41.95 -17.52 22.26
CA ASN E 220 -42.15 -18.80 21.60
C ASN E 220 -41.86 -18.67 20.12
N VAL E 221 -41.07 -19.59 19.58
CA VAL E 221 -40.72 -19.63 18.17
C VAL E 221 -41.31 -20.89 17.56
N PRO E 222 -42.28 -20.78 16.66
CA PRO E 222 -42.85 -21.97 16.02
C PRO E 222 -41.82 -22.75 15.20
N LEU E 223 -42.12 -24.03 15.00
CA LEU E 223 -41.33 -24.89 14.13
C LEU E 223 -42.15 -25.30 12.90
N ASP F 1 1.79 15.88 11.78
CA ASP F 1 1.60 14.65 12.60
C ASP F 1 2.10 13.43 11.80
N ILE F 2 2.69 12.48 12.52
CA ILE F 2 3.22 11.26 11.91
C ILE F 2 2.11 10.23 11.81
N GLN F 3 1.78 9.80 10.60
CA GLN F 3 0.81 8.74 10.40
C GLN F 3 1.51 7.40 10.20
N LEU F 4 0.87 6.35 10.71
CA LEU F 4 1.36 4.99 10.59
C LEU F 4 0.36 4.17 9.78
N THR F 5 0.86 3.47 8.77
CA THR F 5 0.07 2.62 7.89
C THR F 5 0.55 1.18 8.05
N GLN F 6 -0.33 0.30 8.48
CA GLN F 6 -0.01 -1.11 8.65
C GLN F 6 -0.47 -1.92 7.43
N SER F 7 0.35 -2.90 7.04
CA SER F 7 0.04 -3.80 5.94
C SER F 7 0.40 -5.23 6.28
N PRO F 8 -0.43 -6.21 5.90
CA PRO F 8 -1.76 -6.07 5.27
C PRO F 8 -2.77 -5.70 6.34
N SER F 9 -4.00 -5.34 5.98
CA SER F 9 -5.02 -5.10 7.00
C SER F 9 -5.54 -6.39 7.59
N SER F 10 -5.45 -7.49 6.85
CA SER F 10 -5.89 -8.79 7.31
C SER F 10 -4.92 -9.83 6.77
N LEU F 11 -4.73 -10.91 7.51
CA LEU F 11 -3.77 -11.93 7.14
C LEU F 11 -4.18 -13.27 7.71
N SER F 12 -4.19 -14.28 6.85
CA SER F 12 -4.55 -15.64 7.22
C SER F 12 -3.31 -16.51 7.24
N ALA F 13 -3.17 -17.32 8.29
CA ALA F 13 -2.03 -18.20 8.42
C ALA F 13 -2.43 -19.39 9.27
N SER F 14 -1.62 -20.44 9.21
CA SER F 14 -1.84 -21.66 9.96
C SER F 14 -0.88 -21.75 11.15
N VAL F 15 -1.29 -22.51 12.15
CA VAL F 15 -0.41 -22.80 13.27
C VAL F 15 0.88 -23.37 12.73
N GLY F 16 2.01 -22.87 13.22
CA GLY F 16 3.32 -23.27 12.77
C GLY F 16 3.90 -22.40 11.68
N ASP F 17 3.09 -21.57 11.04
CA ASP F 17 3.58 -20.70 9.98
C ASP F 17 4.43 -19.56 10.53
N ARG F 18 5.32 -19.07 9.68
CA ARG F 18 6.07 -17.85 9.91
C ARG F 18 5.32 -16.68 9.29
N VAL F 19 5.06 -15.65 10.10
CA VAL F 19 4.23 -14.51 9.70
C VAL F 19 4.99 -13.22 9.91
N THR F 20 4.84 -12.27 8.97
CA THR F 20 5.46 -10.97 9.06
C THR F 20 4.45 -9.90 8.67
N ILE F 21 4.33 -8.86 9.49
CA ILE F 21 3.45 -7.73 9.20
C ILE F 21 4.26 -6.45 9.29
N THR F 22 3.89 -5.46 8.49
CA THR F 22 4.69 -4.26 8.33
C THR F 22 3.94 -3.02 8.79
N CYS F 23 4.70 -2.03 9.23
CA CYS F 23 4.21 -0.71 9.63
C CYS F 23 5.10 0.33 9.00
N ARG F 24 4.51 1.28 8.28
CA ARG F 24 5.24 2.34 7.60
C ARG F 24 4.86 3.69 8.22
N ALA F 25 5.87 4.51 8.48
CA ALA F 25 5.66 5.83 9.07
C ALA F 25 5.80 6.92 8.02
N SER F 26 4.92 7.93 8.09
CA SER F 26 4.93 8.99 7.11
C SER F 26 6.25 9.74 7.09
N GLN F 27 6.99 9.74 8.20
CA GLN F 27 8.33 10.31 8.25
C GLN F 27 9.15 9.53 9.26
N SER F 28 10.46 9.78 9.24
CA SER F 28 11.38 9.03 10.09
C SER F 28 10.99 9.19 11.56
N ILE F 29 10.96 8.07 12.28
CA ILE F 29 10.70 8.03 13.71
C ILE F 29 11.83 7.34 14.47
N SER F 30 12.99 7.18 13.83
CA SER F 30 14.16 6.52 14.43
C SER F 30 13.73 5.11 14.81
N SER F 31 13.91 4.69 16.07
CA SER F 31 13.49 3.37 16.52
C SER F 31 12.32 3.46 17.48
N TYR F 32 11.61 4.59 17.49
CA TYR F 32 10.50 4.82 18.43
C TYR F 32 9.20 4.19 17.93
N LEU F 33 9.22 2.87 17.73
CA LEU F 33 8.02 2.14 17.31
C LEU F 33 7.76 0.96 18.23
N ASN F 34 6.51 0.81 18.63
CA ASN F 34 6.08 -0.21 19.58
C ASN F 34 4.94 -1.01 18.98
N TRP F 35 4.89 -2.29 19.34
CA TRP F 35 3.88 -3.24 18.85
C TRP F 35 3.09 -3.78 20.02
N TYR F 36 1.76 -3.77 19.85
CA TYR F 36 0.79 -4.24 20.83
C TYR F 36 -0.11 -5.31 20.20
N GLN F 37 -0.59 -6.21 21.06
CA GLN F 37 -1.53 -7.25 20.69
C GLN F 37 -2.86 -6.99 21.40
N GLN F 38 -3.97 -7.22 20.69
CA GLN F 38 -5.29 -7.04 21.26
C GLN F 38 -6.21 -8.13 20.74
N LYS F 39 -6.82 -8.86 21.66
CA LYS F 39 -7.86 -9.83 21.39
C LYS F 39 -9.23 -9.23 21.67
N PRO F 40 -10.30 -9.79 21.10
CA PRO F 40 -11.61 -9.13 21.22
C PRO F 40 -12.05 -8.99 22.66
N GLY F 41 -12.53 -7.78 23.00
CA GLY F 41 -13.04 -7.52 24.34
C GLY F 41 -11.97 -7.38 25.41
N LYS F 42 -10.70 -7.25 25.04
CA LYS F 42 -9.60 -7.16 25.98
C LYS F 42 -8.77 -5.93 25.67
N ALA F 43 -7.91 -5.57 26.62
CA ALA F 43 -7.04 -4.42 26.46
C ALA F 43 -5.81 -4.76 25.63
N PRO F 44 -5.21 -3.76 24.97
CA PRO F 44 -3.95 -4.02 24.28
C PRO F 44 -2.88 -4.51 25.25
N LYS F 45 -1.92 -5.26 24.71
CA LYS F 45 -0.82 -5.80 25.49
C LYS F 45 0.48 -5.56 24.74
N LEU F 46 1.49 -5.06 25.46
CA LEU F 46 2.76 -4.72 24.82
C LEU F 46 3.50 -5.99 24.42
N LEU F 47 3.97 -6.02 23.17
CA LEU F 47 4.82 -7.09 22.68
C LEU F 47 6.24 -6.61 22.45
N ILE F 48 6.41 -5.53 21.68
CA ILE F 48 7.72 -5.05 21.29
C ILE F 48 7.77 -3.55 21.54
N TYR F 49 8.93 -3.04 21.95
CA TYR F 49 9.14 -1.61 22.06
C TYR F 49 10.49 -1.26 21.44
N ALA F 50 10.64 0.01 21.08
CA ALA F 50 11.87 0.53 20.48
C ALA F 50 12.23 -0.27 19.22
N ALA F 51 11.20 -0.67 18.47
CA ALA F 51 11.33 -1.32 17.17
C ALA F 51 11.68 -2.80 17.28
N SER F 52 12.59 -3.16 18.20
CA SER F 52 13.12 -4.52 18.20
C SER F 52 13.39 -5.09 19.58
N SER F 53 12.94 -4.45 20.65
CA SER F 53 13.17 -4.95 22.01
C SER F 53 11.95 -5.73 22.47
N LEU F 54 12.17 -6.97 22.87
CA LEU F 54 11.09 -7.84 23.33
C LEU F 54 10.74 -7.52 24.78
N GLN F 55 9.45 -7.29 25.03
CA GLN F 55 8.98 -7.07 26.39
C GLN F 55 9.11 -8.34 27.21
N SER F 56 9.45 -8.18 28.48
CA SER F 56 9.60 -9.32 29.38
C SER F 56 8.29 -10.09 29.50
N GLY F 57 8.39 -11.41 29.42
CA GLY F 57 7.23 -12.29 29.50
C GLY F 57 6.61 -12.63 28.18
N VAL F 58 6.99 -11.96 27.09
CA VAL F 58 6.43 -12.22 25.77
C VAL F 58 7.22 -13.37 25.15
N PRO F 59 6.56 -14.37 24.56
CA PRO F 59 7.31 -15.50 23.98
C PRO F 59 8.35 -15.04 22.97
N SER F 60 9.45 -15.78 22.91
CA SER F 60 10.57 -15.41 22.05
C SER F 60 10.27 -15.58 20.57
N ARG F 61 9.16 -16.22 20.21
CA ARG F 61 8.80 -16.32 18.79
C ARG F 61 8.41 -14.97 18.20
N PHE F 62 8.17 -13.96 19.03
CA PHE F 62 7.90 -12.61 18.57
C PHE F 62 9.22 -11.85 18.42
N SER F 63 9.38 -11.15 17.29
CA SER F 63 10.53 -10.28 17.10
C SER F 63 10.10 -9.10 16.23
N GLY F 64 10.91 -8.05 16.28
CA GLY F 64 10.65 -6.87 15.48
C GLY F 64 11.94 -6.30 14.94
N SER F 65 11.84 -5.65 13.78
CA SER F 65 13.01 -4.98 13.21
C SER F 65 12.56 -3.74 12.47
N GLY F 66 13.52 -2.88 12.15
CA GLY F 66 13.26 -1.69 11.37
C GLY F 66 13.77 -0.42 12.02
N SER F 67 13.96 0.62 11.21
CA SER F 67 14.31 1.95 11.70
C SER F 67 13.99 2.96 10.60
N GLY F 68 13.62 4.17 11.02
CA GLY F 68 13.25 5.20 10.07
C GLY F 68 11.77 5.21 9.78
N THR F 69 11.39 4.68 8.62
CA THR F 69 10.01 4.68 8.16
C THR F 69 9.40 3.30 7.96
N ASP F 70 10.19 2.23 8.00
CA ASP F 70 9.72 0.89 7.64
C ASP F 70 10.06 -0.09 8.76
N PHE F 71 9.04 -0.75 9.30
CA PHE F 71 9.21 -1.66 10.44
C PHE F 71 8.42 -2.94 10.22
N THR F 72 8.87 -4.01 10.86
CA THR F 72 8.23 -5.31 10.71
C THR F 72 8.14 -6.00 12.06
N LEU F 73 7.02 -6.69 12.27
CA LEU F 73 6.81 -7.63 13.37
C LEU F 73 6.71 -9.03 12.79
N THR F 74 7.50 -9.96 13.34
CA THR F 74 7.58 -11.32 12.86
C THR F 74 7.25 -12.29 13.99
N ILE F 75 6.40 -13.26 13.68
CA ILE F 75 6.12 -14.41 14.55
C ILE F 75 6.67 -15.63 13.83
N SER F 76 7.67 -16.28 14.45
CA SER F 76 8.43 -17.30 13.74
C SER F 76 7.69 -18.64 13.69
N SER F 77 6.84 -18.93 14.66
CA SER F 77 6.09 -20.18 14.66
C SER F 77 4.74 -19.89 15.34
N LEU F 78 3.72 -19.72 14.52
CA LEU F 78 2.44 -19.22 15.00
C LEU F 78 1.77 -20.25 15.91
N GLN F 79 1.26 -19.79 17.04
CA GLN F 79 0.52 -20.59 18.00
C GLN F 79 -0.95 -20.20 18.00
N PRO F 80 -1.84 -21.09 18.45
CA PRO F 80 -3.27 -20.74 18.44
C PRO F 80 -3.59 -19.44 19.17
N GLU F 81 -2.88 -19.13 20.26
CA GLU F 81 -3.17 -17.93 21.02
C GLU F 81 -2.60 -16.67 20.37
N ASP F 82 -1.94 -16.77 19.22
CA ASP F 82 -1.40 -15.61 18.54
C ASP F 82 -2.37 -14.99 17.54
N PHE F 83 -3.49 -15.63 17.26
CA PHE F 83 -4.47 -15.05 16.35
C PHE F 83 -5.19 -13.93 17.09
N ALA F 84 -4.97 -12.70 16.63
CA ALA F 84 -5.42 -11.50 17.31
C ALA F 84 -5.20 -10.33 16.37
N THR F 85 -5.45 -9.12 16.84
CA THR F 85 -5.14 -7.91 16.10
C THR F 85 -3.86 -7.27 16.64
N TYR F 86 -3.02 -6.76 15.75
CA TYR F 86 -1.74 -6.18 16.11
C TYR F 86 -1.68 -4.73 15.67
N TYR F 87 -1.21 -3.86 16.57
CA TYR F 87 -1.09 -2.42 16.32
C TYR F 87 0.35 -1.97 16.48
N CYS F 88 0.79 -1.08 15.60
CA CYS F 88 2.03 -0.33 15.82
C CYS F 88 1.70 1.07 16.36
N GLN F 89 2.71 1.69 16.96
CA GLN F 89 2.51 2.95 17.66
C GLN F 89 3.85 3.67 17.79
N GLN F 90 3.90 4.94 17.41
CA GLN F 90 5.15 5.69 17.41
C GLN F 90 5.19 6.67 18.58
N SER F 91 6.38 6.82 19.16
CA SER F 91 6.59 7.73 20.29
C SER F 91 7.74 8.70 20.02
N TYR F 92 8.08 8.94 18.76
CA TYR F 92 9.17 9.86 18.47
C TYR F 92 8.70 11.31 18.60
N SER F 93 7.69 11.69 17.82
CA SER F 93 7.19 13.07 17.76
C SER F 93 5.75 13.06 18.27
N THR F 94 5.54 13.69 19.44
CA THR F 94 4.25 13.63 20.11
C THR F 94 3.98 14.96 20.79
N PRO F 95 2.71 15.32 21.00
CA PRO F 95 1.50 14.61 20.55
C PRO F 95 1.25 14.83 19.07
N PRO F 96 0.39 14.02 18.45
CA PRO F 96 -0.33 12.87 19.03
C PRO F 96 0.54 11.62 19.11
N TYR F 97 0.26 10.72 20.05
CA TYR F 97 0.82 9.37 20.03
C TYR F 97 -0.01 8.57 19.03
N THR F 98 0.51 8.40 17.83
CA THR F 98 -0.25 7.83 16.72
C THR F 98 -0.16 6.31 16.69
N PHE F 99 -1.30 5.67 16.43
CA PHE F 99 -1.43 4.23 16.26
C PHE F 99 -1.73 3.89 14.81
N GLY F 100 -1.30 2.70 14.39
CA GLY F 100 -1.73 2.17 13.11
C GLY F 100 -3.16 1.68 13.17
N GLN F 101 -3.71 1.36 11.99
CA GLN F 101 -5.09 0.89 11.92
C GLN F 101 -5.22 -0.57 12.33
N GLY F 102 -4.13 -1.32 12.40
CA GLY F 102 -4.21 -2.67 12.90
C GLY F 102 -4.15 -3.71 11.80
N THR F 103 -3.56 -4.86 12.14
CA THR F 103 -3.53 -6.02 11.28
C THR F 103 -4.17 -7.18 12.04
N LYS F 104 -5.25 -7.74 11.49
CA LYS F 104 -5.94 -8.86 12.11
C LYS F 104 -5.36 -10.15 11.54
N LEU F 105 -4.86 -11.02 12.41
CA LEU F 105 -4.26 -12.29 12.04
C LEU F 105 -5.29 -13.39 12.25
N GLU F 106 -5.59 -14.12 11.18
CA GLU F 106 -6.71 -15.04 11.11
C GLU F 106 -6.22 -16.45 10.80
N ILE F 107 -7.05 -17.44 11.12
CA ILE F 107 -6.72 -18.84 10.88
C ILE F 107 -7.07 -19.21 9.44
N LYS F 108 -6.09 -19.77 8.72
CA LYS F 108 -6.31 -20.22 7.35
C LYS F 108 -6.95 -21.60 7.33
N ARG F 109 -7.90 -21.78 6.40
CA ARG F 109 -8.49 -23.08 6.15
C ARG F 109 -8.94 -23.12 4.69
N THR F 110 -9.53 -24.25 4.28
CA THR F 110 -9.98 -24.40 2.90
C THR F 110 -11.27 -23.62 2.66
N VAL F 111 -11.50 -23.27 1.39
CA VAL F 111 -12.71 -22.54 1.02
C VAL F 111 -13.93 -23.38 1.37
N ALA F 112 -14.90 -22.75 2.03
CA ALA F 112 -16.14 -23.39 2.42
C ALA F 112 -17.30 -22.47 2.10
N ALA F 113 -18.32 -23.01 1.46
CA ALA F 113 -19.48 -22.22 1.05
C ALA F 113 -20.47 -22.10 2.21
N PRO F 114 -21.20 -21.00 2.28
CA PRO F 114 -22.20 -20.82 3.33
C PRO F 114 -23.46 -21.62 3.07
N SER F 115 -24.16 -21.95 4.15
CA SER F 115 -25.56 -22.37 4.04
C SER F 115 -26.44 -21.17 4.40
N VAL F 116 -27.49 -20.95 3.60
CA VAL F 116 -28.25 -19.71 3.64
C VAL F 116 -29.67 -19.99 4.11
N PHE F 117 -30.20 -19.09 4.94
CA PHE F 117 -31.58 -19.18 5.42
C PHE F 117 -32.22 -17.79 5.38
N ILE F 118 -33.49 -17.73 5.00
CA ILE F 118 -34.23 -16.48 4.96
C ILE F 118 -35.44 -16.58 5.89
N PHE F 119 -35.75 -15.48 6.58
CA PHE F 119 -36.82 -15.43 7.56
C PHE F 119 -37.67 -14.19 7.29
N PRO F 120 -38.97 -14.34 7.09
CA PRO F 120 -39.83 -13.16 6.89
C PRO F 120 -40.15 -12.49 8.21
N PRO F 121 -40.73 -11.30 8.18
CA PRO F 121 -41.13 -10.64 9.43
C PRO F 121 -42.29 -11.33 10.10
N SER F 122 -42.30 -11.29 11.43
CA SER F 122 -43.41 -11.82 12.19
C SER F 122 -44.62 -10.89 12.12
N ASP F 123 -45.81 -11.47 12.24
CA ASP F 123 -47.03 -10.67 12.26
C ASP F 123 -47.03 -9.67 13.40
N GLU F 124 -46.56 -10.11 14.57
CA GLU F 124 -46.53 -9.22 15.73
C GLU F 124 -45.72 -7.96 15.44
N GLN F 125 -44.61 -8.10 14.71
CA GLN F 125 -43.85 -6.91 14.34
C GLN F 125 -44.60 -6.10 13.28
N LEU F 126 -45.22 -6.77 12.32
CA LEU F 126 -45.88 -6.04 11.24
C LEU F 126 -46.96 -5.11 11.80
N LYS F 127 -47.69 -5.54 12.83
CA LYS F 127 -48.68 -4.63 13.39
C LYS F 127 -48.02 -3.44 14.10
N SER F 128 -46.74 -3.53 14.43
CA SER F 128 -46.05 -2.38 15.00
C SER F 128 -45.76 -1.30 13.96
N GLY F 129 -45.81 -1.65 12.67
CA GLY F 129 -45.55 -0.72 11.59
C GLY F 129 -44.21 -0.89 10.91
N THR F 130 -43.39 -1.85 11.34
CA THR F 130 -42.08 -2.08 10.77
C THR F 130 -41.92 -3.55 10.42
N ALA F 131 -41.15 -3.83 9.37
CA ALA F 131 -40.93 -5.18 8.88
C ALA F 131 -39.44 -5.44 8.78
N SER F 132 -38.97 -6.46 9.50
CA SER F 132 -37.58 -6.89 9.44
C SER F 132 -37.52 -8.24 8.74
N VAL F 133 -36.69 -8.32 7.71
CA VAL F 133 -36.46 -9.55 6.95
C VAL F 133 -35.02 -9.97 7.19
N VAL F 134 -34.82 -11.20 7.65
CA VAL F 134 -33.49 -11.65 8.10
C VAL F 134 -32.94 -12.68 7.13
N CYS F 135 -31.62 -12.64 6.91
CA CYS F 135 -30.92 -13.60 6.06
C CYS F 135 -29.65 -14.01 6.80
N LEU F 136 -29.52 -15.32 7.05
CA LEU F 136 -28.39 -15.87 7.79
C LEU F 136 -27.52 -16.73 6.89
N LEU F 137 -26.21 -16.52 6.98
CA LEU F 137 -25.20 -17.32 6.29
C LEU F 137 -24.36 -18.04 7.34
N ASN F 138 -24.25 -19.36 7.22
CA ASN F 138 -23.58 -20.17 8.23
C ASN F 138 -22.37 -20.89 7.65
N ASN F 139 -21.27 -20.85 8.42
CA ASN F 139 -20.13 -21.75 8.27
C ASN F 139 -19.47 -21.63 6.90
N PHE F 140 -19.00 -20.41 6.61
CA PHE F 140 -18.33 -20.12 5.36
C PHE F 140 -16.93 -19.57 5.64
N TYR F 141 -16.05 -19.76 4.65
CA TYR F 141 -14.69 -19.26 4.66
C TYR F 141 -14.28 -19.09 3.21
N PRO F 142 -13.59 -17.99 2.85
CA PRO F 142 -13.11 -16.89 3.71
C PRO F 142 -14.22 -15.93 4.12
N ARG F 143 -13.84 -14.88 4.86
CA ARG F 143 -14.81 -13.97 5.47
C ARG F 143 -15.56 -13.18 4.41
N GLU F 144 -14.90 -12.89 3.29
CA GLU F 144 -15.51 -12.07 2.26
C GLU F 144 -16.72 -12.77 1.67
N ALA F 145 -17.88 -12.13 1.80
CA ALA F 145 -19.12 -12.64 1.23
C ALA F 145 -19.98 -11.44 0.89
N LYS F 146 -20.84 -11.57 -0.12
CA LYS F 146 -21.69 -10.47 -0.53
C LYS F 146 -23.15 -10.90 -0.41
N VAL F 147 -23.91 -10.17 0.40
CA VAL F 147 -25.34 -10.35 0.54
C VAL F 147 -26.02 -9.21 -0.19
N GLN F 148 -26.91 -9.56 -1.12
CA GLN F 148 -27.65 -8.60 -1.91
C GLN F 148 -29.13 -8.86 -1.71
N TRP F 149 -29.84 -7.91 -1.12
CA TRP F 149 -31.28 -8.04 -0.95
C TRP F 149 -31.97 -7.66 -2.25
N LYS F 150 -33.04 -8.40 -2.57
CA LYS F 150 -33.81 -8.14 -3.78
C LYS F 150 -35.29 -8.23 -3.44
N VAL F 151 -36.05 -7.22 -3.83
CA VAL F 151 -37.48 -7.15 -3.60
C VAL F 151 -38.14 -7.03 -4.98
N ASP F 152 -38.88 -8.06 -5.36
CA ASP F 152 -39.38 -8.18 -6.74
C ASP F 152 -38.24 -8.03 -7.73
N ASN F 153 -37.10 -8.64 -7.41
CA ASN F 153 -35.92 -8.68 -8.26
C ASN F 153 -35.26 -7.32 -8.42
N ALA F 154 -35.57 -6.37 -7.53
CA ALA F 154 -34.94 -5.05 -7.52
C ALA F 154 -33.87 -5.03 -6.44
N LEU F 155 -32.63 -4.75 -6.82
CA LEU F 155 -31.53 -4.76 -5.88
C LEU F 155 -31.70 -3.62 -4.87
N GLN F 156 -31.68 -3.96 -3.59
CA GLN F 156 -31.84 -2.99 -2.53
C GLN F 156 -30.49 -2.39 -2.16
N SER F 157 -30.54 -1.19 -1.57
CA SER F 157 -29.34 -0.48 -1.16
C SER F 157 -29.70 0.50 -0.06
N GLY F 158 -28.88 0.54 0.98
CA GLY F 158 -29.02 1.52 2.03
C GLY F 158 -30.08 1.21 3.07
N ASN F 159 -30.83 0.12 2.93
CA ASN F 159 -31.92 -0.22 3.83
C ASN F 159 -31.65 -1.54 4.55
N SER F 160 -30.38 -1.90 4.69
CA SER F 160 -30.02 -3.15 5.34
C SER F 160 -28.76 -2.95 6.18
N GLN F 161 -28.61 -3.79 7.20
CA GLN F 161 -27.42 -3.85 8.04
C GLN F 161 -27.01 -5.30 8.20
N GLU F 162 -25.75 -5.53 8.56
CA GLU F 162 -25.29 -6.89 8.75
C GLU F 162 -24.15 -6.92 9.74
N SER F 163 -23.88 -8.11 10.27
CA SER F 163 -22.75 -8.34 11.17
C SER F 163 -22.25 -9.77 11.01
N VAL F 164 -20.96 -9.97 11.33
CA VAL F 164 -20.27 -11.23 11.13
C VAL F 164 -19.71 -11.70 12.46
N THR F 165 -19.89 -12.99 12.75
CA THR F 165 -19.33 -13.57 13.96
C THR F 165 -17.81 -13.57 13.89
N GLU F 166 -17.19 -13.84 15.03
CA GLU F 166 -15.76 -14.14 15.04
C GLU F 166 -15.54 -15.53 14.47
N GLN F 167 -14.29 -15.82 14.15
CA GLN F 167 -13.95 -17.10 13.54
C GLN F 167 -14.23 -18.23 14.52
N ASP F 168 -14.93 -19.26 14.07
CA ASP F 168 -15.35 -20.34 14.96
C ASP F 168 -14.14 -21.06 15.53
N SER F 169 -14.26 -21.46 16.80
CA SER F 169 -13.16 -22.11 17.49
C SER F 169 -12.93 -23.55 17.04
N LYS F 170 -13.88 -24.15 16.32
CA LYS F 170 -13.77 -25.54 15.89
C LYS F 170 -13.28 -25.63 14.45
N ASP F 171 -14.07 -25.09 13.51
CA ASP F 171 -13.82 -25.23 12.09
C ASP F 171 -13.29 -23.95 11.45
N SER F 172 -13.13 -22.87 12.22
CA SER F 172 -12.52 -21.64 11.73
C SER F 172 -13.37 -20.94 10.67
N THR F 173 -14.68 -21.17 10.66
CA THR F 173 -15.57 -20.56 9.70
C THR F 173 -16.25 -19.33 10.30
N TYR F 174 -16.93 -18.59 9.44
CA TYR F 174 -17.67 -17.41 9.82
C TYR F 174 -19.17 -17.62 9.62
N SER F 175 -19.95 -16.82 10.33
CA SER F 175 -21.38 -16.71 10.10
C SER F 175 -21.75 -15.24 10.07
N LEU F 176 -22.83 -14.94 9.36
CA LEU F 176 -23.21 -13.57 9.06
C LEU F 176 -24.72 -13.45 9.14
N SER F 177 -25.20 -12.37 9.74
CA SER F 177 -26.62 -12.06 9.83
C SER F 177 -26.87 -10.72 9.16
N SER F 178 -27.87 -10.66 8.28
CA SER F 178 -28.24 -9.42 7.59
C SER F 178 -29.73 -9.16 7.79
N THR F 179 -30.08 -7.92 8.07
CA THR F 179 -31.44 -7.49 8.31
C THR F 179 -31.80 -6.38 7.34
N LEU F 180 -32.87 -6.61 6.57
CA LEU F 180 -33.46 -5.61 5.70
C LEU F 180 -34.69 -5.05 6.41
N THR F 181 -34.72 -3.74 6.63
CA THR F 181 -35.77 -3.13 7.42
C THR F 181 -36.60 -2.23 6.50
N LEU F 182 -37.90 -2.54 6.39
CA LEU F 182 -38.85 -1.75 5.64
C LEU F 182 -39.96 -1.26 6.56
N SER F 183 -40.75 -0.32 6.06
CA SER F 183 -41.99 0.02 6.74
C SER F 183 -43.07 -0.98 6.32
N LYS F 184 -44.08 -1.10 7.18
CA LYS F 184 -45.20 -2.00 6.89
C LYS F 184 -45.78 -1.73 5.51
N ALA F 185 -45.98 -0.45 5.17
CA ALA F 185 -46.54 -0.09 3.88
C ALA F 185 -45.64 -0.54 2.74
N ASP F 186 -44.37 -0.11 2.78
CA ASP F 186 -43.43 -0.52 1.74
C ASP F 186 -43.32 -2.03 1.67
N TYR F 187 -43.34 -2.71 2.82
CA TYR F 187 -43.26 -4.16 2.81
C TYR F 187 -44.46 -4.78 2.11
N GLU F 188 -45.63 -4.19 2.29
CA GLU F 188 -46.85 -4.72 1.66
C GLU F 188 -47.03 -4.24 0.23
N LYS F 189 -46.15 -3.37 -0.27
CA LYS F 189 -46.18 -3.00 -1.68
C LYS F 189 -45.49 -4.00 -2.60
N HIS F 190 -44.81 -5.01 -2.06
CA HIS F 190 -44.06 -5.96 -2.87
C HIS F 190 -44.37 -7.39 -2.46
N LYS F 191 -44.00 -8.33 -3.33
CA LYS F 191 -44.34 -9.75 -3.18
C LYS F 191 -43.14 -10.62 -2.86
N VAL F 192 -42.15 -10.66 -3.75
CA VAL F 192 -41.03 -11.59 -3.65
C VAL F 192 -39.90 -10.92 -2.87
N TYR F 193 -39.44 -11.57 -1.80
CA TYR F 193 -38.32 -11.09 -1.02
C TYR F 193 -37.23 -12.15 -1.03
N ALA F 194 -36.01 -11.74 -1.40
CA ALA F 194 -34.92 -12.68 -1.61
C ALA F 194 -33.62 -12.08 -1.10
N CYS F 195 -32.73 -12.94 -0.63
CA CYS F 195 -31.33 -12.58 -0.43
C CYS F 195 -30.47 -13.46 -1.30
N GLU F 196 -29.55 -12.82 -2.03
CA GLU F 196 -28.62 -13.45 -2.94
C GLU F 196 -27.22 -13.37 -2.34
N VAL F 197 -26.56 -14.52 -2.23
CA VAL F 197 -25.27 -14.63 -1.57
C VAL F 197 -24.25 -15.01 -2.63
N THR F 198 -23.16 -14.23 -2.67
CA THR F 198 -22.03 -14.50 -3.54
C THR F 198 -20.82 -14.79 -2.66
N HIS F 199 -20.14 -15.88 -2.96
CA HIS F 199 -19.03 -16.33 -2.13
C HIS F 199 -18.13 -17.23 -2.96
N GLN F 200 -16.83 -17.20 -2.64
CA GLN F 200 -15.85 -17.95 -3.42
C GLN F 200 -16.19 -19.44 -3.45
N GLY F 201 -16.83 -19.95 -2.40
CA GLY F 201 -17.20 -21.35 -2.34
C GLY F 201 -18.40 -21.73 -3.17
N LEU F 202 -19.06 -20.76 -3.79
CA LEU F 202 -20.20 -21.00 -4.66
C LEU F 202 -19.79 -20.69 -6.10
N SER F 203 -20.06 -21.63 -7.01
CA SER F 203 -19.75 -21.38 -8.41
C SER F 203 -20.65 -20.30 -9.01
N SER F 204 -21.89 -20.20 -8.55
CA SER F 204 -22.79 -19.12 -8.93
C SER F 204 -23.55 -18.68 -7.70
N PRO F 205 -23.98 -17.41 -7.63
CA PRO F 205 -24.69 -16.92 -6.45
C PRO F 205 -25.88 -17.79 -6.09
N VAL F 206 -26.17 -17.86 -4.80
CA VAL F 206 -27.28 -18.67 -4.28
C VAL F 206 -28.35 -17.73 -3.74
N THR F 207 -29.60 -17.96 -4.09
CA THR F 207 -30.71 -17.10 -3.69
C THR F 207 -31.69 -17.88 -2.84
N LYS F 208 -32.09 -17.29 -1.72
CA LYS F 208 -33.18 -17.81 -0.91
C LYS F 208 -34.27 -16.75 -0.84
N SER F 209 -35.54 -17.17 -0.96
CA SER F 209 -36.60 -16.19 -1.08
C SER F 209 -37.90 -16.75 -0.52
N PHE F 210 -38.86 -15.84 -0.32
CA PHE F 210 -40.23 -16.18 0.04
C PHE F 210 -41.17 -15.19 -0.64
N ASN F 211 -42.46 -15.51 -0.61
CA ASN F 211 -43.52 -14.64 -1.10
C ASN F 211 -44.35 -14.15 0.09
N ARG F 212 -44.65 -12.85 0.09
CA ARG F 212 -45.32 -12.22 1.23
C ARG F 212 -46.58 -12.96 1.66
N GLY F 213 -46.53 -13.58 2.83
CA GLY F 213 -47.69 -14.24 3.39
C GLY F 213 -48.05 -15.55 2.73
N GLU F 214 -47.11 -16.49 2.70
CA GLU F 214 -47.37 -17.82 2.14
C GLU F 214 -46.61 -18.89 2.91
N GLN G 1 26.90 -24.95 -15.35
CA GLN G 1 26.79 -25.83 -16.56
C GLN G 1 25.76 -25.26 -17.53
N VAL G 2 24.59 -24.88 -17.00
CA VAL G 2 23.55 -24.29 -17.84
C VAL G 2 23.99 -22.90 -18.27
N GLN G 3 23.85 -22.62 -19.56
CA GLN G 3 24.21 -21.32 -20.11
C GLN G 3 23.22 -20.90 -21.18
N LEU G 4 22.86 -19.62 -21.17
CA LEU G 4 22.04 -19.02 -22.20
C LEU G 4 22.78 -17.79 -22.73
N VAL G 5 23.14 -17.81 -24.00
CA VAL G 5 23.95 -16.76 -24.63
C VAL G 5 23.12 -16.12 -25.73
N GLN G 6 22.95 -14.80 -25.65
CA GLN G 6 22.09 -14.09 -26.58
C GLN G 6 22.91 -13.30 -27.58
N SER G 7 22.27 -12.96 -28.70
CA SER G 7 22.92 -12.18 -29.74
C SER G 7 23.20 -10.76 -29.24
N GLY G 8 23.97 -10.01 -30.03
CA GLY G 8 24.48 -8.72 -29.63
C GLY G 8 23.47 -7.60 -29.82
N ALA G 9 23.90 -6.40 -29.42
CA ALA G 9 23.01 -5.24 -29.45
C ALA G 9 22.49 -4.98 -30.85
N GLU G 10 21.32 -4.36 -30.92
CA GLU G 10 20.65 -4.06 -32.18
C GLU G 10 20.19 -2.60 -32.19
N VAL G 11 20.31 -1.96 -33.34
CA VAL G 11 19.78 -0.62 -33.57
C VAL G 11 18.84 -0.70 -34.75
N LYS G 12 17.62 -0.19 -34.56
CA LYS G 12 16.59 -0.29 -35.59
C LYS G 12 15.83 1.03 -35.68
N LYS G 13 15.24 1.27 -36.86
CA LYS G 13 14.37 2.42 -37.06
C LYS G 13 12.92 2.04 -36.75
N PRO G 14 12.09 3.02 -36.42
CA PRO G 14 10.66 2.72 -36.22
C PRO G 14 10.05 2.08 -37.46
N GLY G 15 9.23 1.06 -37.23
CA GLY G 15 8.61 0.31 -38.29
C GLY G 15 9.36 -0.94 -38.71
N ALA G 16 10.66 -1.00 -38.43
CA ALA G 16 11.46 -2.15 -38.81
C ALA G 16 11.19 -3.32 -37.89
N SER G 17 11.89 -4.42 -38.14
CA SER G 17 11.79 -5.62 -37.32
C SER G 17 13.16 -5.97 -36.75
N VAL G 18 13.16 -6.77 -35.69
CA VAL G 18 14.39 -7.23 -35.04
C VAL G 18 14.20 -8.68 -34.64
N LYS G 19 15.29 -9.46 -34.71
CA LYS G 19 15.28 -10.86 -34.34
C LYS G 19 16.45 -11.13 -33.39
N VAL G 20 16.12 -11.55 -32.17
CA VAL G 20 17.12 -11.83 -31.15
C VAL G 20 17.19 -13.35 -30.96
N SER G 21 18.40 -13.86 -30.77
CA SER G 21 18.62 -15.28 -30.62
C SER G 21 19.10 -15.59 -29.21
N CYS G 22 18.91 -16.86 -28.83
CA CYS G 22 19.23 -17.30 -27.47
C CYS G 22 19.70 -18.75 -27.58
N LYS G 23 21.01 -18.95 -27.50
CA LYS G 23 21.64 -20.24 -27.64
C LYS G 23 21.79 -20.88 -26.26
N ALA G 24 21.26 -22.09 -26.11
CA ALA G 24 21.23 -22.79 -24.84
C ALA G 24 22.25 -23.92 -24.83
N SER G 25 22.84 -24.14 -23.66
CA SER G 25 23.75 -25.27 -23.50
C SER G 25 23.74 -25.73 -22.05
N GLY G 26 24.17 -26.96 -21.82
CA GLY G 26 24.28 -27.50 -20.49
C GLY G 26 23.08 -28.29 -20.01
N TYR G 27 22.10 -28.56 -20.88
CA TYR G 27 20.93 -29.33 -20.48
C TYR G 27 20.22 -29.80 -21.75
N THR G 28 19.19 -30.63 -21.54
CA THR G 28 18.37 -31.13 -22.64
C THR G 28 17.47 -30.00 -23.12
N PHE G 29 17.84 -29.42 -24.27
CA PHE G 29 17.14 -28.25 -24.77
C PHE G 29 15.64 -28.49 -24.91
N THR G 30 15.26 -29.69 -25.36
CA THR G 30 13.86 -29.97 -25.67
C THR G 30 12.98 -30.20 -24.45
N SER G 31 13.56 -30.27 -23.25
CA SER G 31 12.82 -30.60 -22.04
C SER G 31 12.28 -29.39 -21.29
N TYR G 32 12.59 -28.17 -21.71
CA TYR G 32 12.21 -26.98 -20.96
C TYR G 32 11.66 -25.91 -21.88
N ALA G 33 10.64 -25.21 -21.40
CA ALA G 33 10.09 -24.07 -22.13
C ALA G 33 11.01 -22.86 -21.98
N MET G 34 11.06 -22.05 -23.03
CA MET G 34 11.86 -20.84 -23.05
C MET G 34 10.94 -19.63 -23.16
N HIS G 35 11.08 -18.69 -22.23
CA HIS G 35 10.29 -17.48 -22.18
C HIS G 35 11.14 -16.29 -22.56
N TRP G 36 10.47 -15.23 -23.00
CA TRP G 36 11.12 -13.97 -23.33
C TRP G 36 10.52 -12.86 -22.47
N VAL G 37 11.39 -12.06 -21.86
CA VAL G 37 11.00 -11.02 -20.91
C VAL G 37 11.84 -9.79 -21.20
N ARG G 38 11.20 -8.64 -21.31
CA ARG G 38 11.94 -7.42 -21.62
C ARG G 38 11.88 -6.43 -20.47
N GLN G 39 12.82 -5.49 -20.49
CA GLN G 39 12.95 -4.48 -19.44
C GLN G 39 13.32 -3.18 -20.13
N ALA G 40 12.33 -2.31 -20.29
CA ALA G 40 12.58 -0.97 -20.79
C ALA G 40 13.14 -0.10 -19.66
N PRO G 41 13.94 0.91 -20.00
CA PRO G 41 14.52 1.75 -18.93
C PRO G 41 13.44 2.37 -18.09
N GLY G 42 13.51 2.12 -16.77
CA GLY G 42 12.54 2.67 -15.84
C GLY G 42 11.22 1.95 -15.75
N GLN G 43 11.11 0.75 -16.34
CA GLN G 43 9.86 0.01 -16.37
C GLN G 43 10.03 -1.33 -15.64
N ARG G 44 8.90 -2.00 -15.45
CA ARG G 44 8.89 -3.31 -14.83
C ARG G 44 9.39 -4.35 -15.82
N LEU G 45 9.85 -5.48 -15.30
CA LEU G 45 10.07 -6.63 -16.17
C LEU G 45 8.74 -7.02 -16.80
N GLU G 46 8.74 -7.23 -18.12
CA GLU G 46 7.52 -7.43 -18.88
C GLU G 46 7.64 -8.72 -19.68
N TRP G 47 6.80 -9.70 -19.35
CA TRP G 47 6.78 -10.98 -20.05
C TRP G 47 6.18 -10.83 -21.44
N MET G 48 6.73 -11.55 -22.40
CA MET G 48 6.33 -11.43 -23.80
C MET G 48 5.73 -12.70 -24.38
N GLY G 49 6.26 -13.86 -24.02
CA GLY G 49 5.79 -15.11 -24.59
C GLY G 49 6.67 -16.25 -24.16
N TRP G 50 6.18 -17.45 -24.44
CA TRP G 50 6.98 -18.66 -24.27
C TRP G 50 6.81 -19.59 -25.46
N ILE G 51 7.81 -20.44 -25.64
CA ILE G 51 7.79 -21.51 -26.62
C ILE G 51 8.24 -22.80 -25.93
N ASN G 52 7.50 -23.88 -26.17
CA ASN G 52 7.90 -25.20 -25.70
C ASN G 52 8.98 -25.73 -26.63
N ALA G 53 10.21 -25.84 -26.12
CA ALA G 53 11.33 -26.23 -26.97
C ALA G 53 11.13 -27.61 -27.58
N GLY G 54 10.32 -28.46 -26.96
CA GLY G 54 10.07 -29.78 -27.50
C GLY G 54 9.22 -29.76 -28.75
N ASN G 55 7.93 -29.41 -28.60
CA ASN G 55 6.98 -29.48 -29.70
C ASN G 55 6.78 -28.14 -30.40
N GLY G 56 7.47 -27.09 -29.96
CA GLY G 56 7.40 -25.81 -30.65
C GLY G 56 6.14 -25.01 -30.40
N ASN G 57 5.25 -25.49 -29.55
CA ASN G 57 4.06 -24.73 -29.21
C ASN G 57 4.44 -23.43 -28.52
N THR G 58 3.66 -22.38 -28.78
CA THR G 58 3.94 -21.06 -28.23
C THR G 58 2.69 -20.46 -27.62
N LYS G 59 2.92 -19.46 -26.77
CA LYS G 59 1.85 -18.58 -26.33
C LYS G 59 2.46 -17.19 -26.13
N TYR G 60 1.75 -16.17 -26.58
CA TYR G 60 2.23 -14.80 -26.53
C TYR G 60 1.26 -13.95 -25.72
N SER G 61 1.77 -12.87 -25.14
CA SER G 61 0.92 -11.90 -24.48
C SER G 61 0.01 -11.20 -25.50
N GLN G 62 -1.22 -10.91 -25.07
CA GLN G 62 -2.17 -10.25 -25.97
C GLN G 62 -1.67 -8.87 -26.39
N LYS G 63 -0.77 -8.27 -25.61
CA LYS G 63 -0.19 -6.99 -26.01
C LYS G 63 0.73 -7.12 -27.23
N PHE G 64 1.41 -8.24 -27.36
CA PHE G 64 2.35 -8.42 -28.46
C PHE G 64 1.80 -9.36 -29.54
N GLN G 65 0.63 -9.95 -29.32
CA GLN G 65 0.02 -10.81 -30.31
C GLN G 65 -0.12 -10.08 -31.65
N GLY G 66 0.25 -10.76 -32.73
CA GLY G 66 0.19 -10.18 -34.05
C GLY G 66 1.44 -9.45 -34.48
N ARG G 67 2.39 -9.25 -33.56
CA ARG G 67 3.60 -8.52 -33.84
C ARG G 67 4.84 -9.20 -33.26
N VAL G 68 4.70 -10.37 -32.65
CA VAL G 68 5.81 -11.10 -32.06
C VAL G 68 5.76 -12.54 -32.54
N THR G 69 6.92 -13.13 -32.77
CA THR G 69 7.03 -14.52 -33.18
C THR G 69 8.18 -15.16 -32.42
N ILE G 70 7.92 -16.30 -31.79
CA ILE G 70 8.95 -17.05 -31.07
C ILE G 70 9.13 -18.38 -31.79
N THR G 71 10.38 -18.70 -32.10
CA THR G 71 10.69 -19.90 -32.87
C THR G 71 11.79 -20.66 -32.15
N ARG G 72 12.05 -21.88 -32.62
CA ARG G 72 13.09 -22.72 -32.03
C ARG G 72 13.73 -23.57 -33.10
N ASP G 73 15.06 -23.64 -33.07
CA ASP G 73 15.86 -24.56 -33.87
C ASP G 73 16.45 -25.58 -32.90
N THR G 74 15.90 -26.80 -32.92
CA THR G 74 16.33 -27.83 -31.99
C THR G 74 17.76 -28.29 -32.27
N SER G 75 18.10 -28.43 -33.55
CA SER G 75 19.44 -28.91 -33.91
C SER G 75 20.52 -27.92 -33.51
N ALA G 76 20.18 -26.64 -33.37
CA ALA G 76 21.10 -25.61 -32.90
C ALA G 76 20.86 -25.24 -31.44
N SER G 77 19.88 -25.88 -30.78
CA SER G 77 19.54 -25.58 -29.39
C SER G 77 19.38 -24.07 -29.19
N THR G 78 18.63 -23.44 -30.09
CA THR G 78 18.49 -21.99 -30.09
C THR G 78 17.02 -21.59 -30.16
N ALA G 79 16.66 -20.59 -29.36
CA ALA G 79 15.33 -19.98 -29.43
C ALA G 79 15.47 -18.57 -30.02
N TYR G 80 14.42 -18.12 -30.69
CA TYR G 80 14.45 -16.84 -31.37
C TYR G 80 13.18 -16.06 -31.07
N MET G 81 13.33 -14.74 -30.91
CA MET G 81 12.21 -13.84 -30.72
C MET G 81 12.30 -12.74 -31.76
N GLU G 82 11.27 -12.61 -32.59
CA GLU G 82 11.21 -11.60 -33.62
C GLU G 82 10.08 -10.62 -33.30
N LEU G 83 10.40 -9.33 -33.27
CA LEU G 83 9.44 -8.28 -32.97
C LEU G 83 9.47 -7.28 -34.12
N SER G 84 8.31 -7.07 -34.74
CA SER G 84 8.16 -6.21 -35.91
C SER G 84 7.39 -4.95 -35.54
N SER G 85 7.27 -4.04 -36.52
CA SER G 85 6.58 -2.77 -36.33
C SER G 85 7.10 -2.06 -35.08
N LEU G 86 8.42 -1.96 -34.98
CA LEU G 86 9.05 -1.43 -33.79
C LEU G 86 8.66 0.02 -33.56
N ARG G 87 8.42 0.35 -32.29
CA ARG G 87 8.10 1.70 -31.86
C ARG G 87 9.15 2.14 -30.84
N SER G 88 9.24 3.45 -30.60
CA SER G 88 10.27 3.96 -29.72
C SER G 88 10.19 3.33 -28.33
N GLU G 89 8.99 2.96 -27.89
CA GLU G 89 8.81 2.35 -26.58
C GLU G 89 9.22 0.88 -26.55
N ASP G 90 9.71 0.33 -27.66
CA ASP G 90 10.27 -1.00 -27.67
C ASP G 90 11.74 -1.02 -27.30
N THR G 91 12.38 0.15 -27.21
CA THR G 91 13.75 0.24 -26.72
C THR G 91 13.86 -0.40 -25.35
N ALA G 92 14.63 -1.48 -25.25
CA ALA G 92 14.68 -2.22 -24.00
C ALA G 92 15.76 -3.29 -24.06
N VAL G 93 16.03 -3.87 -22.89
CA VAL G 93 16.89 -5.05 -22.80
C VAL G 93 15.99 -6.28 -22.82
N TYR G 94 16.22 -7.16 -23.79
CA TYR G 94 15.42 -8.37 -23.96
C TYR G 94 16.19 -9.57 -23.44
N TYR G 95 15.56 -10.36 -22.57
CA TYR G 95 16.16 -11.52 -21.95
C TYR G 95 15.39 -12.76 -22.38
N CYS G 96 16.11 -13.84 -22.64
CA CYS G 96 15.52 -15.17 -22.65
C CYS G 96 15.76 -15.81 -21.29
N ALA G 97 14.81 -16.65 -20.87
CA ALA G 97 14.90 -17.29 -19.58
C ALA G 97 14.30 -18.68 -19.67
N ARG G 98 14.95 -19.63 -19.03
CA ARG G 98 14.45 -21.00 -18.99
C ARG G 98 13.48 -21.13 -17.82
N GLU G 99 12.37 -21.82 -18.07
CA GLU G 99 11.37 -22.06 -17.03
C GLU G 99 11.58 -23.45 -16.44
N GLN G 100 11.78 -23.50 -15.13
CA GLN G 100 11.81 -24.76 -14.42
C GLN G 100 10.38 -25.12 -14.02
N TRP G 101 9.90 -26.27 -14.50
CA TRP G 101 8.55 -26.70 -14.20
C TRP G 101 8.44 -27.45 -12.89
N LEU G 102 9.54 -28.06 -12.44
CA LEU G 102 9.50 -28.90 -11.24
C LEU G 102 8.95 -28.11 -10.06
N ASP G 103 8.04 -28.75 -9.31
CA ASP G 103 7.35 -28.09 -8.21
C ASP G 103 6.46 -27.00 -8.78
N LEU G 104 6.81 -25.74 -8.54
CA LEU G 104 6.07 -24.60 -9.05
C LEU G 104 6.92 -23.89 -10.09
N ALA G 105 6.28 -23.43 -11.17
CA ALA G 105 7.04 -22.84 -12.27
C ALA G 105 7.85 -21.64 -11.80
N HIS G 106 9.07 -21.52 -12.32
CA HIS G 106 9.94 -20.39 -12.00
C HIS G 106 11.07 -20.33 -13.03
N PHE G 107 11.62 -19.13 -13.21
CA PHE G 107 12.68 -18.89 -14.18
C PHE G 107 14.03 -19.05 -13.48
N ASP G 108 14.72 -20.17 -13.74
CA ASP G 108 15.91 -20.49 -12.98
C ASP G 108 17.20 -20.02 -13.64
N TYR G 109 17.22 -19.82 -14.96
CA TYR G 109 18.40 -19.33 -15.66
C TYR G 109 18.01 -18.30 -16.70
N TRP G 110 18.80 -17.24 -16.78
CA TRP G 110 18.54 -16.11 -17.67
C TRP G 110 19.73 -15.88 -18.58
N GLY G 111 19.45 -15.44 -19.80
CA GLY G 111 20.51 -14.94 -20.67
C GLY G 111 21.02 -13.60 -20.20
N GLN G 112 22.15 -13.18 -20.78
CA GLN G 112 22.77 -11.94 -20.34
C GLN G 112 22.01 -10.71 -20.83
N GLY G 113 21.11 -10.85 -21.78
CA GLY G 113 20.32 -9.74 -22.25
C GLY G 113 20.84 -9.19 -23.57
N THR G 114 19.93 -8.61 -24.35
CA THR G 114 20.26 -7.98 -25.62
C THR G 114 19.62 -6.61 -25.66
N LEU G 115 20.43 -5.57 -25.80
CA LEU G 115 19.92 -4.21 -25.88
C LEU G 115 19.41 -3.94 -27.30
N VAL G 116 18.11 -3.70 -27.44
CA VAL G 116 17.53 -3.27 -28.70
C VAL G 116 17.17 -1.79 -28.54
N THR G 117 17.76 -0.95 -29.39
CA THR G 117 17.52 0.48 -29.40
C THR G 117 16.78 0.82 -30.68
N VAL G 118 15.56 1.32 -30.53
CA VAL G 118 14.73 1.73 -31.67
C VAL G 118 14.66 3.25 -31.66
N SER G 119 15.12 3.87 -32.74
CA SER G 119 15.22 5.32 -32.82
C SER G 119 15.10 5.74 -34.28
N SER G 120 14.41 6.86 -34.51
CA SER G 120 14.31 7.41 -35.86
C SER G 120 15.64 7.98 -36.32
N GLY G 121 16.51 8.38 -35.41
CA GLY G 121 17.85 8.78 -35.77
C GLY G 121 18.66 7.61 -36.26
N SER G 122 19.93 7.89 -36.53
CA SER G 122 20.88 6.89 -37.02
C SER G 122 22.09 6.85 -36.10
N ALA G 123 22.75 5.69 -36.07
CA ALA G 123 23.92 5.53 -35.22
C ALA G 123 24.94 6.63 -35.51
N SER G 124 25.56 7.13 -34.44
CA SER G 124 26.49 8.24 -34.57
C SER G 124 27.42 8.28 -33.36
N ALA G 125 28.65 8.71 -33.59
CA ALA G 125 29.61 8.89 -32.53
C ALA G 125 29.33 10.18 -31.78
N PRO G 126 29.83 10.30 -30.55
CA PRO G 126 29.54 11.50 -29.75
C PRO G 126 30.38 12.70 -30.20
N THR G 127 29.85 13.89 -29.89
CA THR G 127 30.57 15.13 -30.00
C THR G 127 30.85 15.65 -28.59
N LEU G 128 32.09 16.05 -28.34
CA LEU G 128 32.54 16.40 -27.00
C LEU G 128 32.65 17.92 -26.87
N PHE G 129 32.21 18.42 -25.71
CA PHE G 129 32.34 19.82 -25.35
C PHE G 129 32.90 19.93 -23.94
N PRO G 130 33.83 20.85 -23.69
CA PRO G 130 34.40 20.98 -22.35
C PRO G 130 33.47 21.73 -21.42
N LEU G 131 33.52 21.35 -20.14
CA LEU G 131 32.78 22.03 -19.08
C LEU G 131 33.82 22.69 -18.17
N VAL G 132 33.94 24.01 -18.29
CA VAL G 132 34.93 24.81 -17.58
C VAL G 132 34.19 25.76 -16.65
N SER G 133 34.58 25.79 -15.39
CA SER G 133 33.98 26.68 -14.41
C SER G 133 34.21 28.14 -14.81
N SER G 143 39.36 22.35 -4.10
CA SER G 143 39.47 21.55 -5.33
C SER G 143 38.55 22.10 -6.41
N VAL G 144 39.06 22.10 -7.65
CA VAL G 144 38.33 22.61 -8.80
C VAL G 144 37.67 21.46 -9.55
N ALA G 145 36.46 21.71 -10.05
CA ALA G 145 35.70 20.71 -10.79
C ALA G 145 35.74 21.06 -12.27
N VAL G 146 36.12 20.08 -13.10
CA VAL G 146 36.11 20.25 -14.55
C VAL G 146 35.37 19.06 -15.14
N GLY G 147 34.74 19.26 -16.30
CA GLY G 147 33.85 18.25 -16.83
C GLY G 147 33.88 18.15 -18.35
N CYS G 148 33.09 17.19 -18.85
CA CYS G 148 33.08 16.83 -20.26
C CYS G 148 31.65 16.42 -20.62
N LEU G 149 31.13 16.99 -21.70
CA LEU G 149 29.77 16.73 -22.16
C LEU G 149 29.84 16.03 -23.51
N ALA G 150 29.33 14.80 -23.56
CA ALA G 150 29.22 14.06 -24.80
C ALA G 150 27.77 14.11 -25.27
N GLN G 151 27.55 14.53 -26.51
CA GLN G 151 26.20 14.68 -27.04
C GLN G 151 26.07 13.95 -28.37
N ASP G 152 24.83 13.64 -28.73
CA ASP G 152 24.51 13.25 -30.10
C ASP G 152 25.19 11.95 -30.48
N PHE G 153 25.08 10.95 -29.60
CA PHE G 153 25.62 9.63 -29.86
C PHE G 153 24.51 8.59 -29.72
N LEU G 154 24.67 7.49 -30.47
CA LEU G 154 23.70 6.41 -30.53
C LEU G 154 24.40 5.16 -31.04
N PRO G 155 24.27 4.02 -30.36
CA PRO G 155 23.45 3.73 -29.17
C PRO G 155 24.06 4.26 -27.87
N ASP G 156 23.34 4.13 -26.76
CA ASP G 156 23.83 4.56 -25.45
C ASP G 156 24.82 3.52 -24.95
N SER G 157 26.05 3.59 -25.49
CA SER G 157 27.11 2.65 -25.15
C SER G 157 28.42 3.44 -25.20
N ILE G 158 28.69 4.16 -24.12
CA ILE G 158 29.79 5.11 -24.06
C ILE G 158 30.56 4.88 -22.76
N THR G 159 31.86 5.17 -22.80
CA THR G 159 32.68 5.11 -21.58
C THR G 159 33.64 6.28 -21.55
N PHE G 160 33.76 6.91 -20.38
CA PHE G 160 34.64 8.05 -20.18
C PHE G 160 35.94 7.62 -19.51
N SER G 161 37.01 8.37 -19.79
CA SER G 161 38.26 8.27 -19.07
C SER G 161 38.97 9.61 -19.15
N TRP G 162 39.90 9.85 -18.23
CA TRP G 162 40.57 11.13 -18.13
C TRP G 162 42.08 10.94 -18.01
N LYS G 163 42.84 11.85 -18.62
CA LYS G 163 44.29 11.79 -18.48
C LYS G 163 44.87 13.18 -18.29
N TYR G 164 45.94 13.24 -17.50
CA TYR G 164 46.70 14.46 -17.29
C TYR G 164 47.56 14.78 -18.52
N LYS G 165 48.31 15.87 -18.41
CA LYS G 165 49.29 16.22 -19.43
C LYS G 165 50.33 15.10 -19.51
N SER G 172 40.56 10.06 -10.20
CA SER G 172 39.21 10.22 -9.66
C SER G 172 38.26 10.78 -10.72
N THR G 173 37.38 9.92 -11.24
CA THR G 173 36.40 10.31 -12.23
C THR G 173 34.98 10.01 -11.72
N ARG G 174 34.01 10.76 -12.25
CA ARG G 174 32.60 10.56 -11.91
C ARG G 174 31.78 10.54 -13.19
N GLY G 175 31.17 9.39 -13.49
CA GLY G 175 30.24 9.26 -14.59
C GLY G 175 28.78 9.38 -14.18
N PHE G 176 27.96 9.94 -15.07
CA PHE G 176 26.52 10.05 -14.88
C PHE G 176 25.78 9.28 -15.97
N PRO G 177 24.62 8.69 -15.66
CA PRO G 177 23.84 8.00 -16.70
C PRO G 177 23.45 8.94 -17.83
N SER G 178 23.39 8.38 -19.04
CA SER G 178 22.97 9.14 -20.20
C SER G 178 21.48 9.47 -20.13
N VAL G 179 21.08 10.49 -20.89
CA VAL G 179 19.68 10.86 -21.06
C VAL G 179 19.35 10.89 -22.53
N LEU G 180 18.12 10.51 -22.85
CA LEU G 180 17.63 10.46 -24.22
C LEU G 180 16.93 11.78 -24.55
N ARG G 181 17.25 12.34 -25.71
CA ARG G 181 16.71 13.63 -26.13
C ARG G 181 16.69 13.60 -27.65
N GLY G 182 15.51 13.77 -28.24
CA GLY G 182 15.40 13.77 -29.69
C GLY G 182 16.04 12.56 -30.35
N GLY G 183 15.82 11.38 -29.77
CA GLY G 183 16.35 10.17 -30.37
C GLY G 183 17.86 10.01 -30.29
N LYS G 184 18.54 10.86 -29.54
CA LYS G 184 19.99 10.78 -29.38
C LYS G 184 20.32 10.91 -27.90
N TYR G 185 21.49 10.44 -27.51
CA TYR G 185 21.85 10.40 -26.10
C TYR G 185 22.87 11.46 -25.76
N ALA G 186 22.86 11.87 -24.49
CA ALA G 186 23.80 12.84 -23.95
C ALA G 186 24.22 12.43 -22.55
N ALA G 187 25.49 12.68 -22.22
CA ALA G 187 26.03 12.27 -20.94
C ALA G 187 27.10 13.26 -20.51
N THR G 188 27.39 13.27 -19.21
CA THR G 188 28.40 14.14 -18.64
C THR G 188 29.34 13.33 -17.76
N SER G 189 30.59 13.79 -17.69
CA SER G 189 31.60 13.20 -16.82
C SER G 189 32.35 14.33 -16.12
N GLN G 190 32.92 14.02 -14.97
CA GLN G 190 33.51 15.04 -14.11
C GLN G 190 34.79 14.52 -13.47
N VAL G 191 35.73 15.43 -13.25
CA VAL G 191 36.90 15.16 -12.42
C VAL G 191 37.10 16.34 -11.47
N LEU G 192 37.58 16.01 -10.26
CA LEU G 192 37.89 16.98 -9.22
C LEU G 192 39.40 16.99 -9.01
N LEU G 193 40.02 18.14 -9.27
CA LEU G 193 41.47 18.27 -9.19
C LEU G 193 41.86 19.18 -8.04
N PRO G 194 42.82 18.80 -7.21
CA PRO G 194 43.29 19.69 -6.14
C PRO G 194 43.68 21.06 -6.67
N SER G 195 43.22 22.10 -5.98
CA SER G 195 43.48 23.46 -6.41
C SER G 195 44.97 23.76 -6.52
N LYS G 196 45.81 22.98 -5.83
CA LYS G 196 47.26 23.17 -5.90
C LYS G 196 47.74 23.25 -7.35
N ASP G 197 47.13 22.48 -8.24
CA ASP G 197 47.48 22.53 -9.65
C ASP G 197 46.58 23.50 -10.41
N VAL G 206 43.90 19.08 -19.16
CA VAL G 206 43.48 17.70 -18.98
C VAL G 206 42.69 17.23 -20.19
N VAL G 207 42.76 15.95 -20.50
CA VAL G 207 42.15 15.37 -21.69
C VAL G 207 41.01 14.45 -21.28
N CYS G 208 39.83 14.72 -21.83
CA CYS G 208 38.67 13.87 -21.70
C CYS G 208 38.60 12.93 -22.90
N LYS G 209 38.41 11.64 -22.63
CA LYS G 209 38.40 10.58 -23.63
C LYS G 209 37.10 9.81 -23.53
N VAL G 210 36.48 9.53 -24.68
CA VAL G 210 35.26 8.73 -24.72
C VAL G 210 35.43 7.62 -25.74
N GLN G 211 35.00 6.42 -25.37
CA GLN G 211 34.94 5.27 -26.27
C GLN G 211 33.49 4.96 -26.57
N HIS G 212 33.20 4.75 -27.86
CA HIS G 212 31.86 4.50 -28.39
C HIS G 212 32.02 3.60 -29.62
N PRO G 213 31.09 2.68 -29.86
CA PRO G 213 31.27 1.75 -31.00
C PRO G 213 31.40 2.43 -32.35
N ASN G 214 30.96 3.68 -32.49
CA ASN G 214 30.96 4.37 -33.77
C ASN G 214 32.08 5.40 -33.89
N GLY G 215 32.92 5.55 -32.88
CA GLY G 215 34.04 6.47 -32.95
C GLY G 215 34.49 6.97 -31.60
N ASN G 216 35.76 6.73 -31.28
CA ASN G 216 36.33 7.25 -30.04
C ASN G 216 36.76 8.70 -30.23
N LYS G 217 36.64 9.49 -29.17
CA LYS G 217 36.89 10.92 -29.27
C LYS G 217 37.69 11.41 -28.08
N GLU G 218 38.42 12.50 -28.29
CA GLU G 218 39.21 13.15 -27.25
C GLU G 218 39.00 14.65 -27.33
N LYS G 219 39.12 15.32 -26.17
CA LYS G 219 38.96 16.77 -26.13
C LYS G 219 39.76 17.32 -24.95
N ASN G 220 40.55 18.37 -25.21
CA ASN G 220 41.23 19.07 -24.12
C ASN G 220 40.25 19.94 -23.36
N VAL G 221 40.31 19.88 -22.03
CA VAL G 221 39.45 20.67 -21.16
C VAL G 221 40.34 21.68 -20.44
N PRO G 222 40.21 22.99 -20.70
CA PRO G 222 41.04 23.97 -20.01
C PRO G 222 40.82 23.95 -18.50
N LEU G 223 41.82 24.45 -17.78
CA LEU G 223 41.73 24.58 -16.34
C LEU G 223 41.69 26.06 -15.95
N ASP H 1 -6.10 -9.53 -14.29
CA ASP H 1 -4.64 -9.80 -14.14
C ASP H 1 -4.22 -9.63 -12.70
N ILE H 2 -3.28 -10.45 -12.26
CA ILE H 2 -2.78 -10.40 -10.88
C ILE H 2 -1.66 -9.37 -10.82
N GLN H 3 -1.86 -8.32 -10.02
CA GLN H 3 -0.83 -7.32 -9.81
C GLN H 3 -0.09 -7.60 -8.51
N LEU H 4 1.20 -7.30 -8.53
CA LEU H 4 2.07 -7.48 -7.38
C LEU H 4 2.60 -6.11 -6.96
N THR H 5 2.48 -5.81 -5.67
CA THR H 5 2.93 -4.54 -5.10
C THR H 5 4.01 -4.85 -4.07
N GLN H 6 5.21 -4.35 -4.30
CA GLN H 6 6.32 -4.55 -3.38
C GLN H 6 6.43 -3.35 -2.46
N SER H 7 6.71 -3.61 -1.18
CA SER H 7 6.90 -2.54 -0.22
C SER H 7 8.10 -2.85 0.67
N PRO H 8 8.91 -1.82 0.99
CA PRO H 8 8.86 -0.45 0.48
C PRO H 8 9.44 -0.41 -0.93
N SER H 9 9.34 0.69 -1.67
CA SER H 9 9.98 0.76 -2.97
C SER H 9 11.49 0.96 -2.85
N SER H 10 11.94 1.55 -1.73
CA SER H 10 13.34 1.75 -1.48
C SER H 10 13.58 1.53 0.01
N LEU H 11 14.76 1.04 0.35
CA LEU H 11 15.05 0.69 1.73
C LEU H 11 16.54 0.79 1.97
N SER H 12 16.92 1.47 3.05
CA SER H 12 18.30 1.67 3.44
C SER H 12 18.64 0.80 4.63
N ALA H 13 19.80 0.16 4.59
CA ALA H 13 20.21 -0.73 5.65
C ALA H 13 21.73 -0.79 5.70
N SER H 14 22.23 -1.30 6.82
CA SER H 14 23.66 -1.45 7.06
C SER H 14 24.07 -2.91 6.95
N VAL H 15 25.36 -3.12 6.65
CA VAL H 15 25.91 -4.47 6.69
C VAL H 15 25.65 -5.07 8.07
N GLY H 16 25.14 -6.29 8.09
CA GLY H 16 24.81 -6.96 9.33
C GLY H 16 23.35 -6.81 9.74
N ASP H 17 22.61 -5.90 9.12
CA ASP H 17 21.22 -5.69 9.49
C ASP H 17 20.36 -6.87 9.05
N ARG H 18 19.24 -7.05 9.75
CA ARG H 18 18.20 -7.96 9.31
C ARG H 18 17.19 -7.16 8.51
N VAL H 19 16.91 -7.61 7.29
CA VAL H 19 16.07 -6.86 6.36
C VAL H 19 14.91 -7.73 5.90
N THR H 20 13.73 -7.10 5.79
CA THR H 20 12.54 -7.80 5.33
C THR H 20 11.82 -6.91 4.33
N ILE H 21 11.47 -7.47 3.18
CA ILE H 21 10.70 -6.75 2.16
C ILE H 21 9.50 -7.60 1.81
N THR H 22 8.39 -6.94 1.46
CA THR H 22 7.12 -7.63 1.29
C THR H 22 6.63 -7.46 -0.14
N CYS H 23 5.85 -8.45 -0.56
CA CYS H 23 5.18 -8.47 -1.86
C CYS H 23 3.74 -8.88 -1.61
N ARG H 24 2.79 -8.07 -2.09
CA ARG H 24 1.37 -8.35 -1.93
C ARG H 24 0.72 -8.55 -3.29
N ALA H 25 -0.09 -9.59 -3.42
CA ALA H 25 -0.77 -9.93 -4.67
C ALA H 25 -2.23 -9.53 -4.60
N SER H 26 -2.74 -8.99 -5.72
CA SER H 26 -4.12 -8.53 -5.75
C SER H 26 -5.12 -9.65 -5.47
N GLN H 27 -4.75 -10.89 -5.73
CA GLN H 27 -5.60 -12.03 -5.38
C GLN H 27 -4.73 -13.22 -5.07
N SER H 28 -5.34 -14.24 -4.46
CA SER H 28 -4.60 -15.40 -4.00
C SER H 28 -3.84 -16.05 -5.14
N ILE H 29 -2.56 -16.34 -4.91
CA ILE H 29 -1.72 -17.05 -5.86
C ILE H 29 -1.13 -18.32 -5.24
N SER H 30 -1.70 -18.77 -4.12
CA SER H 30 -1.22 -19.96 -3.41
C SER H 30 0.24 -19.71 -3.05
N SER H 31 1.18 -20.59 -3.43
CA SER H 31 2.60 -20.40 -3.18
C SER H 31 3.38 -20.15 -4.45
N TYR H 32 2.72 -19.70 -5.52
CA TYR H 32 3.37 -19.48 -6.80
C TYR H 32 4.02 -18.09 -6.85
N LEU H 33 4.96 -17.86 -5.94
CA LEU H 33 5.70 -16.61 -5.90
C LEU H 33 7.20 -16.86 -5.89
N ASN H 34 7.94 -16.11 -6.69
CA ASN H 34 9.38 -16.23 -6.82
C ASN H 34 10.04 -14.89 -6.58
N TRP H 35 11.26 -14.93 -6.06
CA TRP H 35 12.06 -13.75 -5.78
C TRP H 35 13.35 -13.81 -6.58
N TYR H 36 13.67 -12.69 -7.25
CA TYR H 36 14.86 -12.53 -8.06
C TYR H 36 15.67 -11.33 -7.57
N GLN H 37 16.98 -11.40 -7.78
CA GLN H 37 17.90 -10.31 -7.48
C GLN H 37 18.48 -9.78 -8.79
N GLN H 38 18.64 -8.45 -8.88
CA GLN H 38 19.21 -7.83 -10.06
C GLN H 38 20.09 -6.66 -9.63
N LYS H 39 21.35 -6.69 -10.05
CA LYS H 39 22.30 -5.61 -9.89
C LYS H 39 22.43 -4.83 -11.20
N PRO H 40 22.91 -3.59 -11.15
CA PRO H 40 22.91 -2.75 -12.36
C PRO H 40 23.70 -3.39 -13.48
N GLY H 41 23.11 -3.36 -14.68
CA GLY H 41 23.76 -3.87 -15.87
C GLY H 41 23.85 -5.37 -15.97
N LYS H 42 23.14 -6.12 -15.12
CA LYS H 42 23.19 -7.56 -15.13
C LYS H 42 21.78 -8.11 -15.22
N ALA H 43 21.68 -9.40 -15.54
CA ALA H 43 20.40 -10.05 -15.69
C ALA H 43 19.84 -10.42 -14.32
N PRO H 44 18.52 -10.57 -14.20
CA PRO H 44 17.96 -11.08 -12.94
C PRO H 44 18.52 -12.44 -12.61
N LYS H 45 18.54 -12.74 -11.32
CA LYS H 45 19.03 -14.01 -10.80
C LYS H 45 18.01 -14.54 -9.80
N LEU H 46 17.64 -15.80 -9.96
CA LEU H 46 16.65 -16.41 -9.08
C LEU H 46 17.25 -16.60 -7.68
N LEU H 47 16.50 -16.18 -6.66
CA LEU H 47 16.84 -16.44 -5.27
C LEU H 47 15.90 -17.45 -4.65
N ILE H 48 14.60 -17.22 -4.75
CA ILE H 48 13.61 -18.03 -4.07
C ILE H 48 12.53 -18.41 -5.08
N TYR H 49 12.02 -19.63 -4.95
CA TYR H 49 10.87 -20.04 -5.74
C TYR H 49 9.87 -20.74 -4.82
N ALA H 50 8.63 -20.79 -5.27
CA ALA H 50 7.55 -21.42 -4.49
C ALA H 50 7.45 -20.79 -3.11
N ALA H 51 7.67 -19.48 -3.03
CA ALA H 51 7.46 -18.69 -1.83
C ALA H 51 8.59 -18.83 -0.82
N SER H 52 9.10 -20.05 -0.63
CA SER H 52 10.03 -20.30 0.47
C SER H 52 11.11 -21.32 0.16
N SER H 53 11.29 -21.72 -1.10
CA SER H 53 12.30 -22.71 -1.47
C SER H 53 13.54 -21.98 -1.96
N LEU H 54 14.68 -22.28 -1.34
CA LEU H 54 15.93 -21.63 -1.69
C LEU H 54 16.55 -22.28 -2.92
N GLN H 55 16.85 -21.46 -3.93
CA GLN H 55 17.51 -21.96 -5.13
C GLN H 55 18.92 -22.41 -4.79
N SER H 56 19.38 -23.48 -5.44
CA SER H 56 20.69 -24.02 -5.15
C SER H 56 21.77 -22.98 -5.43
N GLY H 57 22.73 -22.88 -4.50
CA GLY H 57 23.81 -21.93 -4.60
C GLY H 57 23.55 -20.58 -3.95
N VAL H 58 22.32 -20.31 -3.55
CA VAL H 58 21.99 -19.02 -2.93
C VAL H 58 22.31 -19.09 -1.44
N PRO H 59 22.98 -18.10 -0.87
CA PRO H 59 23.35 -18.18 0.56
C PRO H 59 22.14 -18.37 1.46
N SER H 60 22.35 -19.10 2.55
CA SER H 60 21.27 -19.46 3.45
C SER H 60 20.72 -18.27 4.22
N ARG H 61 21.40 -17.12 4.20
CA ARG H 61 20.85 -15.95 4.87
C ARG H 61 19.60 -15.42 4.19
N PHE H 62 19.32 -15.87 2.96
CA PHE H 62 18.09 -15.53 2.26
C PHE H 62 17.00 -16.54 2.63
N SER H 63 15.82 -16.04 2.94
CA SER H 63 14.68 -16.91 3.16
C SER H 63 13.42 -16.19 2.70
N GLY H 64 12.37 -16.95 2.48
CA GLY H 64 11.09 -16.39 2.07
C GLY H 64 9.96 -17.12 2.75
N SER H 65 8.86 -16.40 2.95
CA SER H 65 7.66 -17.02 3.51
C SER H 65 6.43 -16.33 2.96
N GLY H 66 5.28 -16.98 3.15
CA GLY H 66 4.00 -16.43 2.75
C GLY H 66 3.19 -17.38 1.90
N SER H 67 1.87 -17.16 1.86
CA SER H 67 0.98 -17.89 0.98
C SER H 67 -0.32 -17.09 0.84
N GLY H 68 -0.94 -17.20 -0.32
CA GLY H 68 -2.14 -16.45 -0.61
C GLY H 68 -1.85 -15.14 -1.29
N THR H 69 -1.91 -14.04 -0.54
CA THR H 69 -1.71 -12.71 -1.09
C THR H 69 -0.52 -11.95 -0.51
N ASP H 70 0.09 -12.44 0.57
CA ASP H 70 1.10 -11.70 1.32
C ASP H 70 2.35 -12.55 1.47
N PHE H 71 3.49 -12.02 1.02
CA PHE H 71 4.75 -12.75 1.00
C PHE H 71 5.87 -11.85 1.47
N THR H 72 6.94 -12.46 1.98
CA THR H 72 8.08 -11.74 2.51
C THR H 72 9.38 -12.42 2.10
N LEU H 73 10.37 -11.59 1.78
CA LEU H 73 11.76 -12.00 1.60
C LEU H 73 12.58 -11.41 2.74
N THR H 74 13.35 -12.25 3.40
CA THR H 74 14.14 -11.86 4.56
C THR H 74 15.61 -12.18 4.32
N ILE H 75 16.47 -11.21 4.61
CA ILE H 75 17.92 -11.40 4.65
C ILE H 75 18.34 -11.22 6.10
N SER H 76 18.84 -12.28 6.72
CA SER H 76 19.03 -12.27 8.17
C SER H 76 20.27 -11.50 8.58
N SER H 77 21.28 -11.41 7.72
CA SER H 77 22.50 -10.66 8.04
C SER H 77 23.03 -10.11 6.73
N LEU H 78 22.77 -8.83 6.48
CA LEU H 78 23.03 -8.23 5.18
C LEU H 78 24.54 -8.16 4.91
N GLN H 79 24.94 -8.57 3.71
CA GLN H 79 26.32 -8.49 3.27
C GLN H 79 26.48 -7.44 2.19
N PRO H 80 27.69 -6.91 1.98
CA PRO H 80 27.86 -5.86 0.97
C PRO H 80 27.35 -6.23 -0.41
N GLU H 81 27.45 -7.50 -0.79
CA GLU H 81 27.00 -7.95 -2.10
C GLU H 81 25.49 -8.13 -2.17
N ASP H 82 24.77 -7.87 -1.09
CA ASP H 82 23.32 -7.99 -1.07
C ASP H 82 22.62 -6.70 -1.48
N PHE H 83 23.32 -5.58 -1.51
CA PHE H 83 22.71 -4.33 -1.95
C PHE H 83 22.43 -4.42 -3.45
N ALA H 84 21.15 -4.35 -3.80
CA ALA H 84 20.70 -4.60 -5.17
C ALA H 84 19.20 -4.35 -5.24
N THR H 85 18.59 -4.61 -6.39
CA THR H 85 17.14 -4.54 -6.50
C THR H 85 16.55 -5.94 -6.47
N TYR H 86 15.42 -6.09 -5.79
CA TYR H 86 14.76 -7.38 -5.61
C TYR H 86 13.36 -7.32 -6.20
N TYR H 87 12.99 -8.35 -6.96
CA TYR H 87 11.68 -8.43 -7.62
C TYR H 87 10.96 -9.69 -7.18
N CYS H 88 9.65 -9.58 -6.95
CA CYS H 88 8.80 -10.74 -6.85
C CYS H 88 8.09 -10.98 -8.18
N GLN H 89 7.61 -12.21 -8.36
CA GLN H 89 7.04 -12.62 -9.63
C GLN H 89 6.13 -13.81 -9.41
N GLN H 90 4.90 -13.75 -9.92
CA GLN H 90 3.90 -14.78 -9.70
C GLN H 90 3.73 -15.65 -10.94
N SER H 91 3.54 -16.96 -10.71
CA SER H 91 3.35 -17.92 -11.79
C SER H 91 2.05 -18.70 -11.66
N TYR H 92 1.10 -18.21 -10.86
CA TYR H 92 -0.15 -18.96 -10.68
C TYR H 92 -1.09 -18.76 -11.87
N SER H 93 -1.46 -17.51 -12.14
CA SER H 93 -2.43 -17.18 -13.18
C SER H 93 -1.71 -16.38 -14.25
N THR H 94 -1.58 -16.98 -15.44
CA THR H 94 -0.78 -16.41 -16.52
C THR H 94 -1.45 -16.73 -17.84
N PRO H 95 -1.24 -15.90 -18.87
CA PRO H 95 -0.53 -14.63 -18.84
C PRO H 95 -1.36 -13.52 -18.21
N PRO H 96 -0.72 -12.43 -17.79
CA PRO H 96 0.72 -12.17 -17.83
C PRO H 96 1.48 -12.83 -16.68
N TYR H 97 2.75 -13.14 -16.86
CA TYR H 97 3.65 -13.46 -15.75
C TYR H 97 4.03 -12.14 -15.09
N THR H 98 3.42 -11.84 -13.96
CA THR H 98 3.56 -10.52 -13.35
C THR H 98 4.82 -10.41 -12.50
N PHE H 99 5.51 -9.28 -12.65
CA PHE H 99 6.63 -8.90 -11.81
C PHE H 99 6.23 -7.69 -10.97
N GLY H 100 6.80 -7.62 -9.76
CA GLY H 100 6.66 -6.44 -8.95
C GLY H 100 7.49 -5.29 -9.48
N GLN H 101 7.25 -4.09 -8.93
CA GLN H 101 7.98 -2.92 -9.38
C GLN H 101 9.40 -2.88 -8.81
N GLY H 102 9.70 -3.70 -7.82
CA GLY H 102 11.05 -3.80 -7.31
C GLY H 102 11.23 -3.03 -6.01
N THR H 103 12.12 -3.56 -5.17
CA THR H 103 12.59 -2.89 -3.95
C THR H 103 14.09 -2.76 -4.05
N LYS H 104 14.59 -1.52 -4.04
CA LYS H 104 16.03 -1.28 -4.12
C LYS H 104 16.59 -1.19 -2.71
N LEU H 105 17.61 -1.98 -2.43
CA LEU H 105 18.23 -2.07 -1.11
C LEU H 105 19.54 -1.28 -1.15
N GLU H 106 19.56 -0.14 -0.46
CA GLU H 106 20.64 0.82 -0.51
C GLU H 106 21.38 0.91 0.82
N ILE H 107 22.59 1.46 0.77
CA ILE H 107 23.43 1.57 1.95
C ILE H 107 23.05 2.82 2.74
N LYS H 108 22.74 2.63 4.02
CA LYS H 108 22.37 3.74 4.89
C LYS H 108 23.60 4.47 5.41
N ARG H 109 23.50 5.79 5.46
CA ARG H 109 24.54 6.63 6.05
C ARG H 109 23.88 7.89 6.58
N THR H 110 24.69 8.78 7.15
CA THR H 110 24.19 10.03 7.71
C THR H 110 23.86 11.02 6.59
N VAL H 111 22.96 11.96 6.91
CA VAL H 111 22.57 12.98 5.95
C VAL H 111 23.79 13.81 5.57
N ALA H 112 23.98 14.01 4.27
CA ALA H 112 25.10 14.79 3.74
C ALA H 112 24.57 15.73 2.66
N ALA H 113 24.96 17.01 2.76
CA ALA H 113 24.50 18.01 1.81
C ALA H 113 25.38 18.00 0.56
N PRO H 114 24.81 18.35 -0.60
CA PRO H 114 25.59 18.35 -1.84
C PRO H 114 26.51 19.55 -1.95
N SER H 115 27.58 19.38 -2.70
CA SER H 115 28.34 20.51 -3.22
C SER H 115 27.93 20.76 -4.66
N VAL H 116 27.71 22.02 -5.01
CA VAL H 116 27.04 22.39 -6.26
C VAL H 116 28.02 23.13 -7.16
N PHE H 117 27.98 22.83 -8.45
CA PHE H 117 28.79 23.50 -9.45
C PHE H 117 27.93 23.79 -10.66
N ILE H 118 28.14 24.95 -11.27
CA ILE H 118 27.41 25.34 -12.48
C ILE H 118 28.42 25.60 -13.59
N PHE H 119 28.05 25.19 -14.80
CA PHE H 119 28.93 25.27 -15.97
C PHE H 119 28.15 25.91 -17.11
N PRO H 120 28.65 27.00 -17.70
CA PRO H 120 27.97 27.60 -18.85
C PRO H 120 28.24 26.81 -20.11
N PRO H 121 27.55 27.12 -21.20
CA PRO H 121 27.84 26.46 -22.48
C PRO H 121 29.16 26.95 -23.06
N SER H 122 29.85 26.03 -23.73
CA SER H 122 31.09 26.40 -24.42
C SER H 122 30.78 27.17 -25.69
N ASP H 123 31.73 28.03 -26.09
CA ASP H 123 31.57 28.78 -27.34
C ASP H 123 31.42 27.84 -28.53
N GLU H 124 32.22 26.78 -28.56
CA GLU H 124 32.16 25.83 -29.66
C GLU H 124 30.76 25.23 -29.79
N GLN H 125 30.10 24.97 -28.67
CA GLN H 125 28.72 24.49 -28.73
C GLN H 125 27.78 25.60 -29.18
N LEU H 126 28.01 26.83 -28.68
CA LEU H 126 27.11 27.92 -29.03
C LEU H 126 27.07 28.16 -30.53
N LYS H 127 28.21 27.98 -31.22
CA LYS H 127 28.19 28.16 -32.67
C LYS H 127 27.37 27.08 -33.37
N SER H 128 27.08 25.97 -32.70
CA SER H 128 26.22 24.95 -33.29
C SER H 128 24.76 25.37 -33.28
N GLY H 129 24.39 26.36 -32.47
CA GLY H 129 23.02 26.82 -32.38
C GLY H 129 22.26 26.38 -31.15
N THR H 130 22.90 25.62 -30.25
CA THR H 130 22.26 25.13 -29.04
C THR H 130 23.16 25.42 -27.85
N ALA H 131 22.54 25.66 -26.70
CA ALA H 131 23.26 26.01 -25.47
C ALA H 131 22.85 25.06 -24.37
N SER H 132 23.83 24.35 -23.80
CA SER H 132 23.61 23.47 -22.67
C SER H 132 24.26 24.06 -21.44
N VAL H 133 23.47 24.21 -20.37
CA VAL H 133 23.93 24.73 -19.09
C VAL H 133 23.86 23.57 -18.10
N VAL H 134 24.98 23.27 -17.45
CA VAL H 134 25.07 22.08 -16.62
C VAL H 134 25.15 22.48 -15.15
N CYS H 135 24.52 21.68 -14.29
CA CYS H 135 24.56 21.88 -12.85
C CYS H 135 24.80 20.52 -12.22
N LEU H 136 25.90 20.41 -11.47
CA LEU H 136 26.32 19.16 -10.84
C LEU H 136 26.17 19.26 -9.34
N LEU H 137 25.58 18.23 -8.73
CA LEU H 137 25.47 18.07 -7.29
C LEU H 137 26.30 16.86 -6.91
N ASN H 138 27.24 17.04 -5.99
CA ASN H 138 28.19 16.00 -5.64
C ASN H 138 28.05 15.60 -4.17
N ASN H 139 28.08 14.28 -3.94
CA ASN H 139 28.35 13.71 -2.63
C ASN H 139 27.29 14.11 -1.61
N PHE H 140 26.04 13.76 -1.92
CA PHE H 140 24.92 14.03 -1.04
C PHE H 140 24.19 12.74 -0.70
N TYR H 141 23.50 12.77 0.43
CA TYR H 141 22.68 11.67 0.91
C TYR H 141 21.61 12.28 1.80
N PRO H 142 20.35 11.83 1.70
CA PRO H 142 19.83 10.77 0.83
C PRO H 142 19.68 11.19 -0.63
N ARG H 143 19.16 10.28 -1.46
CA ARG H 143 19.10 10.52 -2.90
C ARG H 143 18.17 11.67 -3.26
N GLU H 144 17.12 11.90 -2.49
CA GLU H 144 16.13 12.91 -2.86
C GLU H 144 16.75 14.29 -2.87
N ALA H 145 16.73 14.94 -4.04
CA ALA H 145 17.22 16.30 -4.19
C ALA H 145 16.41 17.00 -5.26
N LYS H 146 16.28 18.31 -5.13
CA LYS H 146 15.49 19.11 -6.06
C LYS H 146 16.38 20.16 -6.70
N VAL H 147 16.45 20.15 -8.03
CA VAL H 147 17.15 21.15 -8.82
C VAL H 147 16.13 22.04 -9.51
N GLN H 148 16.25 23.36 -9.32
CA GLN H 148 15.37 24.34 -9.93
C GLN H 148 16.21 25.31 -10.75
N TRP H 149 16.00 25.32 -12.06
CA TRP H 149 16.70 26.27 -12.92
C TRP H 149 16.00 27.61 -12.94
N LYS H 150 16.79 28.68 -12.99
CA LYS H 150 16.28 30.04 -13.00
C LYS H 150 17.06 30.86 -14.02
N VAL H 151 16.35 31.55 -14.90
CA VAL H 151 16.95 32.39 -15.92
C VAL H 151 16.40 33.79 -15.71
N ASP H 152 17.28 34.72 -15.32
CA ASP H 152 16.86 36.04 -14.86
C ASP H 152 15.78 35.92 -13.79
N ASN H 153 15.98 34.97 -12.88
CA ASN H 153 15.12 34.74 -11.73
C ASN H 153 13.74 34.22 -12.11
N ALA H 154 13.59 33.70 -13.33
CA ALA H 154 12.36 33.08 -13.79
C ALA H 154 12.50 31.57 -13.74
N LEU H 155 11.64 30.92 -12.97
CA LEU H 155 11.73 29.48 -12.80
C LEU H 155 11.41 28.78 -14.12
N GLN H 156 12.32 27.90 -14.55
CA GLN H 156 12.18 27.18 -15.81
C GLN H 156 11.33 25.92 -15.60
N SER H 157 10.79 25.42 -16.71
CA SER H 157 9.96 24.22 -16.69
C SER H 157 9.99 23.56 -18.05
N GLY H 158 10.17 22.24 -18.07
CA GLY H 158 10.07 21.47 -19.29
C GLY H 158 11.28 21.49 -20.20
N ASN H 159 12.32 22.26 -19.85
CA ASN H 159 13.49 22.41 -20.71
C ASN H 159 14.77 21.90 -20.04
N SER H 160 14.64 20.94 -19.12
CA SER H 160 15.80 20.40 -18.44
C SER H 160 15.63 18.90 -18.25
N GLN H 161 16.76 18.21 -18.15
CA GLN H 161 16.81 16.78 -17.87
C GLN H 161 17.85 16.52 -16.80
N GLU H 162 17.76 15.38 -16.13
CA GLU H 162 18.74 15.07 -15.09
C GLU H 162 18.92 13.57 -14.94
N SER H 163 20.01 13.20 -14.30
CA SER H 163 20.31 11.81 -13.98
C SER H 163 21.13 11.75 -12.71
N VAL H 164 21.06 10.61 -12.04
CA VAL H 164 21.72 10.39 -10.76
C VAL H 164 22.65 9.19 -10.87
N THR H 165 23.81 9.29 -10.26
CA THR H 165 24.74 8.17 -10.23
C THR H 165 24.21 7.08 -9.31
N GLU H 166 24.89 5.93 -9.35
CA GLU H 166 24.65 4.92 -8.34
C GLU H 166 25.35 5.32 -7.04
N GLN H 167 25.01 4.64 -5.96
CA GLN H 167 25.58 4.97 -4.67
C GLN H 167 27.08 4.70 -4.68
N ASP H 168 27.85 5.68 -4.21
CA ASP H 168 29.30 5.60 -4.30
C ASP H 168 29.83 4.41 -3.51
N SER H 169 30.88 3.78 -4.05
CA SER H 169 31.48 2.61 -3.43
C SER H 169 32.30 2.96 -2.20
N LYS H 170 32.63 4.23 -1.99
CA LYS H 170 33.44 4.65 -0.86
C LYS H 170 32.59 5.20 0.28
N ASP H 171 31.90 6.32 0.03
CA ASP H 171 31.17 7.05 1.05
C ASP H 171 29.66 6.88 0.96
N SER H 172 29.16 6.10 -0.01
CA SER H 172 27.75 5.75 -0.10
C SER H 172 26.88 6.97 -0.44
N THR H 173 27.46 7.98 -1.07
CA THR H 173 26.74 9.19 -1.43
C THR H 173 26.31 9.13 -2.89
N TYR H 174 25.48 10.09 -3.29
CA TYR H 174 24.99 10.20 -4.65
C TYR H 174 25.52 11.46 -5.31
N SER H 175 25.52 11.44 -6.64
CA SER H 175 25.78 12.62 -7.44
C SER H 175 24.74 12.72 -8.54
N LEU H 176 24.49 13.94 -8.98
CA LEU H 176 23.40 14.24 -9.90
C LEU H 176 23.86 15.27 -10.90
N SER H 177 23.51 15.06 -12.16
CA SER H 177 23.81 16.01 -13.23
C SER H 177 22.50 16.47 -13.85
N SER H 178 22.35 17.78 -14.01
CA SER H 178 21.16 18.36 -14.63
C SER H 178 21.59 19.28 -15.76
N THR H 179 20.90 19.16 -16.89
CA THR H 179 21.21 19.93 -18.10
C THR H 179 19.98 20.73 -18.50
N LEU H 180 20.14 22.04 -18.60
CA LEU H 180 19.15 22.96 -19.12
C LEU H 180 19.53 23.28 -20.57
N THR H 181 18.63 23.01 -21.50
CA THR H 181 18.92 23.15 -22.92
C THR H 181 18.10 24.29 -23.50
N LEU H 182 18.79 25.29 -24.03
CA LEU H 182 18.17 26.41 -24.72
C LEU H 182 18.70 26.49 -26.16
N SER H 183 18.04 27.32 -26.96
CA SER H 183 18.60 27.69 -28.25
C SER H 183 19.57 28.86 -28.08
N LYS H 184 20.49 28.97 -29.03
CA LYS H 184 21.47 30.05 -28.99
C LYS H 184 20.79 31.40 -28.82
N ALA H 185 19.72 31.64 -29.58
CA ALA H 185 18.98 32.89 -29.49
C ALA H 185 18.40 33.09 -28.09
N ASP H 186 17.59 32.12 -27.64
CA ASP H 186 17.01 32.22 -26.30
C ASP H 186 18.08 32.38 -25.24
N TYR H 187 19.21 31.67 -25.40
CA TYR H 187 20.30 31.79 -24.44
C TYR H 187 20.85 33.21 -24.42
N GLU H 188 20.94 33.85 -25.58
CA GLU H 188 21.48 35.20 -25.65
C GLU H 188 20.44 36.28 -25.35
N LYS H 189 19.18 35.90 -25.13
CA LYS H 189 18.17 36.86 -24.70
C LYS H 189 18.18 37.11 -23.20
N HIS H 190 18.94 36.35 -22.41
CA HIS H 190 18.94 36.47 -20.96
C HIS H 190 20.37 36.56 -20.44
N LYS H 191 20.50 37.02 -19.20
CA LYS H 191 21.79 37.31 -18.59
C LYS H 191 22.14 36.34 -17.47
N VAL H 192 21.32 36.29 -16.41
CA VAL H 192 21.66 35.55 -15.20
C VAL H 192 21.13 34.12 -15.34
N TYR H 193 22.02 33.15 -15.15
CA TYR H 193 21.64 31.73 -15.17
C TYR H 193 22.03 31.11 -13.83
N ALA H 194 21.07 30.44 -13.20
CA ALA H 194 21.27 29.91 -11.86
C ALA H 194 20.60 28.55 -11.73
N CYS H 195 21.19 27.68 -10.93
CA CYS H 195 20.53 26.49 -10.44
C CYS H 195 20.48 26.54 -8.93
N GLU H 196 19.28 26.34 -8.38
CA GLU H 196 19.02 26.35 -6.95
C GLU H 196 18.71 24.92 -6.50
N VAL H 197 19.40 24.46 -5.47
CA VAL H 197 19.35 23.08 -5.01
C VAL H 197 18.73 23.06 -3.62
N THR H 198 17.73 22.21 -3.46
CA THR H 198 17.07 21.95 -2.18
C THR H 198 17.34 20.50 -1.79
N HIS H 199 17.77 20.30 -0.55
CA HIS H 199 18.15 18.98 -0.05
C HIS H 199 18.07 19.00 1.47
N GLN H 200 17.77 17.82 2.03
CA GLN H 200 17.56 17.71 3.48
C GLN H 200 18.76 18.20 4.27
N GLY H 201 19.97 18.04 3.73
CA GLY H 201 21.17 18.44 4.43
C GLY H 201 21.45 19.92 4.42
N LEU H 202 20.64 20.70 3.70
CA LEU H 202 20.78 22.15 3.64
C LEU H 202 19.64 22.79 4.42
N SER H 203 19.99 23.69 5.33
CA SER H 203 18.96 24.40 6.07
C SER H 203 18.19 25.37 5.18
N SER H 204 18.84 25.93 4.16
CA SER H 204 18.19 26.75 3.16
C SER H 204 18.75 26.40 1.79
N PRO H 205 17.96 26.57 0.73
CA PRO H 205 18.43 26.22 -0.62
C PRO H 205 19.75 26.92 -0.96
N VAL H 206 20.57 26.24 -1.77
CA VAL H 206 21.86 26.77 -2.21
C VAL H 206 21.79 27.06 -3.70
N THR H 207 22.22 28.25 -4.11
CA THR H 207 22.13 28.67 -5.50
C THR H 207 23.52 28.92 -6.06
N LYS H 208 23.79 28.39 -7.26
CA LYS H 208 24.99 28.72 -8.01
C LYS H 208 24.59 29.35 -9.33
N SER H 209 25.30 30.40 -9.75
CA SER H 209 24.87 31.16 -10.91
C SER H 209 26.06 31.80 -11.60
N PHE H 210 25.82 32.24 -12.84
CA PHE H 210 26.76 33.05 -13.59
C PHE H 210 26.00 34.07 -14.43
N ASN H 211 26.76 35.00 -14.98
CA ASN H 211 26.25 36.00 -15.92
C ASN H 211 26.84 35.69 -17.30
N ARG H 212 26.01 35.78 -18.33
CA ARG H 212 26.39 35.35 -19.67
C ARG H 212 27.74 35.92 -20.09
C1 NAG I . -43.95 -60.21 -27.22
C2 NAG I . -44.12 -60.24 -28.70
C3 NAG I . -44.74 -58.93 -29.16
C4 NAG I . -46.00 -58.60 -28.36
C5 NAG I . -45.87 -58.88 -26.87
C6 NAG I . -47.22 -59.00 -26.19
C7 NAG I . -42.39 -61.69 -29.66
C8 NAG I . -41.04 -61.73 -30.32
N2 NAG I . -42.84 -60.47 -29.35
O3 NAG I . -45.08 -59.04 -30.54
O4 NAG I . -46.24 -57.21 -28.47
O5 NAG I . -45.19 -60.10 -26.62
O6 NAG I . -48.01 -60.00 -26.82
O7 NAG I . -43.03 -62.70 -29.44
H2 NAG I . -44.73 -60.97 -28.94
H3 NAG I . -44.10 -58.22 -29.04
H4 NAG I . -46.71 -59.17 -28.72
H5 NAG I . -45.35 -58.14 -26.47
H61 NAG I . -47.68 -58.15 -26.23
H62 NAG I . -47.09 -59.25 -25.25
H81 NAG I . -40.80 -62.66 -30.49
H82 NAG I . -40.38 -61.32 -29.73
H83 NAG I . -41.08 -61.25 -31.17
HN2 NAG I . -42.33 -59.74 -29.55
HO3 NAG I . -44.87 -58.30 -30.98
HO6 NAG I . -48.79 -60.06 -26.40
C1 NAG I . -47.01 -56.93 -29.64
C2 NAG I . -47.60 -55.56 -29.38
C3 NAG I . -48.37 -55.06 -30.61
C4 NAG I . -47.50 -55.17 -31.86
C5 NAG I . -46.94 -56.59 -31.98
C6 NAG I . -45.96 -56.75 -33.12
C7 NAG I . -48.21 -54.87 -27.11
C8 NAG I . -49.19 -55.03 -25.99
N2 NAG I . -48.46 -55.58 -28.21
O3 NAG I . -48.75 -53.71 -30.41
O4 NAG I . -48.27 -54.87 -33.01
O5 NAG I . -46.22 -56.91 -30.78
O6 NAG I . -46.56 -56.44 -34.37
O7 NAG I . -47.23 -54.13 -27.02
H2 NAG I . -46.87 -54.94 -29.23
H3 NAG I . -49.16 -55.61 -30.74
H4 NAG I . -46.76 -54.54 -31.79
H5 NAG I . -47.67 -57.21 -32.10
H61 NAG I . -45.64 -57.67 -33.14
H62 NAG I . -45.20 -56.15 -32.98
H81 NAG I . -48.94 -54.45 -25.25
H82 NAG I . -49.21 -55.96 -25.70
H83 NAG I . -50.09 -54.77 -26.30
HN2 NAG I . -49.21 -56.10 -28.24
HO3 NAG I . -49.26 -53.66 -29.68
HO4 NAG I . -47.72 -54.72 -33.70
HO6 NAG I . -46.02 -56.70 -35.02
C1 GOL J . -0.02 -28.75 -18.53
O1 GOL J . 1.19 -29.41 -18.23
C2 GOL J . 0.35 -27.55 -19.41
O2 GOL J . 1.44 -26.85 -18.89
C3 GOL J . -0.92 -26.66 -19.46
O3 GOL J . -2.03 -27.50 -19.36
H11 GOL J . -0.48 -28.45 -17.74
H12 GOL J . -0.65 -29.32 -19.00
HO1 GOL J . 1.36 -29.24 -17.42
H2 GOL J . 0.60 -27.84 -20.30
HO2 GOL J . 1.85 -27.37 -18.36
H31 GOL J . -0.90 -26.14 -20.28
H32 GOL J . -0.87 -26.00 -18.75
HO3 GOL J . -2.39 -27.51 -20.14
C1 GOL K . -40.13 -37.81 -11.59
O1 GOL K . -39.31 -38.85 -12.04
C2 GOL K . -41.05 -38.37 -10.48
O2 GOL K . -40.36 -38.74 -9.34
C3 GOL K . -42.06 -37.24 -10.19
O3 GOL K . -43.34 -37.79 -10.41
H11 GOL K . -40.68 -37.44 -12.30
H12 GOL K . -39.62 -37.07 -11.23
HO1 GOL K . -38.52 -38.53 -12.13
H2 GOL K . -41.50 -39.18 -10.79
HO2 GOL K . -40.74 -39.43 -9.01
H31 GOL K . -41.86 -36.48 -10.77
H32 GOL K . -41.93 -36.92 -9.28
HO3 GOL K . -43.91 -37.20 -10.16
C1 GOL L . -22.37 -41.09 -14.96
O1 GOL L . -22.66 -41.23 -16.32
C2 GOL L . -23.64 -40.47 -14.29
O2 GOL L . -23.76 -40.84 -12.96
C3 GOL L . -23.50 -38.92 -14.46
O3 GOL L . -22.71 -38.69 -15.59
H11 GOL L . -21.61 -40.51 -14.79
H12 GOL L . -22.18 -41.92 -14.53
HO1 GOL L . -22.81 -40.45 -16.61
H2 GOL L . -24.44 -40.78 -14.75
HO2 GOL L . -24.32 -40.32 -12.60
H31 GOL L . -23.12 -38.56 -13.64
H32 GOL L . -24.38 -38.54 -14.53
HO3 GOL L . -22.66 -37.85 -15.67
C1 GOL M . -23.82 -32.76 -32.47
O1 GOL M . -23.53 -32.82 -31.09
C2 GOL M . -25.14 -33.58 -32.68
O2 GOL M . -25.26 -34.02 -33.99
C3 GOL M . -26.35 -32.67 -32.26
O3 GOL M . -25.93 -31.34 -32.18
H11 GOL M . -23.11 -33.13 -33.01
H12 GOL M . -23.95 -31.85 -32.77
HO1 GOL M . -23.45 -32.02 -30.84
H2 GOL M . -25.11 -34.36 -32.10
HO2 GOL M . -25.90 -34.57 -34.03
H31 GOL M . -26.70 -33.00 -31.42
H32 GOL M . -27.06 -32.80 -32.90
HO3 GOL M . -26.53 -30.87 -32.56
C1 NAG N . 49.06 61.70 22.20
C2 NAG N . 48.60 62.57 23.37
C3 NAG N . 47.15 63.00 23.18
C4 NAG N . 46.98 63.71 21.85
C5 NAG N . 47.50 62.84 20.71
C6 NAG N . 47.57 63.59 19.40
C7 NAG N . 49.75 62.20 25.50
C8 NAG N . 49.80 61.41 26.77
N2 NAG N . 48.78 61.88 24.65
O3 NAG N . 46.78 63.87 24.24
O4 NAG N . 45.62 64.01 21.62
O5 NAG N . 48.84 62.39 20.97
O6 NAG N . 48.28 64.81 19.51
O7 NAG N . 50.57 63.09 25.26
H2 NAG N . 49.16 63.37 23.38
H3 NAG N . 46.57 62.20 23.20
H4 NAG N . 47.50 64.53 21.87
H5 NAG N . 46.92 62.06 20.63
H61 NAG N . 46.66 63.78 19.10
H62 NAG N . 48.00 63.02 18.73
H81 NAG N . 50.55 61.72 27.31
H82 NAG N . 49.92 60.46 26.55
H83 NAG N . 48.97 61.53 27.27
HN2 NAG N . 48.20 61.21 24.87
HO3 NAG N . 45.91 63.77 24.41
HO4 NAG N . 45.55 64.56 20.93
HO6 NAG N . 48.40 65.15 18.69
C1 GOL O . 34.26 43.26 4.64
O1 GOL O . 35.10 44.29 4.22
C2 GOL O . 34.87 42.71 5.95
O2 GOL O . 36.19 42.30 5.79
C3 GOL O . 34.73 43.85 6.98
O3 GOL O . 34.93 43.30 8.25
H11 GOL O . 34.19 42.55 4.00
H12 GOL O . 33.36 43.57 4.81
HO1 GOL O . 34.61 44.98 4.12
H2 GOL O . 34.38 41.91 6.25
HO2 GOL O . 36.55 42.83 5.22
H31 GOL O . 33.86 44.26 6.87
H32 GOL O . 35.38 44.54 6.76
HO3 GOL O . 34.23 42.85 8.43
C1 GOL P . 11.98 13.94 29.62
O1 GOL P . 13.00 13.25 30.28
C2 GOL P . 12.57 15.28 29.14
O2 GOL P . 13.71 15.10 28.38
C3 GOL P . 11.45 15.96 28.33
O3 GOL P . 12.10 16.73 27.37
H11 GOL P . 11.21 14.11 30.20
H12 GOL P . 11.63 13.45 28.87
HO1 GOL P . 13.71 13.38 29.82
H2 GOL P . 12.83 15.83 29.90
HO2 GOL P . 13.70 15.66 27.74
H31 GOL P . 10.89 16.47 28.93
H32 GOL P . 10.87 15.27 27.95
HO3 GOL P . 12.26 17.48 27.73
C1 GOL Q . 15.13 42.24 29.13
O1 GOL Q . 16.18 41.47 28.61
C2 GOL Q . 15.70 43.67 29.39
O2 GOL Q . 16.66 43.69 30.41
C3 GOL Q . 16.29 44.14 28.03
O3 GOL Q . 15.26 44.02 27.10
H11 GOL Q . 14.77 41.87 29.95
H12 GOL Q . 14.38 42.29 28.52
H2 GOL Q . 14.98 44.25 29.69
HO2 GOL Q . 16.96 44.49 30.48
H31 GOL Q . 17.06 43.59 27.82
H32 GOL Q . 16.64 45.04 28.13
HO3 GOL Q . 14.96 44.80 26.98
C1 GOL R . 19.06 48.08 17.01
O1 GOL R . 19.35 48.18 18.37
C2 GOL R . 19.31 46.61 16.59
O2 GOL R . 18.12 45.89 16.57
C3 GOL R . 19.99 46.68 15.21
O3 GOL R . 21.35 46.88 15.42
H11 GOL R . 19.61 48.66 16.46
H12 GOL R . 18.14 48.33 16.81
HO1 GOL R . 19.30 49.00 18.58
H2 GOL R . 19.88 46.17 17.24
HO2 GOL R . 17.71 46.03 17.29
H31 GOL R . 19.57 47.39 14.69
H32 GOL R . 19.79 45.86 14.71
HO3 GOL R . 21.75 46.19 15.13
C1 NAG S . -36.23 -31.95 23.73
C2 NAG S . -35.66 -33.29 24.13
C3 NAG S . -34.74 -33.79 23.02
C4 NAG S . -35.49 -33.85 21.70
C5 NAG S . -36.22 -32.53 21.40
C6 NAG S . -37.21 -32.67 20.27
C7 NAG S . -35.24 -33.97 26.47
C8 NAG S . -36.36 -34.96 26.31
N2 NAG S . -34.96 -33.21 25.40
O3 NAG S . -34.24 -35.07 23.36
O4 NAG S . -34.57 -34.12 20.65
O5 NAG S . -36.98 -32.09 22.54
O6 NAG S . -36.57 -32.91 19.02
O7 NAG S . -34.62 -33.86 27.52
H2 NAG S . -36.39 -33.93 24.22
H3 NAG S . -33.99 -33.17 22.94
H4 NAG S . -36.16 -34.56 21.76
H5 NAG S . -35.55 -31.86 21.19
H61 NAG S . -37.72 -31.84 20.20
H62 NAG S . -37.81 -33.41 20.46
H81 NAG S . -36.46 -35.46 27.14
H82 NAG S . -36.15 -35.57 25.58
H83 NAG S . -37.19 -34.49 26.12
HN2 NAG S . -34.27 -32.61 25.47
HO3 NAG S . -33.44 -35.20 22.98
HO4 NAG S . -35.03 -34.30 19.90
HO6 NAG S . -37.19 -33.03 18.38
C1 GOL T . -28.04 -7.82 11.72
O1 GOL T . -28.72 -8.95 11.25
C2 GOL T . -28.03 -7.87 13.27
O2 GOL T . -29.31 -7.71 13.80
C3 GOL T . -27.41 -9.23 13.63
O3 GOL T . -27.06 -9.18 14.98
H11 GOL T . -28.45 -7.00 11.43
H12 GOL T . -27.12 -7.79 11.41
H2 GOL T . -27.51 -7.14 13.64
HO2 GOL T . -29.86 -8.05 13.24
H31 GOL T . -26.64 -9.39 13.05
H32 GOL T . -28.04 -9.94 13.42
C1 GOL U . -0.40 -14.69 22.45
O1 GOL U . 0.48 -14.16 21.48
C2 GOL U . 0.33 -14.60 23.83
O2 GOL U . 1.66 -14.22 23.71
C3 GOL U . -0.48 -13.57 24.67
O3 GOL U . 0.09 -12.33 24.44
H11 GOL U . -0.63 -15.61 22.28
H12 GOL U . -1.23 -14.21 22.50
HO1 GOL U . 0.42 -14.67 20.81
H2 GOL U . 0.32 -15.48 24.26
HO2 GOL U . 1.71 -13.40 23.91
H31 GOL U . -0.45 -13.83 25.61
H32 GOL U . -1.42 -13.62 24.43
HO3 GOL U . -0.39 -11.95 23.84
C1 GOL V . -23.17 -7.12 1.68
O1 GOL V . -22.42 -7.96 2.50
C2 GOL V . -22.22 -6.09 1.01
O2 GOL V . -21.97 -5.01 1.83
C3 GOL V . -20.92 -6.84 0.64
O3 GOL V . -19.92 -6.32 1.47
H11 GOL V . -23.84 -6.64 2.18
H12 GOL V . -23.64 -7.60 0.99
HO1 GOL V . -22.97 -8.52 2.84
H2 GOL V . -22.64 -5.74 0.21
HO2 GOL V . -21.13 -4.90 1.87
H31 GOL V . -20.74 -6.73 -0.30
H32 GOL V . -21.06 -7.79 0.77
HO3 GOL V . -19.20 -6.74 1.27
C1 GOL W . 3.87 -23.14 -19.82
O1 GOL W . 5.00 -22.36 -19.57
C2 GOL W . 4.28 -24.17 -20.90
O2 GOL W . 5.28 -25.04 -20.47
C3 GOL W . 2.97 -24.93 -21.25
O3 GOL W . 3.33 -25.98 -22.10
H11 GOL W . 3.12 -22.62 -20.15
H12 GOL W . 3.55 -23.60 -19.04
HO1 GOL W . 5.50 -22.83 -19.06
H2 GOL W . 4.64 -23.73 -21.69
HO2 GOL W . 5.21 -25.77 -20.89
H31 GOL W . 2.34 -24.30 -21.65
H32 GOL W . 2.55 -25.22 -20.43
HO3 GOL W . 2.60 -26.39 -22.30
C1 GOL X . 24.23 -12.34 -2.50
O1 GOL X . 23.47 -11.29 -3.01
C2 GOL X . 24.53 -13.30 -3.66
O2 GOL X . 25.40 -14.31 -3.29
C3 GOL X . 23.16 -13.85 -4.11
O3 GOL X . 23.02 -13.52 -5.45
H11 GOL X . 23.77 -12.82 -1.79
H12 GOL X . 25.06 -12.03 -2.11
HO1 GOL X . 23.97 -10.60 -3.02
H2 GOL X . 24.97 -12.83 -4.40
HO2 GOL X . 25.44 -14.87 -3.92
H31 GOL X . 22.47 -13.46 -3.54
H32 GOL X . 23.14 -14.80 -3.93
C1 GOL Y . 23.63 13.32 -17.46
O1 GOL Y . 24.81 12.88 -18.05
C2 GOL Y . 23.24 14.64 -18.17
O2 GOL Y . 22.96 14.43 -19.51
C3 GOL Y . 22.01 15.17 -17.38
O3 GOL Y . 22.27 16.51 -17.11
H11 GOL Y . 23.73 13.48 -16.51
H12 GOL Y . 22.90 12.68 -17.55
HO1 GOL Y . 25.03 12.16 -17.65
H2 GOL Y . 23.97 15.27 -18.14
HO2 GOL Y . 22.57 15.13 -19.80
H31 GOL Y . 21.89 14.62 -16.59
H32 GOL Y . 21.22 15.03 -17.92
#